data_4H6C
#
_entry.id   4H6C
#
_cell.length_a   67.321
_cell.length_b   67.430
_cell.length_c   161.775
_cell.angle_alpha   84.610
_cell.angle_beta   79.320
_cell.angle_gamma   61.990
#
_symmetry.space_group_name_H-M   'P 1'
#
loop_
_entity.id
_entity.type
_entity.pdbx_description
1 polymer 'Allene oxide cyclase'
2 non-polymer 'PHOSPHATE ION'
3 non-polymer HEXANE-1,6-DIOL
4 water water
#
_entity_poly.entity_id   1
_entity_poly.type   'polypeptide(L)'
_entity_poly.pdbx_seq_one_letter_code
;GGPLGSMAARGASPGHVQELFVYEINERDRGSPVFLPFGGKKQPGTDAHVNSLGDLVPFSNKIYDGSLKTRLGITAGLCT
LISHSDQKNGDRYEALYSFYFGDYGHISVQGPYITYEDSYLAITGGSGIFAGCYGQAKLHQIIFPFKLFYTFYLQGIKKL
PEALCAPCVPPSPSVAPADEAKQCLPNHVAPNFTK
;
_entity_poly.pdbx_strand_id   A,D,C,B,E,F,G,H,I,J,K,L
#
loop_
_chem_comp.id
_chem_comp.type
_chem_comp.name
_chem_comp.formula
HEZ non-polymer HEXANE-1,6-DIOL 'C6 H14 O2'
PO4 non-polymer 'PHOSPHATE ION' 'O4 P -3'
#
# COMPACT_ATOMS: atom_id res chain seq x y z
N HIS A 16 34.23 27.32 23.77
CA HIS A 16 33.19 26.47 24.36
C HIS A 16 32.03 26.31 23.38
N VAL A 17 31.22 27.36 23.18
CA VAL A 17 30.17 27.27 22.18
C VAL A 17 30.67 27.92 20.89
N GLN A 18 30.59 27.19 19.79
CA GLN A 18 30.86 27.80 18.47
C GLN A 18 29.54 27.90 17.73
N GLU A 19 29.32 29.06 17.14
CA GLU A 19 28.10 29.25 16.36
C GLU A 19 28.38 28.88 14.91
N LEU A 20 27.45 28.14 14.31
CA LEU A 20 27.52 27.76 12.90
C LEU A 20 26.20 28.13 12.25
N PHE A 21 26.27 29.02 11.23
CA PHE A 21 25.09 29.47 10.53
C PHE A 21 24.85 28.68 9.25
N VAL A 22 23.60 28.26 9.01
CA VAL A 22 23.29 27.48 7.82
C VAL A 22 21.96 27.93 7.22
N TYR A 23 21.95 28.08 5.89
CA TYR A 23 20.69 28.32 5.17
C TYR A 23 20.17 27.04 4.56
N GLU A 24 18.88 26.77 4.77
CA GLU A 24 18.23 25.58 4.18
C GLU A 24 17.21 26.10 3.18
N ILE A 25 17.31 25.64 1.95
CA ILE A 25 16.41 26.12 0.88
C ILE A 25 15.82 24.95 0.12
N ASN A 26 14.49 24.98 -0.05
CA ASN A 26 13.80 24.09 -0.92
C ASN A 26 13.76 24.67 -2.32
N GLU A 27 14.61 24.19 -3.20
CA GLU A 27 14.71 24.67 -4.58
C GLU A 27 13.75 23.99 -5.53
N ARG A 28 12.87 23.15 -4.99
CA ARG A 28 11.72 22.59 -5.75
C ARG A 28 12.18 21.61 -6.80
N ASP A 29 13.35 21.01 -6.59
CA ASP A 29 13.93 20.14 -7.58
C ASP A 29 14.20 18.72 -7.05
N ARG A 30 13.71 18.37 -5.85
CA ARG A 30 14.05 17.07 -5.19
C ARG A 30 12.74 16.34 -4.89
N GLY A 31 11.61 16.83 -5.40
CA GLY A 31 10.31 16.23 -5.09
C GLY A 31 9.94 16.27 -3.61
N SER A 32 10.41 17.31 -2.92
CA SER A 32 10.24 17.41 -1.47
C SER A 32 9.38 18.63 -1.14
N PRO A 33 8.58 18.60 -0.08
CA PRO A 33 8.39 17.47 0.82
C PRO A 33 7.35 16.52 0.28
N VAL A 34 7.24 15.34 0.87
CA VAL A 34 6.20 14.38 0.55
C VAL A 34 5.23 14.37 1.69
N PHE A 35 4.06 14.93 1.49
CA PHE A 35 3.09 15.05 2.56
C PHE A 35 2.20 13.84 2.57
N LEU A 36 2.25 13.05 3.65
CA LEU A 36 1.49 11.83 3.78
C LEU A 36 0.35 12.09 4.77
N PRO A 37 -0.91 12.14 4.27
CA PRO A 37 -2.01 12.68 5.10
C PRO A 37 -2.61 11.63 6.02
N PHE A 38 -1.74 10.95 6.79
CA PHE A 38 -2.17 9.80 7.56
C PHE A 38 -2.99 10.13 8.79
N GLY A 39 -3.03 11.40 9.20
CA GLY A 39 -3.93 11.80 10.27
C GLY A 39 -5.40 11.70 9.88
N GLY A 40 -5.66 11.72 8.55
CA GLY A 40 -6.95 11.43 7.98
C GLY A 40 -8.03 12.48 8.18
N LYS A 41 -7.67 13.68 8.62
CA LYS A 41 -8.73 14.69 8.95
C LYS A 41 -9.03 15.58 7.77
N LYS A 42 -10.30 15.96 7.70
CA LYS A 42 -10.82 16.87 6.66
C LYS A 42 -11.63 18.00 7.30
N GLN A 43 -11.77 19.11 6.57
CA GLN A 43 -12.48 20.29 7.05
C GLN A 43 -13.99 20.09 6.88
N PRO A 44 -14.71 20.02 7.99
CA PRO A 44 -16.21 19.90 7.82
C PRO A 44 -16.77 21.04 6.95
N GLY A 45 -17.43 20.61 5.91
CA GLY A 45 -18.17 21.54 5.03
C GLY A 45 -17.41 21.82 3.76
N THR A 46 -16.13 21.38 3.66
CA THR A 46 -15.36 21.58 2.44
C THR A 46 -14.62 20.32 2.03
N ASP A 47 -14.30 19.46 3.01
CA ASP A 47 -13.48 18.26 2.82
C ASP A 47 -12.04 18.52 2.40
N ALA A 48 -11.55 19.76 2.51
CA ALA A 48 -10.08 20.02 2.36
C ALA A 48 -9.32 19.27 3.45
N HIS A 49 -8.06 18.93 3.21
CA HIS A 49 -7.30 18.28 4.24
C HIS A 49 -7.12 19.22 5.40
N VAL A 50 -7.22 18.66 6.62
CA VAL A 50 -6.89 19.41 7.82
C VAL A 50 -5.66 18.74 8.43
N ASN A 51 -4.61 19.54 8.64
CA ASN A 51 -3.39 19.01 9.24
C ASN A 51 -3.71 18.53 10.64
N SER A 52 -3.21 17.33 11.00
N SER A 52 -3.27 17.31 10.98
CA SER A 52 -3.56 16.78 12.31
CA SER A 52 -3.57 16.77 12.31
C SER A 52 -2.53 15.74 12.69
C SER A 52 -2.52 15.76 12.70
N LEU A 53 -2.56 15.40 13.98
CA LEU A 53 -1.62 14.41 14.53
C LEU A 53 -1.56 13.21 13.61
N GLY A 54 -0.33 12.85 13.25
CA GLY A 54 -0.14 11.65 12.44
C GLY A 54 0.06 11.82 10.97
N ASP A 55 -0.19 13.03 10.46
CA ASP A 55 0.32 13.30 9.10
C ASP A 55 1.85 13.18 9.20
N LEU A 56 2.46 12.61 8.17
CA LEU A 56 3.93 12.40 8.19
C LEU A 56 4.54 13.08 6.97
N VAL A 57 5.73 13.64 7.16
CA VAL A 57 6.32 14.44 6.10
C VAL A 57 7.82 14.16 5.93
N PRO A 58 8.16 13.17 5.11
CA PRO A 58 9.56 12.98 4.71
C PRO A 58 10.02 14.19 3.89
N PHE A 59 11.27 14.61 4.06
CA PHE A 59 11.73 15.77 3.29
C PHE A 59 13.24 15.80 3.11
N SER A 60 13.71 16.57 2.15
CA SER A 60 15.12 16.79 1.95
C SER A 60 15.34 18.05 1.14
N ASN A 61 16.04 18.99 1.72
CA ASN A 61 16.32 20.30 1.05
C ASN A 61 17.80 20.51 0.86
N LYS A 62 18.22 21.55 0.15
CA LYS A 62 19.62 21.91 0.05
C LYS A 62 20.05 22.80 1.16
N ILE A 63 21.33 22.70 1.56
CA ILE A 63 21.91 23.62 2.54
C ILE A 63 23.13 24.36 1.98
N TYR A 64 23.23 25.62 2.39
CA TYR A 64 24.30 26.52 1.98
C TYR A 64 24.94 27.13 3.22
N ASP A 65 26.19 27.58 3.12
CA ASP A 65 26.79 28.27 4.24
C ASP A 65 26.15 29.64 4.57
N GLY A 66 26.56 30.22 5.69
CA GLY A 66 26.01 31.49 6.14
C GLY A 66 26.20 32.61 5.15
N SER A 67 27.28 32.55 4.37
CA SER A 67 27.55 33.65 3.40
C SER A 67 26.79 33.45 2.08
N LEU A 68 26.07 32.33 1.96
CA LEU A 68 25.33 31.92 0.78
C LEU A 68 26.20 31.76 -0.46
N LYS A 69 27.51 31.66 -0.27
CA LYS A 69 28.43 31.48 -1.35
C LYS A 69 28.85 30.05 -1.62
N THR A 70 28.50 29.13 -0.71
CA THR A 70 28.94 27.74 -0.86
C THR A 70 27.78 26.78 -0.60
N ARG A 71 27.54 25.91 -1.56
CA ARG A 71 26.64 24.74 -1.37
C ARG A 71 27.34 23.70 -0.49
N LEU A 72 26.72 23.38 0.64
CA LEU A 72 27.36 22.42 1.65
C LEU A 72 26.83 21.03 1.46
N GLY A 73 25.56 20.86 1.15
CA GLY A 73 24.98 19.52 1.11
C GLY A 73 23.47 19.56 1.19
N ILE A 74 22.87 18.74 2.04
CA ILE A 74 21.43 18.60 2.10
C ILE A 74 20.96 18.44 3.54
N THR A 75 19.68 18.69 3.79
CA THR A 75 19.00 18.10 4.96
C THR A 75 18.27 16.88 4.50
N ALA A 76 17.98 15.99 5.45
CA ALA A 76 17.21 14.77 5.15
C ALA A 76 16.57 14.28 6.41
N GLY A 77 15.28 13.98 6.36
CA GLY A 77 14.62 13.43 7.53
C GLY A 77 13.11 13.36 7.41
N LEU A 78 12.47 13.37 8.58
CA LEU A 78 11.05 13.07 8.70
C LEU A 78 10.46 13.94 9.78
N CYS A 79 9.35 14.57 9.48
CA CYS A 79 8.56 15.32 10.45
C CYS A 79 7.24 14.61 10.72
N THR A 80 6.84 14.56 11.97
CA THR A 80 5.54 14.03 12.38
C THR A 80 4.69 15.23 12.78
N LEU A 81 3.53 15.38 12.12
CA LEU A 81 2.66 16.52 12.46
C LEU A 81 2.00 16.20 13.79
N ILE A 82 2.03 17.16 14.71
CA ILE A 82 1.49 16.96 16.06
C ILE A 82 0.15 17.66 16.27
N SER A 83 0.08 18.96 15.90
CA SER A 83 -1.19 19.68 16.04
C SER A 83 -1.18 20.83 15.11
N HIS A 84 -2.41 21.27 14.78
CA HIS A 84 -2.63 22.49 13.98
C HIS A 84 -3.35 23.52 14.82
N SER A 85 -2.87 24.73 14.72
CA SER A 85 -3.53 25.87 15.38
C SER A 85 -4.22 26.81 14.37
N ASP A 86 -5.55 26.87 14.42
CA ASP A 86 -6.25 27.90 13.64
C ASP A 86 -5.83 29.31 14.07
N GLN A 87 -5.69 29.51 15.38
CA GLN A 87 -5.40 30.82 15.94
C GLN A 87 -4.06 31.35 15.46
N LYS A 88 -3.06 30.47 15.51
CA LYS A 88 -1.68 30.80 15.15
C LYS A 88 -1.44 30.63 13.64
N ASN A 89 -2.42 30.06 12.94
CA ASN A 89 -2.31 29.80 11.52
C ASN A 89 -1.07 28.92 11.18
N GLY A 90 -0.91 27.80 11.87
CA GLY A 90 0.26 26.98 11.63
C GLY A 90 0.20 25.70 12.40
N ASP A 91 1.31 24.97 12.29
CA ASP A 91 1.41 23.60 12.83
C ASP A 91 2.62 23.41 13.71
N ARG A 92 2.44 22.51 14.68
CA ARG A 92 3.60 21.95 15.44
C ARG A 92 3.94 20.59 14.83
N TYR A 93 5.23 20.43 14.47
CA TYR A 93 5.77 19.12 14.07
C TYR A 93 6.79 18.72 15.11
N GLU A 94 7.00 17.40 15.15
CA GLU A 94 8.17 16.79 15.86
C GLU A 94 9.09 16.29 14.75
N ALA A 95 10.31 16.79 14.73
CA ALA A 95 11.21 16.57 13.63
C ALA A 95 12.46 15.78 14.02
N LEU A 96 12.87 14.92 13.09
CA LEU A 96 14.11 14.15 13.20
C LEU A 96 14.82 14.26 11.89
N TYR A 97 15.97 14.92 11.86
CA TYR A 97 16.64 15.06 10.58
C TYR A 97 18.12 15.33 10.77
N SER A 98 18.84 15.23 9.66
CA SER A 98 20.27 15.50 9.68
C SER A 98 20.66 16.52 8.64
N PHE A 99 21.76 17.19 8.89
CA PHE A 99 22.38 18.14 7.96
C PHE A 99 23.68 17.51 7.46
N TYR A 100 23.85 17.38 6.16
CA TYR A 100 25.02 16.78 5.53
C TYR A 100 25.91 17.80 4.88
N PHE A 101 27.20 17.77 5.23
CA PHE A 101 28.15 18.82 4.83
C PHE A 101 29.28 18.18 4.01
N GLY A 102 28.92 17.24 3.13
CA GLY A 102 29.97 16.54 2.35
C GLY A 102 31.02 15.92 3.24
N ASP A 103 32.29 16.19 2.93
CA ASP A 103 33.40 15.51 3.67
C ASP A 103 33.53 16.01 5.09
N TYR A 104 32.96 17.15 5.42
CA TYR A 104 33.03 17.64 6.80
C TYR A 104 32.28 16.71 7.76
N GLY A 105 31.25 16.03 7.26
CA GLY A 105 30.49 15.09 8.09
C GLY A 105 29.03 15.56 8.19
N HIS A 106 28.33 15.20 9.24
CA HIS A 106 26.92 15.52 9.39
C HIS A 106 26.62 15.95 10.83
N ILE A 107 25.50 16.67 10.99
CA ILE A 107 24.95 16.97 12.29
C ILE A 107 23.53 16.43 12.35
N SER A 108 23.16 15.72 13.41
CA SER A 108 21.78 15.27 13.59
C SER A 108 21.05 16.11 14.64
N VAL A 109 19.75 16.29 14.40
CA VAL A 109 18.90 17.08 15.31
C VAL A 109 17.55 16.38 15.58
N GLN A 110 16.96 16.77 16.69
CA GLN A 110 15.66 16.24 17.09
C GLN A 110 14.96 17.31 17.90
N GLY A 111 13.66 17.47 17.63
CA GLY A 111 12.90 18.45 18.39
C GLY A 111 11.84 19.16 17.55
N PRO A 112 11.43 20.34 18.03
CA PRO A 112 10.22 20.92 17.47
C PRO A 112 10.45 21.77 16.23
N TYR A 113 9.56 21.63 15.24
N TYR A 113 9.47 21.70 15.33
CA TYR A 113 9.53 22.59 14.11
CA TYR A 113 9.48 22.47 14.09
C TYR A 113 8.12 23.13 14.13
C TYR A 113 8.11 23.13 14.01
N ILE A 114 8.03 24.42 14.36
CA ILE A 114 6.74 25.12 14.49
C ILE A 114 6.67 26.07 13.32
N THR A 115 5.60 25.96 12.53
CA THR A 115 5.65 26.68 11.24
C THR A 115 5.55 28.19 11.41
N TYR A 116 5.06 28.65 12.55
CA TYR A 116 4.76 30.08 12.74
C TYR A 116 5.73 30.80 13.68
N GLU A 117 6.73 30.09 14.24
CA GLU A 117 7.68 30.79 15.12
C GLU A 117 8.97 30.01 15.24
N ASP A 118 10.02 30.67 15.72
CA ASP A 118 11.34 30.06 15.88
C ASP A 118 11.25 28.99 16.97
N SER A 119 12.15 28.02 16.88
CA SER A 119 12.22 26.98 17.91
C SER A 119 13.66 26.56 18.12
N TYR A 120 13.89 25.77 19.17
CA TYR A 120 15.23 25.24 19.43
C TYR A 120 15.21 23.72 19.37
N LEU A 121 16.07 23.16 18.52
N LEU A 121 16.07 23.18 18.52
CA LEU A 121 16.19 21.71 18.38
CA LEU A 121 16.23 21.73 18.36
C LEU A 121 17.41 21.21 19.14
C LEU A 121 17.38 21.25 19.23
N ALA A 122 17.31 19.99 19.66
CA ALA A 122 18.47 19.36 20.30
C ALA A 122 19.44 18.94 19.18
N ILE A 123 20.72 19.21 19.39
CA ILE A 123 21.77 18.61 18.56
C ILE A 123 22.11 17.26 19.17
N THR A 124 21.76 16.18 18.47
CA THR A 124 21.91 14.84 19.08
C THR A 124 23.23 14.21 18.80
N GLY A 125 24.03 14.78 17.92
CA GLY A 125 25.38 14.29 17.66
C GLY A 125 25.76 14.51 16.22
N GLY A 126 26.86 13.96 15.77
CA GLY A 126 27.35 14.17 14.44
C GLY A 126 28.46 13.23 14.05
N SER A 127 29.05 13.50 12.90
CA SER A 127 30.17 12.71 12.41
C SER A 127 31.22 13.62 11.82
N GLY A 128 32.41 13.08 11.53
CA GLY A 128 33.45 13.86 10.93
C GLY A 128 33.94 14.93 11.87
N ILE A 129 34.00 16.19 11.40
CA ILE A 129 34.39 17.27 12.28
C ILE A 129 33.37 17.55 13.35
N PHE A 130 32.15 16.98 13.17
CA PHE A 130 31.12 17.17 14.14
C PHE A 130 30.96 15.97 15.11
N ALA A 131 31.88 14.99 15.04
CA ALA A 131 31.76 13.82 15.93
C ALA A 131 31.84 14.26 17.37
N GLY A 132 30.88 13.81 18.18
CA GLY A 132 30.84 14.19 19.59
C GLY A 132 30.18 15.53 19.89
N CYS A 133 29.60 16.19 18.88
CA CYS A 133 28.99 17.46 19.14
C CYS A 133 27.72 17.32 19.99
N TYR A 134 27.36 18.43 20.64
CA TYR A 134 26.11 18.51 21.41
C TYR A 134 25.72 19.97 21.57
N GLY A 135 24.52 20.17 22.10
CA GLY A 135 23.99 21.52 22.26
C GLY A 135 22.62 21.67 21.66
N GLN A 136 22.31 22.90 21.25
CA GLN A 136 21.01 23.18 20.66
C GLN A 136 21.17 24.05 19.42
N ALA A 137 20.15 24.02 18.56
CA ALA A 137 20.19 24.79 17.31
C ALA A 137 18.89 25.57 17.19
N LYS A 138 19.02 26.86 16.91
CA LYS A 138 17.84 27.70 16.66
C LYS A 138 17.40 27.56 15.23
N LEU A 139 16.11 27.29 15.06
CA LEU A 139 15.48 27.23 13.74
C LEU A 139 14.66 28.52 13.56
N HIS A 140 14.99 29.25 12.51
CA HIS A 140 14.29 30.51 12.17
C HIS A 140 13.71 30.40 10.77
N GLN A 141 12.39 30.51 10.68
CA GLN A 141 11.77 30.48 9.36
C GLN A 141 11.92 31.86 8.70
N ILE A 142 12.41 31.84 7.47
CA ILE A 142 12.51 33.08 6.71
C ILE A 142 11.30 33.22 5.85
N ILE A 143 11.02 32.22 5.04
CA ILE A 143 9.78 32.20 4.23
C ILE A 143 9.22 30.82 4.34
N PHE A 144 8.11 30.70 5.04
CA PHE A 144 7.33 29.47 5.07
C PHE A 144 6.86 29.15 3.66
N PRO A 145 7.14 27.93 3.18
CA PRO A 145 7.84 26.81 3.80
C PRO A 145 9.27 26.56 3.21
N PHE A 146 9.72 27.42 2.30
CA PHE A 146 10.86 27.11 1.44
C PHE A 146 12.24 27.63 1.88
N LYS A 147 12.31 28.51 2.88
CA LYS A 147 13.62 29.06 3.30
C LYS A 147 13.74 29.15 4.81
N LEU A 148 14.79 28.51 5.34
CA LEU A 148 15.02 28.52 6.78
C LEU A 148 16.46 28.89 7.05
N PHE A 149 16.71 29.37 8.27
CA PHE A 149 18.06 29.77 8.68
C PHE A 149 18.32 29.17 10.05
N TYR A 150 19.45 28.46 10.19
CA TYR A 150 19.78 27.85 11.48
C TYR A 150 21.01 28.44 12.11
N THR A 151 20.96 28.55 13.43
CA THR A 151 22.14 28.85 14.21
C THR A 151 22.42 27.60 15.09
N PHE A 152 23.50 26.89 14.78
CA PHE A 152 23.89 25.72 15.63
C PHE A 152 24.79 26.24 16.75
N TYR A 153 24.40 26.04 18.00
CA TYR A 153 25.27 26.41 19.10
C TYR A 153 26.05 25.13 19.51
N LEU A 154 27.14 24.93 18.78
CA LEU A 154 27.90 23.66 18.89
C LEU A 154 28.90 23.60 20.05
N GLN A 155 28.82 22.51 20.78
CA GLN A 155 29.76 22.27 21.86
C GLN A 155 30.45 20.94 21.60
N GLY A 156 31.62 20.77 22.20
CA GLY A 156 32.27 19.47 22.20
C GLY A 156 33.20 19.13 21.05
N ILE A 157 33.46 20.07 20.14
CA ILE A 157 34.22 19.77 18.94
C ILE A 157 35.37 20.76 18.71
N LYS A 158 36.29 20.40 17.82
CA LYS A 158 37.44 21.27 17.47
C LYS A 158 36.99 22.53 16.81
N LYS A 159 37.86 23.55 16.79
CA LYS A 159 37.57 24.79 16.11
C LYS A 159 37.09 24.49 14.70
N LEU A 160 35.93 25.08 14.32
CA LEU A 160 35.34 24.92 12.97
C LEU A 160 36.27 25.45 11.90
N PRO A 161 36.32 24.78 10.73
CA PRO A 161 37.14 25.35 9.67
C PRO A 161 36.58 26.71 9.25
N GLU A 162 37.46 27.68 9.01
N GLU A 162 37.46 27.68 9.00
CA GLU A 162 37.03 29.03 8.68
CA GLU A 162 37.01 29.05 8.68
C GLU A 162 36.11 29.08 7.47
C GLU A 162 36.08 29.08 7.47
N ALA A 163 36.20 28.10 6.57
CA ALA A 163 35.28 27.99 5.41
C ALA A 163 33.82 27.87 5.78
N LEU A 164 33.56 27.33 6.96
CA LEU A 164 32.20 27.26 7.45
C LEU A 164 31.81 28.47 8.28
N CYS A 165 32.72 29.44 8.41
CA CYS A 165 32.56 30.55 9.33
C CYS A 165 32.72 31.90 8.63
N ALA A 166 32.40 31.92 7.33
CA ALA A 166 32.53 33.16 6.57
C ALA A 166 31.49 34.17 7.09
N PRO A 167 31.70 35.48 6.86
CA PRO A 167 30.70 36.42 7.36
C PRO A 167 29.30 36.06 6.85
N CYS A 168 28.31 36.14 7.72
CA CYS A 168 26.95 35.64 7.45
C CYS A 168 26.13 36.70 6.74
N VAL A 169 25.44 36.30 5.68
CA VAL A 169 24.44 37.17 5.06
C VAL A 169 23.27 37.29 6.02
N PRO A 170 22.81 38.51 6.35
CA PRO A 170 21.68 38.63 7.29
C PRO A 170 20.39 38.03 6.72
N PRO A 171 19.68 37.21 7.53
CA PRO A 171 18.43 36.61 7.06
C PRO A 171 17.36 37.61 6.73
N SER A 172 16.87 37.48 5.51
CA SER A 172 15.68 38.23 5.07
C SER A 172 14.93 37.43 4.00
N PRO A 173 13.66 37.79 3.68
CA PRO A 173 12.89 37.01 2.72
C PRO A 173 13.54 36.90 1.35
N SER A 174 14.38 37.86 0.98
CA SER A 174 14.89 37.91 -0.39
C SER A 174 16.22 37.22 -0.59
N VAL A 175 16.81 36.76 0.51
CA VAL A 175 18.14 36.15 0.35
C VAL A 175 18.14 34.94 -0.57
N ALA A 176 19.25 34.75 -1.28
CA ALA A 176 19.35 33.63 -2.20
C ALA A 176 20.80 33.19 -2.31
N PRO A 177 21.02 31.89 -2.57
CA PRO A 177 22.39 31.41 -2.81
C PRO A 177 23.01 32.15 -4.01
N ALA A 178 24.32 32.34 -3.97
CA ALA A 178 25.04 32.87 -5.11
C ALA A 178 24.80 31.95 -6.30
N ASP A 179 24.84 32.49 -7.49
CA ASP A 179 24.62 31.73 -8.71
C ASP A 179 25.61 30.54 -8.78
N GLU A 180 26.88 30.79 -8.47
CA GLU A 180 27.90 29.74 -8.65
C GLU A 180 27.67 28.62 -7.65
N ALA A 181 27.11 28.93 -6.48
CA ALA A 181 26.77 27.91 -5.45
C ALA A 181 25.54 27.16 -5.91
N LYS A 182 24.50 27.86 -6.38
CA LYS A 182 23.32 27.20 -6.89
C LYS A 182 23.66 26.22 -7.99
N GLN A 183 24.63 26.60 -8.86
CA GLN A 183 25.07 25.80 -9.99
C GLN A 183 26.12 24.73 -9.59
N CYS A 184 26.49 24.74 -8.31
CA CYS A 184 27.48 23.72 -7.80
C CYS A 184 28.79 23.73 -8.58
N LEU A 185 29.28 24.91 -8.97
CA LEU A 185 30.56 24.97 -9.65
C LEU A 185 31.71 24.66 -8.70
N PRO A 186 32.80 24.14 -9.25
CA PRO A 186 33.94 23.89 -8.34
C PRO A 186 34.36 25.26 -7.78
N ASN A 187 34.79 25.28 -6.54
CA ASN A 187 35.20 26.48 -5.83
C ASN A 187 34.04 27.10 -5.09
N HIS A 188 32.81 26.56 -5.29
CA HIS A 188 31.63 27.05 -4.59
C HIS A 188 30.80 25.98 -3.93
N VAL A 189 31.50 24.86 -3.62
CA VAL A 189 30.88 23.72 -3.00
C VAL A 189 31.80 23.20 -1.91
N ALA A 190 31.19 22.62 -0.89
CA ALA A 190 31.98 21.94 0.15
C ALA A 190 32.68 20.77 -0.47
N PRO A 191 33.79 20.30 0.17
CA PRO A 191 34.48 19.10 -0.33
C PRO A 191 33.54 17.90 -0.46
N ASN A 192 33.39 17.36 -1.66
CA ASN A 192 32.45 16.27 -1.93
C ASN A 192 31.08 16.55 -1.34
N PHE A 193 30.58 17.75 -1.64
CA PHE A 193 29.28 18.19 -1.09
C PHE A 193 28.16 17.15 -1.32
N THR A 194 27.29 17.05 -0.33
CA THR A 194 26.27 15.96 -0.37
C THR A 194 25.18 16.34 -1.41
N LYS A 195 24.97 15.48 -2.38
CA LYS A 195 23.99 15.66 -3.43
C LYS A 195 22.66 15.05 -3.09
N HIS B 16 38.44 9.11 26.45
CA HIS B 16 39.00 8.69 25.15
C HIS B 16 37.95 7.85 24.37
N VAL B 17 38.36 7.24 23.28
CA VAL B 17 37.44 6.43 22.48
C VAL B 17 37.66 4.94 22.74
N GLN B 18 36.55 4.21 22.92
CA GLN B 18 36.56 2.74 22.98
C GLN B 18 35.84 2.18 21.77
N GLU B 19 36.48 1.36 20.98
CA GLU B 19 35.84 0.74 19.82
C GLU B 19 35.05 -0.49 20.21
N LEU B 20 33.79 -0.57 19.76
CA LEU B 20 32.96 -1.74 19.96
C LEU B 20 32.53 -2.22 18.60
N PHE B 21 32.76 -3.48 18.27
CA PHE B 21 32.41 -4.05 16.97
C PHE B 21 31.17 -4.88 17.08
N VAL B 22 30.21 -4.71 16.18
CA VAL B 22 28.95 -5.44 16.19
C VAL B 22 28.57 -5.93 14.79
N TYR B 23 28.16 -7.18 14.65
CA TYR B 23 27.59 -7.71 13.43
C TYR B 23 26.08 -7.67 13.53
N GLU B 24 25.44 -7.17 12.44
CA GLU B 24 24.01 -7.18 12.32
C GLU B 24 23.62 -8.07 11.19
N ILE B 25 22.69 -9.00 11.45
N ILE B 25 22.71 -9.01 11.43
CA ILE B 25 22.31 -9.99 10.45
CA ILE B 25 22.33 -9.95 10.38
C ILE B 25 20.80 -10.07 10.34
C ILE B 25 20.82 -10.15 10.31
N ASN B 26 20.28 -10.07 9.11
CA ASN B 26 18.90 -10.39 8.88
C ASN B 26 18.86 -11.91 8.62
N GLU B 27 18.40 -12.66 9.61
CA GLU B 27 18.33 -14.12 9.51
C GLU B 27 16.99 -14.59 8.94
N ARG B 28 16.18 -13.65 8.43
CA ARG B 28 14.98 -13.97 7.67
C ARG B 28 13.89 -14.58 8.53
N ASP B 29 13.93 -14.28 9.83
CA ASP B 29 13.04 -14.91 10.79
C ASP B 29 12.29 -13.92 11.69
N ARG B 30 12.34 -12.64 11.34
CA ARG B 30 11.68 -11.59 12.13
C ARG B 30 10.65 -10.79 11.30
N GLY B 31 10.28 -11.30 10.12
CA GLY B 31 9.31 -10.56 9.26
C GLY B 31 9.85 -9.22 8.84
N SER B 32 11.18 -9.09 8.74
CA SER B 32 11.80 -7.79 8.50
C SER B 32 12.58 -7.78 7.19
N PRO B 33 12.67 -6.63 6.53
CA PRO B 33 12.04 -5.34 6.87
C PRO B 33 10.64 -5.24 6.27
N VAL B 34 9.96 -4.12 6.57
CA VAL B 34 8.64 -3.85 5.94
C VAL B 34 8.86 -2.63 5.08
N PHE B 35 8.77 -2.81 3.76
CA PHE B 35 8.96 -1.69 2.84
C PHE B 35 7.61 -1.08 2.51
N LEU B 36 7.45 0.20 2.87
CA LEU B 36 6.20 0.94 2.66
C LEU B 36 6.45 1.95 1.53
N PRO B 37 5.82 1.71 0.35
CA PRO B 37 6.16 2.49 -0.86
C PRO B 37 5.43 3.83 -0.94
N PHE B 38 5.49 4.60 0.13
CA PHE B 38 4.75 5.86 0.23
C PHE B 38 5.28 6.99 -0.64
N GLY B 39 6.47 6.84 -1.20
CA GLY B 39 7.02 7.89 -2.07
C GLY B 39 6.24 7.99 -3.38
N GLY B 40 5.55 6.89 -3.76
CA GLY B 40 4.59 6.88 -4.84
C GLY B 40 5.18 7.06 -6.22
N LYS B 41 6.51 7.05 -6.36
CA LYS B 41 7.10 7.29 -7.68
C LYS B 41 6.96 6.05 -8.58
N LYS B 42 6.69 6.27 -9.87
CA LYS B 42 6.44 5.22 -10.85
C LYS B 42 7.35 5.33 -12.07
N GLN B 43 7.75 4.19 -12.62
CA GLN B 43 8.66 4.14 -13.74
C GLN B 43 7.86 4.34 -15.05
N PRO B 44 8.33 5.26 -15.92
CA PRO B 44 7.63 5.41 -17.22
C PRO B 44 7.54 4.08 -17.99
N GLY B 45 6.40 3.87 -18.63
CA GLY B 45 6.24 2.71 -19.49
C GLY B 45 5.83 1.42 -18.76
N THR B 46 6.36 1.18 -17.57
CA THR B 46 5.99 -0.02 -16.83
C THR B 46 5.09 0.26 -15.63
N ASP B 47 5.10 1.51 -15.14
CA ASP B 47 4.39 1.90 -13.95
C ASP B 47 4.89 1.15 -12.69
N ALA B 48 6.11 0.62 -12.77
CA ALA B 48 6.70 -0.08 -11.62
C ALA B 48 7.03 0.93 -10.54
N HIS B 49 7.03 0.47 -9.29
CA HIS B 49 7.45 1.32 -8.24
C HIS B 49 8.93 1.70 -8.40
N VAL B 50 9.25 2.97 -8.15
CA VAL B 50 10.62 3.43 -8.10
C VAL B 50 10.88 3.95 -6.71
N ASN B 51 11.96 3.49 -6.08
CA ASN B 51 12.32 3.96 -4.75
C ASN B 51 12.55 5.48 -4.79
N SER B 52 11.96 6.17 -3.86
CA SER B 52 12.05 7.64 -3.87
C SER B 52 11.78 8.19 -2.51
N LEU B 53 12.06 9.49 -2.35
CA LEU B 53 11.84 10.18 -1.13
C LEU B 53 10.50 9.84 -0.57
N GLY B 54 10.46 9.41 0.70
CA GLY B 54 9.20 9.15 1.32
C GLY B 54 8.80 7.71 1.51
N ASP B 55 9.42 6.80 0.77
CA ASP B 55 9.24 5.39 1.11
C ASP B 55 9.77 5.23 2.55
N LEU B 56 9.11 4.38 3.35
CA LEU B 56 9.52 4.21 4.76
C LEU B 56 9.76 2.72 5.02
N VAL B 57 10.76 2.43 5.86
CA VAL B 57 11.16 1.03 6.07
C VAL B 57 11.44 0.77 7.55
N PRO B 58 10.42 0.35 8.29
CA PRO B 58 10.64 -0.24 9.64
C PRO B 58 11.43 -1.54 9.52
N PHE B 59 12.30 -1.77 10.51
CA PHE B 59 13.10 -3.01 10.46
C PHE B 59 13.55 -3.40 11.84
N SER B 60 13.98 -4.68 11.92
CA SER B 60 14.59 -5.19 13.17
C SER B 60 15.38 -6.45 12.84
N ASN B 61 16.71 -6.40 13.06
CA ASN B 61 17.61 -7.56 12.77
C ASN B 61 18.21 -8.05 14.09
N LYS B 62 18.98 -9.13 13.96
CA LYS B 62 19.73 -9.66 15.12
C LYS B 62 21.14 -9.13 15.15
N ILE B 63 21.68 -8.94 16.37
CA ILE B 63 23.07 -8.54 16.50
C ILE B 63 23.91 -9.52 17.33
N TYR B 64 25.17 -9.56 16.93
CA TYR B 64 26.19 -10.48 17.49
C TYR B 64 27.41 -9.68 17.79
N ASP B 65 28.26 -10.18 18.69
CA ASP B 65 29.51 -9.53 18.98
C ASP B 65 30.53 -9.70 17.84
N GLY B 66 31.67 -9.01 17.99
CA GLY B 66 32.66 -9.01 16.92
C GLY B 66 33.26 -10.39 16.67
N SER B 67 33.31 -11.27 17.71
CA SER B 67 33.84 -12.61 17.50
C SER B 67 32.85 -13.55 16.81
N LEU B 68 31.60 -13.10 16.71
CA LEU B 68 30.49 -13.88 16.14
C LEU B 68 30.14 -15.11 17.01
N LYS B 69 30.62 -15.11 18.27
CA LYS B 69 30.32 -16.23 19.16
C LYS B 69 29.22 -15.95 20.11
N THR B 70 28.73 -14.70 20.16
CA THR B 70 27.71 -14.33 21.16
C THR B 70 26.53 -13.55 20.52
N ARG B 71 25.33 -14.08 20.69
CA ARG B 71 24.10 -13.31 20.38
C ARG B 71 23.94 -12.24 21.42
N LEU B 72 23.90 -10.98 21.00
CA LEU B 72 23.76 -9.86 21.91
C LEU B 72 22.31 -9.37 22.05
N GLY B 73 21.57 -9.38 20.94
CA GLY B 73 20.25 -8.76 20.97
C GLY B 73 19.75 -8.50 19.56
N ILE B 74 19.20 -7.30 19.42
CA ILE B 74 18.56 -6.94 18.13
C ILE B 74 18.85 -5.46 17.82
N THR B 75 18.65 -5.11 16.54
CA THR B 75 18.43 -3.70 16.17
C THR B 75 16.94 -3.50 15.99
N ALA B 76 16.51 -2.23 16.10
CA ALA B 76 15.07 -1.86 15.89
C ALA B 76 15.01 -0.42 15.50
N GLY B 77 14.28 -0.15 14.41
CA GLY B 77 14.10 1.26 14.08
C GLY B 77 13.41 1.44 12.75
N LEU B 78 13.71 2.61 12.17
CA LEU B 78 12.95 3.09 10.98
C LEU B 78 13.90 3.85 10.05
N CYS B 79 13.87 3.49 8.76
CA CYS B 79 14.62 4.20 7.75
C CYS B 79 13.64 4.98 6.85
N THR B 80 14.01 6.22 6.56
CA THR B 80 13.23 7.08 5.63
C THR B 80 14.05 7.18 4.34
N LEU B 81 13.49 6.71 3.23
CA LEU B 81 14.21 6.77 1.97
C LEU B 81 14.31 8.22 1.50
N ILE B 82 15.50 8.67 1.11
CA ILE B 82 15.74 10.05 0.72
C ILE B 82 15.91 10.17 -0.78
N SER B 83 16.75 9.33 -1.38
CA SER B 83 17.00 9.38 -2.80
C SER B 83 17.51 8.05 -3.35
N HIS B 84 17.21 7.80 -4.63
CA HIS B 84 17.73 6.62 -5.34
C HIS B 84 18.77 7.05 -6.35
N SER B 85 19.88 6.31 -6.44
CA SER B 85 20.88 6.59 -7.44
C SER B 85 20.93 5.44 -8.45
N ASP B 86 20.54 5.70 -9.70
CA ASP B 86 20.66 4.70 -10.77
C ASP B 86 22.11 4.36 -11.00
N GLN B 87 23.00 5.35 -10.91
CA GLN B 87 24.43 5.12 -11.16
C GLN B 87 25.06 4.22 -10.14
N LYS B 88 24.72 4.43 -8.87
CA LYS B 88 25.35 3.66 -7.79
C LYS B 88 24.54 2.42 -7.47
N ASN B 89 23.36 2.32 -8.09
CA ASN B 89 22.45 1.20 -7.94
C ASN B 89 22.08 0.99 -6.48
N GLY B 90 21.44 1.97 -5.88
CA GLY B 90 21.07 1.85 -4.48
C GLY B 90 20.45 3.16 -3.97
N ASP B 91 20.31 3.27 -2.66
CA ASP B 91 19.51 4.31 -2.07
C ASP B 91 20.20 4.96 -0.89
N ARG B 92 19.94 6.24 -0.70
CA ARG B 92 20.24 6.93 0.56
C ARG B 92 19.02 6.92 1.44
N TYR B 93 19.19 6.52 2.70
CA TYR B 93 18.18 6.64 3.71
C TYR B 93 18.65 7.51 4.85
N GLU B 94 17.70 8.08 5.59
CA GLU B 94 17.94 8.72 6.87
C GLU B 94 17.38 7.77 7.92
N ALA B 95 18.23 7.32 8.84
CA ALA B 95 17.86 6.23 9.71
C ALA B 95 17.88 6.62 11.19
N LEU B 96 16.93 6.07 11.95
CA LEU B 96 16.97 6.17 13.40
C LEU B 96 16.72 4.77 13.93
N TYR B 97 17.67 4.26 14.72
CA TYR B 97 17.46 2.93 15.25
C TYR B 97 18.32 2.78 16.50
N SER B 98 18.00 1.69 17.21
CA SER B 98 18.77 1.34 18.41
C SER B 98 19.30 -0.10 18.29
N PHE B 99 20.37 -0.29 19.08
CA PHE B 99 21.01 -1.60 19.26
C PHE B 99 20.78 -2.01 20.71
N TYR B 100 20.21 -3.21 20.89
CA TYR B 100 19.86 -3.73 22.21
C TYR B 100 20.78 -4.90 22.52
N PHE B 101 21.42 -4.76 23.70
CA PHE B 101 22.47 -5.72 24.18
C PHE B 101 22.01 -6.43 25.45
N GLY B 102 20.76 -6.80 25.54
CA GLY B 102 20.29 -7.45 26.76
C GLY B 102 20.57 -6.57 27.94
N ASP B 103 20.97 -7.17 29.07
CA ASP B 103 21.18 -6.42 30.32
C ASP B 103 22.29 -5.40 30.27
N TYR B 104 23.13 -5.42 29.21
CA TYR B 104 24.15 -4.40 29.08
C TYR B 104 23.54 -3.03 28.85
N GLY B 105 22.39 -3.02 28.17
CA GLY B 105 21.76 -1.73 27.82
C GLY B 105 21.59 -1.62 26.32
N HIS B 106 21.45 -0.37 25.87
CA HIS B 106 21.23 -0.10 24.44
C HIS B 106 22.05 1.11 24.01
N ILE B 107 22.28 1.18 22.70
CA ILE B 107 22.90 2.34 22.04
C ILE B 107 21.89 2.80 20.96
N SER B 108 21.72 4.13 20.92
CA SER B 108 20.83 4.73 19.84
C SER B 108 21.68 5.47 18.84
N VAL B 109 21.27 5.40 17.56
CA VAL B 109 21.98 6.05 16.48
C VAL B 109 20.98 6.84 15.58
N GLN B 110 21.55 7.80 14.88
CA GLN B 110 20.79 8.64 13.93
C GLN B 110 21.74 9.06 12.84
N GLY B 111 21.27 8.96 11.58
CA GLY B 111 22.06 9.47 10.48
C GLY B 111 21.92 8.66 9.22
N PRO B 112 22.96 8.69 8.38
CA PRO B 112 22.82 8.19 7.02
C PRO B 112 23.02 6.69 6.91
N TYR B 113 22.15 6.05 6.15
CA TYR B 113 22.26 4.62 5.85
C TYR B 113 22.24 4.57 4.33
N ILE B 114 23.32 4.16 3.71
CA ILE B 114 23.48 4.21 2.27
C ILE B 114 23.69 2.78 1.80
N THR B 115 22.85 2.29 0.89
CA THR B 115 22.86 0.85 0.62
C THR B 115 24.14 0.44 -0.10
N TYR B 116 24.77 1.37 -0.78
CA TYR B 116 25.93 1.08 -1.66
C TYR B 116 27.29 1.52 -1.15
N GLU B 117 27.36 2.05 0.09
CA GLU B 117 28.67 2.47 0.62
C GLU B 117 28.61 2.67 2.13
N ASP B 118 29.79 2.75 2.73
CA ASP B 118 29.89 2.94 4.18
C ASP B 118 29.50 4.34 4.58
N SER B 119 29.07 4.52 5.81
CA SER B 119 28.67 5.85 6.30
C SER B 119 28.98 5.95 7.78
N TYR B 120 28.87 7.14 8.34
CA TYR B 120 29.04 7.37 9.78
C TYR B 120 27.73 7.89 10.39
N LEU B 121 27.22 7.17 11.39
N LEU B 121 27.23 7.19 11.40
CA LEU B 121 26.04 7.58 12.12
CA LEU B 121 26.04 7.57 12.14
C LEU B 121 26.43 8.30 13.40
C LEU B 121 26.40 8.26 13.44
N ALA B 122 25.59 9.22 13.88
CA ALA B 122 25.75 9.79 15.21
C ALA B 122 25.30 8.76 16.28
N ILE B 123 26.10 8.65 17.35
CA ILE B 123 25.66 7.90 18.55
C ILE B 123 24.93 8.93 19.41
N THR B 124 23.64 8.74 19.54
CA THR B 124 22.82 9.78 20.19
C THR B 124 22.69 9.56 21.69
N GLY B 125 23.13 8.42 22.17
CA GLY B 125 23.05 8.13 23.59
C GLY B 125 22.86 6.64 23.82
N GLY B 126 22.62 6.29 25.07
CA GLY B 126 22.38 4.88 25.39
C GLY B 126 21.86 4.71 26.81
N SER B 127 21.86 3.46 27.25
CA SER B 127 21.44 3.13 28.60
C SER B 127 22.32 2.04 29.14
N GLY B 128 22.18 1.77 30.43
CA GLY B 128 22.99 0.72 31.03
C GLY B 128 24.45 1.08 31.06
N ILE B 129 25.29 0.15 30.60
CA ILE B 129 26.73 0.45 30.54
C ILE B 129 27.03 1.52 29.49
N PHE B 130 26.05 1.79 28.62
CA PHE B 130 26.20 2.81 27.58
C PHE B 130 25.56 4.15 27.98
N ALA B 131 25.04 4.28 29.21
CA ALA B 131 24.40 5.55 29.60
C ALA B 131 25.40 6.68 29.48
N GLY B 132 25.00 7.76 28.79
CA GLY B 132 25.87 8.90 28.65
C GLY B 132 26.85 8.79 27.47
N CYS B 133 26.76 7.74 26.67
CA CYS B 133 27.67 7.59 25.56
C CYS B 133 27.43 8.62 24.46
N TYR B 134 28.48 8.89 23.69
CA TYR B 134 28.39 9.78 22.57
C TYR B 134 29.48 9.44 21.59
N GLY B 135 29.45 10.02 20.41
CA GLY B 135 30.46 9.78 19.38
C GLY B 135 29.82 9.42 18.04
N GLN B 136 30.50 8.65 17.22
CA GLN B 136 30.00 8.26 15.90
C GLN B 136 30.22 6.77 15.70
N ALA B 137 29.49 6.18 14.78
CA ALA B 137 29.58 4.76 14.48
C ALA B 137 29.72 4.55 13.00
N LYS B 138 30.69 3.75 12.57
CA LYS B 138 30.85 3.44 11.16
C LYS B 138 30.01 2.25 10.78
N LEU B 139 29.15 2.43 9.77
N LEU B 139 29.13 2.43 9.80
CA LEU B 139 28.34 1.37 9.19
CA LEU B 139 28.34 1.37 9.19
C LEU B 139 28.97 0.85 7.91
C LEU B 139 29.06 0.88 7.95
N HIS B 140 29.34 -0.42 7.91
CA HIS B 140 29.95 -1.06 6.75
C HIS B 140 28.99 -2.11 6.19
N GLN B 141 28.63 -1.97 4.93
CA GLN B 141 27.78 -3.01 4.29
C GLN B 141 28.67 -4.17 3.94
N ILE B 142 28.37 -5.34 4.47
CA ILE B 142 29.12 -6.51 4.07
C ILE B 142 28.47 -7.12 2.84
N ILE B 143 27.18 -7.43 2.94
CA ILE B 143 26.38 -7.80 1.77
C ILE B 143 24.98 -7.25 2.05
N PHE B 144 24.70 -6.10 1.44
CA PHE B 144 23.40 -5.47 1.62
C PHE B 144 22.32 -6.41 1.05
N PRO B 145 21.18 -6.59 1.76
CA PRO B 145 20.81 -6.03 3.06
C PRO B 145 20.95 -7.01 4.22
N PHE B 146 21.59 -8.15 3.98
CA PHE B 146 21.55 -9.21 4.99
C PHE B 146 22.60 -9.11 6.07
N LYS B 147 23.74 -8.52 5.79
CA LYS B 147 24.86 -8.54 6.75
C LYS B 147 25.54 -7.19 6.78
N LEU B 148 25.63 -6.60 7.97
CA LEU B 148 26.24 -5.31 8.19
C LEU B 148 27.21 -5.39 9.36
N PHE B 149 28.22 -4.53 9.36
CA PHE B 149 29.23 -4.54 10.41
C PHE B 149 29.39 -3.11 10.92
N TYR B 150 29.36 -2.92 12.24
CA TYR B 150 29.50 -1.60 12.82
C TYR B 150 30.72 -1.46 13.68
N THR B 151 31.36 -0.31 13.61
CA THR B 151 32.38 0.07 14.59
C THR B 151 31.84 1.26 15.37
N PHE B 152 31.49 1.08 16.64
CA PHE B 152 31.05 2.19 17.46
C PHE B 152 32.27 2.84 18.08
N TYR B 153 32.51 4.12 17.84
CA TYR B 153 33.62 4.83 18.45
C TYR B 153 33.08 5.52 19.70
N LEU B 154 32.96 4.78 20.77
CA LEU B 154 32.23 5.22 21.96
C LEU B 154 33.06 6.11 22.88
N GLN B 155 32.50 7.23 23.25
CA GLN B 155 33.07 8.15 24.22
C GLN B 155 32.15 8.29 25.44
N GLY B 156 32.71 8.68 26.57
CA GLY B 156 31.88 9.05 27.71
C GLY B 156 31.49 7.95 28.67
N ILE B 157 31.97 6.73 28.47
CA ILE B 157 31.53 5.63 29.34
C ILE B 157 32.71 4.89 29.96
N LYS B 158 32.38 4.12 30.97
CA LYS B 158 33.35 3.27 31.66
C LYS B 158 33.88 2.17 30.73
N LYS B 159 35.04 1.63 31.07
CA LYS B 159 35.65 0.57 30.29
C LYS B 159 34.64 -0.55 29.99
N LEU B 160 34.54 -0.91 28.70
CA LEU B 160 33.64 -1.98 28.28
C LEU B 160 34.03 -3.32 28.92
N PRO B 161 33.05 -4.17 29.24
CA PRO B 161 33.36 -5.53 29.74
C PRO B 161 34.08 -6.31 28.69
N GLU B 162 34.98 -7.15 29.14
CA GLU B 162 35.76 -7.99 28.26
C GLU B 162 34.95 -8.83 27.31
N ALA B 163 33.80 -9.29 27.74
CA ALA B 163 32.92 -10.08 26.89
C ALA B 163 32.56 -9.38 25.59
N LEU B 164 32.55 -8.05 25.59
CA LEU B 164 32.19 -7.31 24.36
C LEU B 164 33.40 -6.95 23.53
N CYS B 165 34.61 -7.36 23.95
CA CYS B 165 35.83 -6.97 23.33
C CYS B 165 36.71 -8.16 22.89
N ALA B 166 36.07 -9.27 22.56
CA ALA B 166 36.79 -10.43 22.12
C ALA B 166 37.41 -10.12 20.75
N PRO B 167 38.46 -10.86 20.33
CA PRO B 167 39.05 -10.61 19.00
C PRO B 167 37.99 -10.68 17.90
N CYS B 168 38.09 -9.70 17.00
CA CYS B 168 37.04 -9.53 16.04
C CYS B 168 37.26 -10.27 14.75
N VAL B 169 36.24 -11.01 14.29
CA VAL B 169 36.30 -11.67 13.00
C VAL B 169 36.34 -10.60 11.91
N PRO B 170 37.23 -10.71 10.93
CA PRO B 170 37.21 -9.69 9.90
C PRO B 170 35.96 -9.90 9.01
N PRO B 171 35.27 -8.81 8.65
CA PRO B 171 34.00 -9.01 7.91
C PRO B 171 34.23 -9.38 6.44
N SER B 172 33.40 -10.30 5.97
CA SER B 172 33.33 -10.69 4.58
C SER B 172 31.96 -11.31 4.31
N PRO B 173 31.57 -11.47 3.04
CA PRO B 173 30.21 -11.93 2.82
C PRO B 173 29.86 -13.31 3.35
N SER B 174 30.88 -14.14 3.56
CA SER B 174 30.61 -15.50 4.05
C SER B 174 30.50 -15.65 5.55
N VAL B 175 30.80 -14.59 6.28
CA VAL B 175 30.76 -14.62 7.75
C VAL B 175 29.37 -15.03 8.27
N ALA B 176 29.37 -15.76 9.38
CA ALA B 176 28.12 -16.19 10.00
C ALA B 176 28.30 -16.36 11.51
N PRO B 177 27.23 -16.14 12.27
CA PRO B 177 27.32 -16.45 13.71
C PRO B 177 27.69 -17.91 13.94
N ALA B 178 28.41 -18.15 15.02
CA ALA B 178 28.67 -19.53 15.45
C ALA B 178 27.32 -20.24 15.65
N ASP B 179 27.27 -21.56 15.42
CA ASP B 179 26.04 -22.30 15.64
C ASP B 179 25.48 -22.08 17.02
N GLU B 180 26.34 -22.07 18.03
CA GLU B 180 25.86 -21.98 19.42
C GLU B 180 25.24 -20.59 19.70
N ALA B 181 25.73 -19.58 18.98
CA ALA B 181 25.15 -18.20 19.08
C ALA B 181 23.82 -18.14 18.31
N LYS B 182 23.76 -18.72 17.12
CA LYS B 182 22.50 -18.75 16.37
C LYS B 182 21.42 -19.45 17.20
N GLN B 183 21.81 -20.52 17.89
CA GLN B 183 20.90 -21.31 18.71
C GLN B 183 20.67 -20.73 20.10
N CYS B 184 21.33 -19.61 20.40
CA CYS B 184 21.18 -18.93 21.67
C CYS B 184 21.44 -19.81 22.90
N LEU B 185 22.52 -20.58 22.82
CA LEU B 185 22.85 -21.54 23.89
C LEU B 185 23.68 -20.87 24.98
N PRO B 186 23.75 -21.51 26.14
CA PRO B 186 24.54 -20.99 27.26
C PRO B 186 25.98 -20.78 26.83
N ASN B 187 26.59 -19.76 27.38
CA ASN B 187 27.93 -19.33 27.04
C ASN B 187 28.00 -18.51 25.75
N HIS B 188 26.84 -18.40 25.05
CA HIS B 188 26.86 -17.73 23.73
C HIS B 188 25.76 -16.71 23.60
N VAL B 189 25.32 -16.16 24.71
CA VAL B 189 24.33 -15.10 24.75
C VAL B 189 24.70 -14.03 25.72
N ALA B 190 24.41 -12.78 25.41
CA ALA B 190 24.47 -11.70 26.40
C ALA B 190 23.51 -12.04 27.55
N PRO B 191 23.78 -11.52 28.74
CA PRO B 191 22.82 -11.70 29.83
C PRO B 191 21.45 -11.16 29.47
N ASN B 192 20.43 -11.99 29.51
CA ASN B 192 19.07 -11.63 29.14
C ASN B 192 19.05 -10.98 27.75
N PHE B 193 19.75 -11.60 26.80
CA PHE B 193 19.89 -11.05 25.47
C PHE B 193 18.53 -10.67 24.93
N THR B 194 18.51 -9.60 24.13
CA THR B 194 17.24 -9.08 23.65
C THR B 194 16.68 -9.94 22.54
N LYS B 195 15.43 -10.35 22.72
CA LYS B 195 14.77 -11.27 21.80
C LYS B 195 13.91 -10.47 20.85
N VAL C 17 24.61 13.67 38.42
CA VAL C 17 23.21 13.37 37.95
C VAL C 17 22.14 14.11 38.74
N GLN C 18 21.18 14.66 38.02
CA GLN C 18 20.01 15.31 38.64
C GLN C 18 18.76 14.53 38.27
N GLU C 19 17.98 14.07 39.26
CA GLU C 19 16.71 13.36 38.92
C GLU C 19 15.57 14.33 38.64
N LEU C 20 14.83 14.07 37.57
CA LEU C 20 13.63 14.85 37.27
C LEU C 20 12.47 13.87 37.06
N PHE C 21 11.42 14.02 37.85
CA PHE C 21 10.26 13.15 37.77
C PHE C 21 9.16 13.77 36.94
N VAL C 22 8.57 13.02 36.02
CA VAL C 22 7.52 13.52 35.13
C VAL C 22 6.41 12.49 35.00
N TYR C 23 5.14 12.93 35.13
CA TYR C 23 3.99 12.09 34.85
C TYR C 23 3.45 12.37 33.49
N GLU C 24 3.23 11.35 32.68
CA GLU C 24 2.65 11.50 31.33
C GLU C 24 1.30 10.85 31.32
N ILE C 25 0.28 11.63 30.92
CA ILE C 25 -1.13 11.19 30.99
C ILE C 25 -1.80 11.38 29.66
N ASN C 26 -2.44 10.33 29.15
CA ASN C 26 -3.31 10.48 27.97
C ASN C 26 -4.69 10.80 28.50
N GLU C 27 -5.09 12.04 28.37
CA GLU C 27 -6.38 12.52 28.87
C GLU C 27 -7.48 12.41 27.81
N ARG C 28 -7.15 11.80 26.68
CA ARG C 28 -8.12 11.40 25.67
C ARG C 28 -8.75 12.60 24.99
N ASP C 29 -8.02 13.69 24.95
CA ASP C 29 -8.55 14.93 24.38
C ASP C 29 -7.69 15.54 23.27
N ARG C 30 -6.71 14.80 22.81
CA ARG C 30 -5.73 15.24 21.78
C ARG C 30 -5.79 14.34 20.52
N GLY C 31 -6.82 13.48 20.44
CA GLY C 31 -6.94 12.54 19.34
C GLY C 31 -5.76 11.57 19.22
N SER C 32 -5.17 11.20 20.38
CA SER C 32 -3.95 10.42 20.39
C SER C 32 -4.18 9.11 21.19
N PRO C 33 -3.50 8.04 20.80
CA PRO C 33 -2.55 7.93 19.67
C PRO C 33 -3.26 7.71 18.35
N VAL C 34 -2.50 7.86 17.26
CA VAL C 34 -3.00 7.55 15.93
C VAL C 34 -2.33 6.25 15.47
N PHE C 35 -3.07 5.16 15.46
CA PHE C 35 -2.50 3.89 15.12
C PHE C 35 -2.57 3.64 13.63
N LEU C 36 -1.43 3.51 12.98
CA LEU C 36 -1.36 3.28 11.55
C LEU C 36 -0.94 1.84 11.29
N PRO C 37 -1.86 1.00 10.84
CA PRO C 37 -1.66 -0.45 10.77
C PRO C 37 -0.83 -0.92 9.56
N PHE C 38 0.34 -0.31 9.37
CA PHE C 38 1.13 -0.54 8.16
C PHE C 38 1.88 -1.88 8.18
N GLY C 39 1.88 -2.57 9.32
CA GLY C 39 2.51 -3.91 9.39
C GLY C 39 1.73 -4.86 8.54
N GLY C 40 0.45 -4.57 8.33
CA GLY C 40 -0.39 -5.34 7.42
C GLY C 40 -0.88 -6.70 7.90
N LYS C 41 -0.63 -7.04 9.17
CA LYS C 41 -0.96 -8.40 9.63
C LYS C 41 -2.42 -8.48 10.15
N LYS C 42 -3.07 -9.62 9.92
CA LYS C 42 -4.45 -9.81 10.34
C LYS C 42 -4.63 -11.17 11.00
N GLN C 43 -5.59 -11.28 11.92
CA GLN C 43 -5.93 -12.55 12.58
C GLN C 43 -6.98 -13.33 11.80
N ALA C 48 -9.27 -8.71 11.51
CA ALA C 48 -8.88 -8.32 12.85
C ALA C 48 -7.37 -8.03 12.92
N HIS C 49 -7.00 -6.80 13.25
CA HIS C 49 -5.58 -6.42 13.26
C HIS C 49 -4.74 -7.17 14.27
N VAL C 50 -3.55 -7.61 13.84
N VAL C 50 -3.53 -7.57 13.82
CA VAL C 50 -2.58 -8.14 14.80
CA VAL C 50 -2.53 -8.15 14.71
C VAL C 50 -1.31 -7.31 14.72
C VAL C 50 -1.36 -7.17 14.68
N ASN C 51 -0.97 -6.68 15.85
CA ASN C 51 0.20 -5.78 15.94
C ASN C 51 1.43 -6.46 15.41
N SER C 52 2.20 -5.76 14.57
CA SER C 52 3.39 -6.36 13.94
C SER C 52 4.35 -5.28 13.51
N LEU C 53 5.59 -5.70 13.27
CA LEU C 53 6.61 -4.82 12.79
C LEU C 53 6.08 -3.93 11.69
N GLY C 54 6.28 -2.62 11.85
CA GLY C 54 5.94 -1.69 10.84
C GLY C 54 4.61 -0.92 11.02
N ASP C 55 3.79 -1.37 11.94
CA ASP C 55 2.73 -0.48 12.43
C ASP C 55 3.44 0.77 12.96
N LEU C 56 2.88 1.96 12.69
CA LEU C 56 3.47 3.22 13.16
C LEU C 56 2.45 3.96 14.02
N VAL C 57 2.92 4.64 15.06
CA VAL C 57 2.05 5.28 16.04
C VAL C 57 2.51 6.65 16.45
N PRO C 58 2.09 7.68 15.69
CA PRO C 58 2.26 9.07 16.13
C PRO C 58 1.46 9.32 17.41
N PHE C 59 1.98 10.12 18.33
CA PHE C 59 1.27 10.33 19.60
C PHE C 59 1.68 11.64 20.25
N SER C 60 0.82 12.13 21.15
CA SER C 60 1.13 13.27 21.96
C SER C 60 0.24 13.27 23.18
N ASN C 61 0.82 13.28 24.37
CA ASN C 61 0.12 13.28 25.66
C ASN C 61 0.47 14.52 26.48
N LYS C 62 -0.20 14.69 27.62
CA LYS C 62 0.10 15.77 28.53
C LYS C 62 1.14 15.33 29.55
N ILE C 63 1.95 16.27 30.04
CA ILE C 63 2.91 15.97 31.12
C ILE C 63 2.74 16.92 32.27
N TYR C 64 2.92 16.39 33.45
CA TYR C 64 2.78 17.03 34.74
C TYR C 64 4.06 16.81 35.55
N ASP C 65 4.33 17.65 36.54
CA ASP C 65 5.50 17.50 37.39
C ASP C 65 5.30 16.34 38.37
N GLY C 66 6.37 15.99 39.08
CA GLY C 66 6.35 14.82 40.00
C GLY C 66 5.31 14.99 41.10
N SER C 67 5.01 16.23 41.49
CA SER C 67 4.04 16.45 42.57
C SER C 67 2.60 16.35 42.07
N LEU C 68 2.45 16.31 40.75
CA LEU C 68 1.11 16.26 40.12
C LEU C 68 0.29 17.56 40.32
N LYS C 69 0.98 18.59 40.76
CA LYS C 69 0.34 19.89 41.00
C LYS C 69 0.47 20.86 39.84
N THR C 70 1.33 20.53 38.89
CA THR C 70 1.63 21.47 37.81
C THR C 70 1.55 20.82 36.42
N ARG C 71 0.78 21.40 35.52
CA ARG C 71 0.85 21.04 34.11
C ARG C 71 2.08 21.64 33.48
N LEU C 72 2.96 20.78 32.93
CA LEU C 72 4.20 21.29 32.36
C LEU C 72 4.14 21.50 30.84
N GLY C 73 3.37 20.65 30.16
CA GLY C 73 3.44 20.66 28.69
C GLY C 73 2.88 19.39 28.09
N ILE C 74 3.63 18.85 27.09
CA ILE C 74 3.20 17.69 26.37
C ILE C 74 4.40 16.81 25.98
N THR C 75 4.11 15.58 25.63
CA THR C 75 5.06 14.77 24.82
C THR C 75 4.61 14.80 23.40
N ALA C 76 5.53 14.52 22.47
CA ALA C 76 5.17 14.48 21.08
C ALA C 76 6.20 13.60 20.35
N GLY C 77 5.70 12.70 19.51
CA GLY C 77 6.61 11.89 18.72
C GLY C 77 5.95 10.77 18.00
N LEU C 78 6.78 9.74 17.74
CA LEU C 78 6.43 8.65 16.84
C LEU C 78 7.01 7.34 17.38
N CYS C 79 6.17 6.31 17.47
CA CYS C 79 6.66 4.98 17.80
C CYS C 79 6.56 4.08 16.59
N THR C 80 7.54 3.19 16.44
CA THR C 80 7.53 2.15 15.42
C THR C 80 7.31 0.83 16.14
N LEU C 81 6.25 0.12 15.81
CA LEU C 81 6.02 -1.16 16.47
C LEU C 81 7.03 -2.17 15.93
N ILE C 82 7.69 -2.90 16.85
CA ILE C 82 8.75 -3.84 16.46
C ILE C 82 8.26 -5.28 16.55
N SER C 83 7.63 -5.63 17.67
CA SER C 83 7.17 -7.01 17.81
C SER C 83 6.04 -7.08 18.79
N HIS C 84 5.19 -8.09 18.61
CA HIS C 84 4.13 -8.38 19.56
C HIS C 84 4.44 -9.70 20.26
N SER C 85 4.23 -9.73 21.57
CA SER C 85 4.34 -10.95 22.38
C SER C 85 3.01 -11.44 22.85
N ASP C 86 2.61 -12.61 22.38
CA ASP C 86 1.43 -13.25 22.93
C ASP C 86 1.65 -13.65 24.39
N GLN C 87 2.83 -14.18 24.70
CA GLN C 87 3.14 -14.68 26.06
C GLN C 87 3.08 -13.56 27.10
N LYS C 88 3.60 -12.38 26.74
CA LYS C 88 3.64 -11.28 27.69
C LYS C 88 2.48 -10.35 27.51
N ASN C 89 1.62 -10.65 26.53
CA ASN C 89 0.45 -9.85 26.20
C ASN C 89 0.79 -8.35 25.96
N GLY C 90 1.73 -8.08 25.07
CA GLY C 90 2.11 -6.69 24.87
C GLY C 90 3.04 -6.53 23.69
N ASP C 91 3.54 -5.31 23.51
CA ASP C 91 4.35 -4.98 22.34
C ASP C 91 5.64 -4.28 22.71
N ARG C 92 6.65 -4.47 21.85
CA ARG C 92 7.86 -3.66 21.86
C ARG C 92 7.77 -2.61 20.77
N TYR C 93 7.99 -1.35 21.16
CA TYR C 93 8.10 -0.25 20.22
C TYR C 93 9.52 0.31 20.25
N GLU C 94 9.91 0.97 19.16
CA GLU C 94 11.09 1.84 19.13
C GLU C 94 10.55 3.26 19.04
N ALA C 95 10.89 4.10 20.01
CA ALA C 95 10.25 5.40 20.17
C ALA C 95 11.22 6.52 19.98
N LEU C 96 10.73 7.60 19.36
CA LEU C 96 11.43 8.87 19.19
C LEU C 96 10.45 9.95 19.62
N TYR C 97 10.73 10.66 20.70
CA TYR C 97 9.80 11.71 21.13
C TYR C 97 10.49 12.71 21.99
N SER C 98 9.83 13.84 22.19
CA SER C 98 10.32 14.90 23.03
C SER C 98 9.28 15.27 24.10
N PHE C 99 9.80 15.79 25.18
CA PHE C 99 9.06 16.30 26.31
C PHE C 99 9.18 17.82 26.28
N TYR C 100 8.02 18.52 26.27
CA TYR C 100 8.01 20.00 26.19
C TYR C 100 7.52 20.58 27.49
N PHE C 101 8.36 21.47 28.04
CA PHE C 101 8.15 22.03 29.40
C PHE C 101 7.85 23.53 29.35
N GLY C 102 7.11 23.98 28.32
CA GLY C 102 6.86 25.41 28.15
C GLY C 102 8.18 26.15 28.01
N ASP C 103 8.30 27.30 28.69
CA ASP C 103 9.50 28.10 28.52
C ASP C 103 10.78 27.49 29.06
N TYR C 104 10.69 26.45 29.89
CA TYR C 104 11.91 25.78 30.37
C TYR C 104 12.72 25.16 29.24
N GLY C 105 12.05 24.70 28.19
CA GLY C 105 12.75 24.02 27.11
C GLY C 105 12.13 22.67 26.84
N HIS C 106 12.92 21.82 26.20
CA HIS C 106 12.49 20.44 25.92
C HIS C 106 13.64 19.44 26.17
N ILE C 107 13.22 18.19 26.33
CA ILE C 107 14.17 17.05 26.39
C ILE C 107 13.74 16.11 25.28
N SER C 108 14.72 15.60 24.52
CA SER C 108 14.43 14.58 23.49
C SER C 108 14.96 13.20 23.97
N VAL C 109 14.25 12.17 23.58
CA VAL C 109 14.57 10.81 23.94
C VAL C 109 14.47 9.89 22.74
N GLN C 110 15.18 8.75 22.85
CA GLN C 110 15.20 7.71 21.84
C GLN C 110 15.39 6.37 22.51
N GLY C 111 14.61 5.39 22.16
CA GLY C 111 14.82 4.06 22.70
C GLY C 111 13.56 3.26 22.83
N PRO C 112 13.54 2.27 23.73
CA PRO C 112 12.46 1.30 23.72
C PRO C 112 11.27 1.70 24.60
N TYR C 113 10.09 1.41 24.11
CA TYR C 113 8.89 1.45 24.93
C TYR C 113 8.28 0.06 24.86
N ILE C 114 8.20 -0.61 25.99
CA ILE C 114 7.69 -1.98 26.04
C ILE C 114 6.43 -1.93 26.89
N THR C 115 5.31 -2.36 26.35
CA THR C 115 4.01 -2.04 27.01
C THR C 115 3.84 -2.74 28.33
N TYR C 116 4.61 -3.81 28.53
CA TYR C 116 4.41 -4.66 29.71
C TYR C 116 5.55 -4.59 30.74
N GLU C 117 6.53 -3.72 30.53
CA GLU C 117 7.63 -3.61 31.50
C GLU C 117 8.39 -2.30 31.40
N ASP C 118 9.17 -2.00 32.42
CA ASP C 118 9.91 -0.73 32.49
C ASP C 118 11.08 -0.81 31.49
N SER C 119 11.53 0.34 31.02
CA SER C 119 12.65 0.40 30.12
C SER C 119 13.46 1.66 30.39
N TYR C 120 14.62 1.77 29.74
CA TYR C 120 15.45 2.98 29.79
C TYR C 120 15.68 3.55 28.41
N LEU C 121 15.34 4.84 28.28
N LEU C 121 15.31 4.83 28.27
CA LEU C 121 15.54 5.56 27.03
CA LEU C 121 15.50 5.58 27.03
C LEU C 121 16.79 6.40 27.10
C LEU C 121 16.80 6.36 27.10
N ALA C 122 17.43 6.59 25.95
CA ALA C 122 18.51 7.55 25.83
C ALA C 122 17.98 8.97 25.89
N ILE C 123 18.63 9.83 26.64
CA ILE C 123 18.35 11.28 26.59
C ILE C 123 19.26 11.81 25.51
N THR C 124 18.68 12.25 24.38
CA THR C 124 19.51 12.57 23.23
C THR C 124 19.94 14.04 23.19
N GLY C 125 19.33 14.85 24.05
CA GLY C 125 19.65 16.26 24.16
C GLY C 125 18.45 17.06 24.54
N GLY C 126 18.57 18.38 24.49
CA GLY C 126 17.46 19.24 24.86
C GLY C 126 17.69 20.67 24.47
N SER C 127 16.85 21.56 25.02
CA SER C 127 16.98 23.00 24.78
C SER C 127 16.64 23.75 26.04
N GLY C 128 16.86 25.06 26.04
CA GLY C 128 16.54 25.86 27.23
C GLY C 128 17.39 25.42 28.41
N ILE C 129 16.74 25.17 29.55
CA ILE C 129 17.48 24.76 30.73
C ILE C 129 18.08 23.36 30.54
N PHE C 130 17.62 22.65 29.51
CA PHE C 130 18.08 21.31 29.26
C PHE C 130 19.10 21.27 28.12
N ALA C 131 19.52 22.44 27.60
CA ALA C 131 20.49 22.43 26.52
C ALA C 131 21.79 21.69 26.93
N GLY C 132 22.21 20.74 26.09
CA GLY C 132 23.44 19.97 26.36
C GLY C 132 23.24 18.78 27.27
N CYS C 133 21.98 18.49 27.65
CA CYS C 133 21.76 17.38 28.58
C CYS C 133 22.07 16.06 27.92
N TYR C 134 22.35 15.08 28.77
CA TYR C 134 22.60 13.71 28.33
C TYR C 134 22.34 12.75 29.47
N GLY C 135 22.33 11.44 29.18
CA GLY C 135 22.03 10.44 30.19
C GLY C 135 20.94 9.51 29.72
N GLN C 136 20.21 8.95 30.67
CA GLN C 136 19.14 7.98 30.40
C GLN C 136 17.92 8.30 31.24
N ALA C 137 16.77 7.80 30.80
CA ALA C 137 15.51 8.04 31.51
C ALA C 137 14.77 6.73 31.69
N LYS C 138 14.31 6.47 32.90
CA LYS C 138 13.52 5.26 33.18
C LYS C 138 12.05 5.57 32.88
N LEU C 139 11.47 4.71 32.06
CA LEU C 139 10.05 4.73 31.76
C LEU C 139 9.35 3.65 32.58
N HIS C 140 8.37 4.05 33.40
CA HIS C 140 7.63 3.12 34.22
C HIS C 140 6.15 3.21 33.90
N GLN C 141 5.50 2.10 33.57
CA GLN C 141 4.06 2.16 33.27
C GLN C 141 3.30 2.19 34.57
N ILE C 142 2.35 3.10 34.66
CA ILE C 142 1.52 3.24 35.85
C ILE C 142 0.25 2.45 35.60
N ILE C 143 -0.47 2.80 34.54
CA ILE C 143 -1.58 2.00 34.06
C ILE C 143 -1.69 2.04 32.55
N PHE C 144 -1.71 0.87 31.93
CA PHE C 144 -1.77 0.76 30.50
C PHE C 144 -3.19 0.97 30.08
N PRO C 145 -3.41 1.78 29.05
CA PRO C 145 -2.40 2.52 28.30
C PRO C 145 -2.32 4.03 28.60
N PHE C 146 -2.84 4.51 29.70
CA PHE C 146 -3.08 5.93 29.88
C PHE C 146 -2.08 6.73 30.72
N LYS C 147 -1.29 6.08 31.57
CA LYS C 147 -0.46 6.82 32.53
C LYS C 147 0.94 6.19 32.66
N LEU C 148 1.95 7.03 32.45
CA LEU C 148 3.35 6.64 32.58
C LEU C 148 4.07 7.58 33.53
N PHE C 149 5.21 7.12 34.09
CA PHE C 149 5.97 7.90 35.02
C PHE C 149 7.44 7.77 34.61
N TYR C 150 8.12 8.91 34.47
CA TYR C 150 9.51 8.97 34.03
C TYR C 150 10.43 9.48 35.13
N THR C 151 11.62 8.90 35.17
CA THR C 151 12.72 9.46 35.95
C THR C 151 13.84 9.76 34.96
N PHE C 152 14.09 11.03 34.71
CA PHE C 152 15.22 11.45 33.89
C PHE C 152 16.44 11.57 34.76
N TYR C 153 17.52 10.85 34.40
CA TYR C 153 18.78 10.98 35.16
C TYR C 153 19.67 11.91 34.36
N LEU C 154 19.42 13.20 34.57
CA LEU C 154 20.01 14.25 33.71
C LEU C 154 21.44 14.62 34.09
N GLN C 155 22.30 14.59 33.10
CA GLN C 155 23.68 15.02 33.26
C GLN C 155 23.94 16.22 32.38
N GLY C 156 24.95 17.00 32.72
CA GLY C 156 25.43 18.05 31.83
C GLY C 156 24.75 19.40 31.92
N ILE C 157 23.84 19.58 32.86
CA ILE C 157 23.11 20.86 32.93
C ILE C 157 23.19 21.50 34.30
N LYS C 158 22.85 22.77 34.36
CA LYS C 158 22.84 23.49 35.62
C LYS C 158 21.71 23.00 36.54
N LYS C 159 21.78 23.38 37.81
CA LYS C 159 20.80 22.97 38.80
C LYS C 159 19.40 23.24 38.32
N LEU C 160 18.54 22.23 38.36
CA LEU C 160 17.15 22.40 37.91
C LEU C 160 16.43 23.39 38.81
N PRO C 161 15.48 24.16 38.26
CA PRO C 161 14.70 25.11 39.10
C PRO C 161 13.89 24.34 40.13
N GLU C 162 13.72 24.93 41.31
CA GLU C 162 12.96 24.32 42.40
C GLU C 162 11.57 23.86 42.01
N ALA C 163 10.93 24.64 41.13
CA ALA C 163 9.59 24.32 40.66
C ALA C 163 9.49 22.93 40.01
N LEU C 164 10.60 22.44 39.45
CA LEU C 164 10.63 21.14 38.77
C LEU C 164 11.07 20.05 39.71
N CYS C 165 11.41 20.39 40.96
CA CYS C 165 12.02 19.44 41.92
C CYS C 165 11.21 19.34 43.20
N ALA C 166 9.90 19.52 43.09
CA ALA C 166 9.03 19.38 44.27
C ALA C 166 8.96 17.92 44.69
N PRO C 167 8.55 17.68 45.96
CA PRO C 167 8.42 16.29 46.46
C PRO C 167 7.50 15.46 45.52
N CYS C 168 7.99 14.31 45.11
CA CYS C 168 7.28 13.56 44.11
C CYS C 168 6.19 12.70 44.76
N VAL C 169 5.02 12.67 44.13
CA VAL C 169 3.98 11.70 44.46
C VAL C 169 4.49 10.28 44.09
N PRO C 170 4.54 9.33 45.05
CA PRO C 170 4.97 7.98 44.67
C PRO C 170 4.04 7.40 43.59
N PRO C 171 4.61 6.80 42.54
CA PRO C 171 3.78 6.17 41.51
C PRO C 171 2.90 5.04 42.06
N SER C 172 1.64 5.07 41.64
CA SER C 172 0.71 3.96 41.91
C SER C 172 -0.47 4.13 40.96
N PRO C 173 -1.25 3.08 40.75
CA PRO C 173 -2.30 3.11 39.73
C PRO C 173 -3.33 4.22 39.87
N SER C 174 -3.56 4.69 41.08
CA SER C 174 -4.65 5.65 41.32
C SER C 174 -4.25 7.13 41.24
N VAL C 175 -2.97 7.42 41.04
CA VAL C 175 -2.50 8.81 40.94
C VAL C 175 -3.13 9.57 39.79
N ALA C 176 -3.22 10.87 39.95
CA ALA C 176 -3.76 11.71 38.87
C ALA C 176 -3.42 13.15 39.17
N PRO C 177 -3.45 14.00 38.15
CA PRO C 177 -3.13 15.41 38.34
C PRO C 177 -4.13 16.09 39.27
N ALA C 178 -3.66 17.08 40.03
CA ALA C 178 -4.56 17.95 40.80
C ALA C 178 -5.56 18.54 39.86
N ASP C 179 -6.79 18.72 40.35
CA ASP C 179 -7.85 19.31 39.54
C ASP C 179 -7.43 20.66 38.95
N GLU C 180 -6.73 21.48 39.75
CA GLU C 180 -6.27 22.80 39.30
C GLU C 180 -5.21 22.72 38.22
N ALA C 181 -4.46 21.61 38.21
CA ALA C 181 -3.52 21.34 37.12
C ALA C 181 -4.21 20.89 35.85
N LYS C 182 -5.20 20.00 36.00
CA LYS C 182 -5.99 19.55 34.87
C LYS C 182 -6.68 20.74 34.19
N GLN C 183 -7.10 21.73 34.98
CA GLN C 183 -7.81 22.89 34.45
C GLN C 183 -6.84 24.01 34.01
N CYS C 184 -5.54 23.76 34.18
CA CYS C 184 -4.51 24.72 33.76
C CYS C 184 -4.64 26.08 34.44
N LEU C 185 -4.96 26.05 35.74
CA LEU C 185 -5.25 27.31 36.46
C LEU C 185 -3.92 27.96 36.90
N PRO C 186 -3.99 29.27 37.21
CA PRO C 186 -2.81 30.00 37.69
C PRO C 186 -2.21 29.30 38.92
N ASN C 187 -0.89 29.31 39.00
CA ASN C 187 -0.14 28.64 40.05
C ASN C 187 0.01 27.18 39.80
N HIS C 188 -0.58 26.68 38.71
CA HIS C 188 -0.50 25.22 38.42
C HIS C 188 -0.09 24.88 37.00
N VAL C 189 0.62 25.82 36.41
CA VAL C 189 1.15 25.64 35.08
C VAL C 189 2.59 26.11 35.01
N ALA C 190 3.40 25.43 34.17
CA ALA C 190 4.71 25.95 33.84
C ALA C 190 4.55 27.26 33.07
N PRO C 191 5.59 28.11 33.09
CA PRO C 191 5.55 29.34 32.28
C PRO C 191 5.30 29.03 30.81
N ASN C 192 4.23 29.60 30.25
CA ASN C 192 3.83 29.35 28.89
C ASN C 192 3.91 27.85 28.61
N PHE C 193 3.20 27.11 29.45
CA PHE C 193 3.19 25.65 29.35
C PHE C 193 2.79 25.21 27.95
N THR C 194 3.38 24.12 27.47
CA THR C 194 3.13 23.75 26.08
C THR C 194 1.76 23.15 25.91
N LYS C 195 1.00 23.72 24.96
CA LYS C 195 -0.37 23.28 24.71
C LYS C 195 -0.47 22.31 23.56
N HIS D 16 -16.04 -30.51 -39.62
CA HIS D 16 -15.30 -31.66 -39.09
C HIS D 16 -14.70 -31.31 -37.72
N VAL D 17 -15.04 -32.11 -36.73
CA VAL D 17 -14.56 -31.89 -35.35
C VAL D 17 -13.47 -32.89 -35.04
N GLN D 18 -12.39 -32.39 -34.44
CA GLN D 18 -11.34 -33.26 -33.88
C GLN D 18 -11.32 -33.12 -32.37
N GLU D 19 -11.39 -34.24 -31.66
CA GLU D 19 -11.32 -34.19 -30.21
C GLU D 19 -9.90 -34.20 -29.69
N LEU D 20 -9.61 -33.29 -28.76
CA LEU D 20 -8.30 -33.24 -28.10
C LEU D 20 -8.53 -33.29 -26.61
N PHE D 21 -7.91 -34.26 -25.95
CA PHE D 21 -8.09 -34.39 -24.50
C PHE D 21 -6.88 -33.84 -23.76
N VAL D 22 -7.13 -33.09 -22.69
CA VAL D 22 -6.08 -32.48 -21.90
C VAL D 22 -6.37 -32.60 -20.42
N TYR D 23 -5.35 -32.99 -19.66
CA TYR D 23 -5.42 -32.93 -18.21
C TYR D 23 -4.79 -31.65 -17.69
N GLU D 24 -5.47 -30.98 -16.77
CA GLU D 24 -4.94 -29.81 -16.11
C GLU D 24 -4.76 -30.12 -14.63
N ILE D 25 -3.53 -29.93 -14.13
N ILE D 25 -3.54 -29.93 -14.13
CA ILE D 25 -3.24 -30.30 -12.74
CA ILE D 25 -3.26 -30.29 -12.75
C ILE D 25 -2.56 -29.15 -12.04
C ILE D 25 -2.56 -29.16 -12.03
N ASN D 26 -3.08 -28.78 -10.87
CA ASN D 26 -2.37 -27.85 -10.01
C ASN D 26 -1.45 -28.66 -9.11
N GLU D 27 -0.15 -28.62 -9.41
CA GLU D 27 0.87 -29.40 -8.67
C GLU D 27 1.44 -28.61 -7.51
N ARG D 28 0.82 -27.47 -7.21
CA ARG D 28 1.09 -26.71 -5.99
C ARG D 28 2.49 -26.11 -6.00
N ASP D 29 3.06 -25.92 -7.18
CA ASP D 29 4.43 -25.42 -7.32
C ASP D 29 4.56 -24.12 -8.14
N ARG D 30 3.43 -23.47 -8.44
CA ARG D 30 3.41 -22.25 -9.28
C ARG D 30 2.76 -21.07 -8.49
N GLY D 31 2.59 -21.24 -7.18
CA GLY D 31 1.93 -20.25 -6.33
C GLY D 31 0.50 -19.90 -6.77
N SER D 32 -0.20 -20.88 -7.33
CA SER D 32 -1.51 -20.66 -7.94
C SER D 32 -2.58 -21.46 -7.20
N PRO D 33 -3.84 -20.96 -7.17
CA PRO D 33 -4.30 -19.69 -7.69
C PRO D 33 -4.09 -18.58 -6.68
N VAL D 34 -4.26 -17.34 -7.12
CA VAL D 34 -4.18 -16.16 -6.26
C VAL D 34 -5.62 -15.65 -6.08
N PHE D 35 -6.17 -15.82 -4.89
CA PHE D 35 -7.54 -15.41 -4.66
C PHE D 35 -7.55 -13.98 -4.17
N LEU D 36 -8.11 -13.08 -4.98
CA LEU D 36 -8.21 -11.68 -4.64
C LEU D 36 -9.66 -11.35 -4.20
N PRO D 37 -9.86 -11.12 -2.91
CA PRO D 37 -11.24 -11.03 -2.34
C PRO D 37 -11.91 -9.69 -2.55
N PHE D 38 -11.94 -9.25 -3.80
CA PHE D 38 -12.43 -7.89 -4.12
C PHE D 38 -13.96 -7.72 -4.06
N GLY D 39 -14.69 -8.83 -3.93
CA GLY D 39 -16.14 -8.74 -3.70
C GLY D 39 -16.42 -8.13 -2.34
N GLY D 40 -15.45 -8.29 -1.43
CA GLY D 40 -15.46 -7.61 -0.14
C GLY D 40 -16.51 -8.13 0.85
N LYS D 41 -17.15 -9.26 0.56
CA LYS D 41 -18.20 -9.80 1.41
C LYS D 41 -17.64 -10.59 2.58
N LYS D 42 -18.20 -10.34 3.77
CA LYS D 42 -17.73 -11.02 5.01
C LYS D 42 -18.88 -11.68 5.76
N GLN D 43 -18.60 -12.83 6.38
CA GLN D 43 -19.59 -13.57 7.19
C GLN D 43 -20.14 -12.73 8.35
N ASP D 47 -16.72 -11.49 10.24
CA ASP D 47 -15.32 -11.92 10.08
C ASP D 47 -14.94 -12.55 8.71
N ALA D 48 -15.33 -13.81 8.47
CA ALA D 48 -14.75 -14.65 7.42
C ALA D 48 -15.20 -14.15 6.02
N HIS D 49 -14.41 -14.43 4.98
CA HIS D 49 -14.73 -14.02 3.60
C HIS D 49 -15.88 -14.84 3.05
N VAL D 50 -16.79 -14.18 2.35
CA VAL D 50 -17.84 -14.89 1.66
C VAL D 50 -17.61 -14.65 0.17
N ASN D 51 -17.48 -15.73 -0.62
CA ASN D 51 -17.30 -15.57 -2.10
C ASN D 51 -18.44 -14.80 -2.70
N SER D 52 -18.12 -13.84 -3.56
CA SER D 52 -19.19 -13.03 -4.19
C SER D 52 -18.69 -12.36 -5.43
N LEU D 53 -19.64 -11.79 -6.20
CA LEU D 53 -19.35 -11.09 -7.44
C LEU D 53 -18.18 -10.14 -7.20
N GLY D 54 -17.15 -10.23 -8.05
CA GLY D 54 -16.07 -9.29 -7.91
C GLY D 54 -14.77 -9.82 -7.35
N ASP D 55 -14.84 -10.99 -6.69
CA ASP D 55 -13.60 -11.67 -6.34
C ASP D 55 -12.93 -12.06 -7.66
N LEU D 56 -11.62 -11.91 -7.70
CA LEU D 56 -10.85 -12.21 -8.92
C LEU D 56 -9.79 -13.27 -8.65
N VAL D 57 -9.56 -14.15 -9.61
CA VAL D 57 -8.63 -15.25 -9.37
C VAL D 57 -7.73 -15.50 -10.58
N PRO D 58 -6.57 -14.85 -10.58
CA PRO D 58 -5.50 -15.22 -11.51
C PRO D 58 -4.99 -16.63 -11.24
N PHE D 59 -4.65 -17.37 -12.27
CA PHE D 59 -4.18 -18.75 -12.09
C PHE D 59 -3.33 -19.25 -13.20
N SER D 60 -2.56 -20.31 -12.91
CA SER D 60 -1.77 -21.00 -13.92
C SER D 60 -1.42 -22.40 -13.44
N ASN D 61 -1.85 -23.41 -14.14
CA ASN D 61 -1.57 -24.83 -13.80
C ASN D 61 -0.79 -25.48 -14.89
N LYS D 62 -0.39 -26.74 -14.68
CA LYS D 62 0.27 -27.52 -15.69
C LYS D 62 -0.69 -28.36 -16.49
N ILE D 63 -0.35 -28.59 -17.77
CA ILE D 63 -1.20 -29.45 -18.58
C ILE D 63 -0.43 -30.60 -19.19
N TYR D 64 -1.13 -31.72 -19.29
CA TYR D 64 -0.59 -32.98 -19.82
C TYR D 64 -1.52 -33.52 -20.88
N ASP D 65 -1.03 -34.39 -21.74
CA ASP D 65 -1.88 -35.01 -22.75
C ASP D 65 -2.82 -36.04 -22.13
N GLY D 66 -3.73 -36.57 -22.94
CA GLY D 66 -4.75 -37.50 -22.48
C GLY D 66 -4.16 -38.77 -21.91
N SER D 67 -2.99 -39.20 -22.43
CA SER D 67 -2.35 -40.44 -21.95
C SER D 67 -1.65 -40.22 -20.61
N LEU D 68 -1.49 -38.98 -20.19
CA LEU D 68 -0.76 -38.59 -18.98
C LEU D 68 0.73 -38.94 -19.06
N LYS D 69 1.23 -39.24 -20.26
CA LYS D 69 2.65 -39.54 -20.45
C LYS D 69 3.45 -38.36 -20.92
N THR D 70 2.81 -37.23 -21.27
CA THR D 70 3.55 -36.09 -21.84
C THR D 70 3.13 -34.80 -21.16
N ARG D 71 4.10 -34.07 -20.62
CA ARG D 71 3.87 -32.69 -20.19
C ARG D 71 3.83 -31.81 -21.43
N LEU D 72 2.70 -31.12 -21.60
CA LEU D 72 2.50 -30.24 -22.80
C LEU D 72 2.87 -28.81 -22.50
N GLY D 73 2.53 -28.30 -21.33
CA GLY D 73 2.69 -26.89 -21.06
C GLY D 73 1.96 -26.45 -19.83
N ILE D 74 1.23 -25.33 -19.96
CA ILE D 74 0.54 -24.70 -18.84
C ILE D 74 -0.80 -24.14 -19.28
N THR D 75 -1.66 -23.90 -18.32
CA THR D 75 -2.78 -22.93 -18.51
C THR D 75 -2.37 -21.64 -17.89
N ALA D 76 -3.01 -20.53 -18.34
CA ALA D 76 -2.73 -19.24 -17.75
C ALA D 76 -3.97 -18.35 -17.99
N GLY D 77 -4.44 -17.67 -16.94
CA GLY D 77 -5.55 -16.74 -17.12
C GLY D 77 -6.14 -16.22 -15.86
N LEU D 78 -7.41 -15.81 -15.95
CA LEU D 78 -8.08 -15.05 -14.94
C LEU D 78 -9.56 -15.44 -14.85
N CYS D 79 -10.00 -15.76 -13.63
CA CYS D 79 -11.43 -15.99 -13.38
C CYS D 79 -12.05 -14.84 -12.60
N THR D 80 -13.27 -14.48 -12.96
CA THR D 80 -14.06 -13.50 -12.23
C THR D 80 -15.17 -14.26 -11.54
N LEU D 81 -15.24 -14.12 -10.22
N LEU D 81 -15.20 -14.19 -10.23
CA LEU D 81 -16.29 -14.77 -9.42
CA LEU D 81 -16.30 -14.85 -9.51
C LEU D 81 -17.64 -14.08 -9.62
C LEU D 81 -17.58 -14.08 -9.76
N ILE D 82 -18.64 -14.82 -10.10
CA ILE D 82 -19.94 -14.20 -10.44
C ILE D 82 -20.95 -14.43 -9.34
N SER D 83 -21.05 -15.65 -8.87
CA SER D 83 -22.03 -15.92 -7.77
C SER D 83 -21.64 -17.16 -6.97
N HIS D 84 -22.05 -17.17 -5.72
CA HIS D 84 -21.88 -18.31 -4.85
C HIS D 84 -23.24 -18.94 -4.54
N SER D 85 -23.28 -20.26 -4.55
CA SER D 85 -24.50 -21.02 -4.22
C SER D 85 -24.27 -21.82 -2.97
N ASP D 86 -24.94 -21.46 -1.87
CA ASP D 86 -24.93 -22.28 -0.67
C ASP D 86 -25.58 -23.61 -0.95
N GLN D 87 -26.69 -23.60 -1.71
CA GLN D 87 -27.39 -24.85 -2.03
C GLN D 87 -26.44 -25.87 -2.68
N LYS D 88 -25.69 -25.40 -3.68
CA LYS D 88 -24.80 -26.30 -4.42
C LYS D 88 -23.39 -26.34 -3.81
N ASN D 89 -23.14 -25.55 -2.76
CA ASN D 89 -21.81 -25.47 -2.13
C ASN D 89 -20.70 -25.18 -3.16
N GLY D 90 -20.92 -24.16 -3.97
CA GLY D 90 -19.96 -23.86 -5.01
C GLY D 90 -20.18 -22.49 -5.65
N ASP D 91 -19.38 -22.21 -6.65
CA ASP D 91 -19.37 -20.89 -7.28
C ASP D 91 -19.45 -20.95 -8.79
N ARG D 92 -20.04 -19.92 -9.39
CA ARG D 92 -19.93 -19.68 -10.83
C ARG D 92 -18.85 -18.65 -11.03
N TYR D 93 -17.93 -18.95 -11.94
CA TYR D 93 -16.95 -17.97 -12.42
C TYR D 93 -17.12 -17.73 -13.90
N GLU D 94 -16.63 -16.56 -14.35
CA GLU D 94 -16.50 -16.30 -15.77
C GLU D 94 -15.01 -16.28 -16.06
N ALA D 95 -14.56 -17.13 -16.98
CA ALA D 95 -13.13 -17.40 -17.11
C ALA D 95 -12.58 -17.04 -18.49
N LEU D 96 -11.38 -16.48 -18.50
CA LEU D 96 -10.64 -16.25 -19.70
C LEU D 96 -9.24 -16.81 -19.49
N TYR D 97 -8.87 -17.79 -20.31
CA TYR D 97 -7.54 -18.36 -20.19
C TYR D 97 -7.09 -19.04 -21.43
N SER D 98 -5.78 -19.35 -21.47
CA SER D 98 -5.18 -20.06 -22.58
C SER D 98 -4.47 -21.34 -22.12
N PHE D 99 -4.38 -22.26 -23.06
CA PHE D 99 -3.62 -23.52 -22.91
C PHE D 99 -2.43 -23.43 -23.82
N TYR D 100 -1.22 -23.65 -23.27
CA TYR D 100 0.02 -23.53 -24.01
C TYR D 100 0.63 -24.90 -24.19
N PHE D 101 0.94 -25.25 -25.43
CA PHE D 101 1.39 -26.58 -25.82
C PHE D 101 2.79 -26.53 -26.42
N GLY D 102 3.68 -25.70 -25.84
CA GLY D 102 5.00 -25.56 -26.41
C GLY D 102 4.94 -25.14 -27.88
N ASP D 103 5.76 -25.73 -28.73
CA ASP D 103 5.86 -25.32 -30.13
C ASP D 103 4.62 -25.68 -30.95
N TYR D 104 3.74 -26.49 -30.40
CA TYR D 104 2.47 -26.75 -31.11
C TYR D 104 1.64 -25.47 -31.19
N GLY D 105 1.77 -24.56 -30.24
CA GLY D 105 0.94 -23.36 -30.21
C GLY D 105 0.11 -23.28 -28.98
N HIS D 106 -0.96 -22.51 -29.02
CA HIS D 106 -1.86 -22.32 -27.91
C HIS D 106 -3.32 -22.34 -28.36
N ILE D 107 -4.20 -22.62 -27.40
CA ILE D 107 -5.64 -22.47 -27.60
C ILE D 107 -6.17 -21.52 -26.55
N SER D 108 -7.02 -20.57 -26.93
CA SER D 108 -7.63 -19.65 -25.98
C SER D 108 -9.12 -20.01 -25.80
N VAL D 109 -9.61 -19.80 -24.59
CA VAL D 109 -11.01 -20.09 -24.26
C VAL D 109 -11.64 -18.99 -23.43
N GLN D 110 -12.97 -18.96 -23.46
CA GLN D 110 -13.73 -17.96 -22.73
C GLN D 110 -15.07 -18.58 -22.36
N GLY D 111 -15.49 -18.43 -21.12
CA GLY D 111 -16.84 -18.87 -20.73
C GLY D 111 -16.88 -19.35 -19.28
N PRO D 112 -17.83 -20.23 -18.97
CA PRO D 112 -18.13 -20.49 -17.58
C PRO D 112 -17.27 -21.56 -16.94
N TYR D 113 -16.85 -21.29 -15.71
CA TYR D 113 -16.23 -22.34 -14.87
C TYR D 113 -17.07 -22.43 -13.61
N ILE D 114 -17.70 -23.57 -13.42
CA ILE D 114 -18.65 -23.74 -12.33
C ILE D 114 -18.04 -24.82 -11.43
N THR D 115 -17.84 -24.53 -10.14
CA THR D 115 -17.00 -25.40 -9.33
C THR D 115 -17.66 -26.72 -9.06
N TYR D 116 -19.00 -26.78 -9.24
CA TYR D 116 -19.76 -27.98 -8.88
C TYR D 116 -20.36 -28.77 -10.06
N GLU D 117 -20.09 -28.34 -11.30
CA GLU D 117 -20.56 -29.12 -12.43
C GLU D 117 -19.79 -28.84 -13.69
N ASP D 118 -19.89 -29.76 -14.65
CA ASP D 118 -19.21 -29.57 -15.94
C ASP D 118 -19.82 -28.36 -16.67
N SER D 119 -19.06 -27.85 -17.61
CA SER D 119 -19.51 -26.71 -18.44
C SER D 119 -18.85 -26.75 -19.80
N TYR D 120 -19.32 -25.94 -20.72
CA TYR D 120 -18.71 -25.78 -22.02
C TYR D 120 -18.19 -24.37 -22.23
N LEU D 121 -16.90 -24.25 -22.56
N LEU D 121 -16.90 -24.28 -22.57
CA LEU D 121 -16.34 -22.96 -22.86
CA LEU D 121 -16.26 -23.02 -22.88
C LEU D 121 -16.20 -22.76 -24.37
C LEU D 121 -16.24 -22.76 -24.39
N ALA D 122 -16.26 -21.50 -24.82
CA ALA D 122 -15.98 -21.18 -26.19
C ALA D 122 -14.47 -21.32 -26.45
N ILE D 123 -14.12 -21.90 -27.60
CA ILE D 123 -12.74 -21.86 -28.11
C ILE D 123 -12.65 -20.59 -28.97
N THR D 124 -11.88 -19.62 -28.52
CA THR D 124 -11.88 -18.32 -29.14
C THR D 124 -10.84 -18.17 -30.24
N GLY D 125 -9.91 -19.10 -30.31
CA GLY D 125 -8.88 -19.14 -31.34
C GLY D 125 -7.62 -19.75 -30.83
N GLY D 126 -6.57 -19.64 -31.61
CA GLY D 126 -5.30 -20.21 -31.16
C GLY D 126 -4.16 -19.80 -32.04
N SER D 127 -3.05 -20.50 -31.94
CA SER D 127 -1.87 -20.21 -32.72
C SER D 127 -1.18 -21.52 -33.08
N GLY D 128 -0.17 -21.46 -33.96
CA GLY D 128 0.57 -22.65 -34.33
C GLY D 128 -0.35 -23.63 -35.05
N ILE D 129 -0.33 -24.89 -34.66
CA ILE D 129 -1.22 -25.88 -35.31
C ILE D 129 -2.69 -25.61 -34.97
N PHE D 130 -2.92 -24.72 -34.01
CA PHE D 130 -4.26 -24.33 -33.62
C PHE D 130 -4.72 -23.04 -34.23
N ALA D 131 -3.91 -22.41 -35.09
CA ALA D 131 -4.32 -21.12 -35.70
C ALA D 131 -5.62 -21.29 -36.44
N GLY D 132 -6.57 -20.40 -36.13
CA GLY D 132 -7.87 -20.42 -36.82
C GLY D 132 -8.87 -21.41 -36.24
N CYS D 133 -8.52 -22.03 -35.12
CA CYS D 133 -9.43 -23.00 -34.51
C CYS D 133 -10.67 -22.33 -33.92
N TYR D 134 -11.74 -23.11 -33.85
CA TYR D 134 -12.98 -22.62 -33.28
C TYR D 134 -13.77 -23.82 -32.75
N GLY D 135 -14.83 -23.57 -32.03
CA GLY D 135 -15.62 -24.62 -31.42
C GLY D 135 -15.85 -24.41 -29.93
N GLN D 136 -16.08 -25.50 -29.23
CA GLN D 136 -16.33 -25.47 -27.79
C GLN D 136 -15.49 -26.54 -27.11
N ALA D 137 -15.27 -26.36 -25.82
CA ALA D 137 -14.50 -27.34 -25.01
C ALA D 137 -15.27 -27.68 -23.76
N LYS D 138 -15.38 -28.96 -23.48
CA LYS D 138 -16.02 -29.43 -22.26
C LYS D 138 -15.01 -29.42 -21.11
N LEU D 139 -15.35 -28.75 -20.03
CA LEU D 139 -14.56 -28.72 -18.79
C LEU D 139 -15.21 -29.70 -17.83
N HIS D 140 -14.44 -30.70 -17.37
CA HIS D 140 -14.89 -31.66 -16.39
C HIS D 140 -14.01 -31.56 -15.15
N GLN D 141 -14.59 -31.30 -13.97
CA GLN D 141 -13.79 -31.21 -12.77
C GLN D 141 -13.63 -32.63 -12.21
N ILE D 142 -12.39 -33.04 -11.96
CA ILE D 142 -12.14 -34.36 -11.42
C ILE D 142 -12.08 -34.24 -9.91
N ILE D 143 -11.24 -33.36 -9.40
CA ILE D 143 -11.17 -33.02 -7.96
C ILE D 143 -11.05 -31.50 -7.82
N PHE D 144 -12.00 -30.89 -7.15
CA PHE D 144 -12.01 -29.44 -6.99
C PHE D 144 -10.92 -28.97 -6.04
N PRO D 145 -10.07 -27.99 -6.48
CA PRO D 145 -9.98 -27.50 -7.84
C PRO D 145 -8.64 -27.87 -8.44
N PHE D 146 -8.04 -28.98 -7.98
CA PHE D 146 -6.69 -29.32 -8.36
C PHE D 146 -6.53 -30.18 -9.59
N LYS D 147 -7.59 -30.85 -10.05
CA LYS D 147 -7.45 -31.70 -11.26
C LYS D 147 -8.68 -31.56 -12.11
N LEU D 148 -8.47 -31.17 -13.37
CA LEU D 148 -9.54 -30.98 -14.34
C LEU D 148 -9.19 -31.72 -15.64
N PHE D 149 -10.22 -32.03 -16.41
CA PHE D 149 -10.05 -32.76 -17.65
C PHE D 149 -10.86 -32.05 -18.75
N TYR D 150 -10.24 -31.77 -19.87
CA TYR D 150 -10.90 -31.08 -20.97
C TYR D 150 -11.02 -31.89 -22.22
N THR D 151 -12.15 -31.75 -22.90
CA THR D 151 -12.32 -32.26 -24.25
C THR D 151 -12.51 -31.06 -25.18
N PHE D 152 -11.52 -30.74 -25.98
CA PHE D 152 -11.65 -29.67 -26.95
C PHE D 152 -12.27 -30.26 -28.21
N TYR D 153 -13.39 -29.69 -28.66
CA TYR D 153 -14.03 -30.11 -29.93
C TYR D 153 -13.58 -29.13 -30.99
N LEU D 154 -12.40 -29.40 -31.53
CA LEU D 154 -11.72 -28.43 -32.43
C LEU D 154 -12.19 -28.48 -33.86
N GLN D 155 -12.59 -27.31 -34.37
CA GLN D 155 -12.90 -27.17 -35.79
C GLN D 155 -11.93 -26.22 -36.44
N GLY D 156 -11.75 -26.36 -37.76
CA GLY D 156 -11.05 -25.36 -38.52
C GLY D 156 -9.56 -25.57 -38.70
N ILE D 157 -9.04 -26.70 -38.21
CA ILE D 157 -7.61 -26.90 -38.26
C ILE D 157 -7.20 -28.20 -38.92
N LYS D 158 -5.93 -28.30 -39.31
CA LYS D 158 -5.47 -29.54 -39.94
C LYS D 158 -5.43 -30.69 -38.93
N LYS D 159 -5.33 -31.91 -39.47
CA LYS D 159 -5.27 -33.12 -38.64
C LYS D 159 -4.23 -32.98 -37.52
N LEU D 160 -4.65 -33.24 -36.29
CA LEU D 160 -3.78 -33.13 -35.14
C LEU D 160 -2.67 -34.17 -35.24
N PRO D 161 -1.47 -33.83 -34.77
CA PRO D 161 -0.37 -34.82 -34.75
C PRO D 161 -0.70 -35.99 -33.86
N GLU D 162 -0.20 -37.15 -34.23
CA GLU D 162 -0.49 -38.38 -33.49
C GLU D 162 -0.07 -38.29 -32.02
N ALA D 163 0.99 -37.52 -31.75
CA ALA D 163 1.47 -37.38 -30.36
C ALA D 163 0.40 -36.80 -29.44
N LEU D 164 -0.54 -36.04 -30.00
CA LEU D 164 -1.57 -35.43 -29.16
C LEU D 164 -2.82 -36.30 -29.06
N CYS D 165 -2.81 -37.46 -29.70
CA CYS D 165 -3.99 -38.30 -29.85
C CYS D 165 -3.77 -39.72 -29.33
N ALA D 166 -2.88 -39.87 -28.34
CA ALA D 166 -2.64 -41.19 -27.74
C ALA D 166 -3.87 -41.65 -26.94
N PRO D 167 -3.99 -42.96 -26.72
CA PRO D 167 -5.12 -43.47 -25.92
C PRO D 167 -5.22 -42.74 -24.58
N CYS D 168 -6.43 -42.34 -24.23
CA CYS D 168 -6.67 -41.42 -23.14
C CYS D 168 -7.00 -42.16 -21.85
N VAL D 169 -6.28 -41.83 -20.78
CA VAL D 169 -6.62 -42.38 -19.47
C VAL D 169 -8.01 -41.87 -19.08
N PRO D 170 -8.90 -42.78 -18.65
CA PRO D 170 -10.22 -42.28 -18.22
C PRO D 170 -10.05 -41.42 -16.97
N PRO D 171 -10.71 -40.26 -16.96
CA PRO D 171 -10.50 -39.39 -15.78
C PRO D 171 -11.13 -39.96 -14.50
N SER D 172 -10.40 -39.85 -13.42
CA SER D 172 -10.88 -40.24 -12.09
C SER D 172 -9.94 -39.60 -11.06
N PRO D 173 -10.37 -39.51 -9.79
CA PRO D 173 -9.58 -38.79 -8.82
C PRO D 173 -8.14 -39.25 -8.60
N SER D 174 -7.85 -40.54 -8.81
CA SER D 174 -6.49 -41.04 -8.53
C SER D 174 -5.52 -40.77 -9.65
N VAL D 175 -5.99 -40.36 -10.83
CA VAL D 175 -5.05 -40.32 -11.95
C VAL D 175 -3.91 -39.33 -11.71
N ALA D 176 -2.75 -39.63 -12.28
CA ALA D 176 -1.56 -38.80 -12.08
C ALA D 176 -0.69 -38.86 -13.31
N PRO D 177 0.05 -37.77 -13.58
CA PRO D 177 1.02 -37.84 -14.66
C PRO D 177 2.05 -38.95 -14.44
N ALA D 178 2.50 -39.56 -15.51
CA ALA D 178 3.61 -40.50 -15.44
C ALA D 178 4.79 -39.79 -14.80
N ASP D 179 5.64 -40.56 -14.08
CA ASP D 179 6.84 -39.99 -13.47
C ASP D 179 7.67 -39.20 -14.49
N GLU D 180 7.80 -39.76 -15.69
CA GLU D 180 8.74 -39.15 -16.65
C GLU D 180 8.14 -37.83 -17.20
N ALA D 181 6.80 -37.72 -17.18
CA ALA D 181 6.14 -36.44 -17.56
C ALA D 181 6.23 -35.43 -16.41
N LYS D 182 5.97 -35.87 -15.19
CA LYS D 182 6.11 -35.00 -14.02
C LYS D 182 7.51 -34.44 -13.92
N GLN D 183 8.53 -35.27 -14.22
CA GLN D 183 9.94 -34.86 -14.13
C GLN D 183 10.42 -34.17 -15.43
N CYS D 184 9.53 -34.05 -16.42
CA CYS D 184 9.89 -33.39 -17.67
C CYS D 184 11.12 -33.96 -18.36
N LEU D 185 11.09 -35.29 -18.52
CA LEU D 185 12.22 -35.97 -19.16
C LEU D 185 12.07 -35.99 -20.67
N PRO D 186 13.18 -36.16 -21.40
CA PRO D 186 13.13 -36.18 -22.88
C PRO D 186 12.13 -37.21 -23.35
N ASN D 187 11.41 -36.86 -24.43
CA ASN D 187 10.41 -37.75 -25.00
C ASN D 187 9.17 -37.91 -24.15
N HIS D 188 9.09 -37.13 -23.09
CA HIS D 188 7.84 -37.05 -22.28
C HIS D 188 7.42 -35.64 -22.07
N VAL D 189 7.85 -34.78 -23.00
CA VAL D 189 7.43 -33.38 -23.04
C VAL D 189 7.14 -33.00 -24.46
N ALA D 190 6.26 -32.02 -24.65
CA ALA D 190 6.05 -31.42 -25.98
C ALA D 190 7.37 -30.76 -26.43
N PRO D 191 7.55 -30.62 -27.75
CA PRO D 191 8.64 -29.79 -28.27
C PRO D 191 8.61 -28.39 -27.65
N ASN D 192 9.71 -27.95 -27.06
CA ASN D 192 9.78 -26.69 -26.34
C ASN D 192 8.59 -26.47 -25.42
N PHE D 193 8.21 -27.51 -24.66
CA PHE D 193 7.07 -27.42 -23.77
C PHE D 193 7.07 -26.15 -22.93
N THR D 194 5.87 -25.63 -22.68
CA THR D 194 5.77 -24.37 -21.97
C THR D 194 5.97 -24.52 -20.48
N LYS D 195 6.92 -23.74 -19.96
CA LYS D 195 7.31 -23.81 -18.56
C LYS D 195 6.60 -22.73 -17.77
N HIS E 16 -7.46 -17.97 -47.12
CA HIS E 16 -6.63 -16.85 -47.62
C HIS E 16 -6.30 -15.87 -46.49
N VAL E 17 -5.01 -15.63 -46.32
CA VAL E 17 -4.54 -14.77 -45.24
C VAL E 17 -4.15 -13.41 -45.79
N GLN E 18 -4.59 -12.35 -45.10
CA GLN E 18 -4.13 -10.98 -45.42
C GLN E 18 -3.33 -10.46 -44.26
N GLU E 19 -2.14 -9.96 -44.55
CA GLU E 19 -1.29 -9.37 -43.51
C GLU E 19 -1.68 -7.92 -43.26
N LEU E 20 -1.77 -7.55 -42.00
CA LEU E 20 -1.98 -6.18 -41.58
C LEU E 20 -0.90 -5.84 -40.58
N PHE E 21 -0.15 -4.79 -40.84
CA PHE E 21 0.94 -4.37 -39.96
C PHE E 21 0.51 -3.19 -39.12
N VAL E 22 0.79 -3.26 -37.83
CA VAL E 22 0.37 -2.20 -36.90
C VAL E 22 1.48 -1.86 -35.93
N TYR E 23 1.77 -0.58 -35.76
CA TYR E 23 2.70 -0.13 -34.70
C TYR E 23 1.92 0.33 -33.51
N GLU E 24 2.32 -0.10 -32.32
CA GLU E 24 1.73 0.32 -31.07
C GLU E 24 2.77 1.08 -30.27
N ILE E 25 2.43 2.29 -29.82
N ILE E 25 2.43 2.30 -29.83
CA ILE E 25 3.36 3.18 -29.16
CA ILE E 25 3.36 3.14 -29.13
C ILE E 25 2.79 3.77 -27.89
C ILE E 25 2.74 3.66 -27.86
N ASN E 26 3.50 3.64 -26.77
CA ASN E 26 3.10 4.32 -25.58
C ASN E 26 3.76 5.68 -25.61
N GLU E 27 2.97 6.73 -25.89
CA GLU E 27 3.48 8.09 -26.00
C GLU E 27 3.45 8.86 -24.67
N ARG E 28 3.16 8.14 -23.59
CA ARG E 28 3.32 8.67 -22.25
C ARG E 28 2.29 9.73 -21.91
N ASP E 29 1.16 9.68 -22.62
CA ASP E 29 0.17 10.73 -22.49
C ASP E 29 -1.25 10.22 -22.22
N ARG E 30 -1.37 8.94 -21.84
CA ARG E 30 -2.68 8.33 -21.56
C ARG E 30 -2.74 7.74 -20.15
N GLY E 31 -1.77 8.07 -19.30
CA GLY E 31 -1.71 7.54 -17.93
C GLY E 31 -1.58 6.02 -17.90
N SER E 32 -0.92 5.47 -18.90
CA SER E 32 -0.83 4.03 -19.10
C SER E 32 0.64 3.55 -18.99
N PRO E 33 0.86 2.33 -18.48
CA PRO E 33 -0.12 1.39 -17.95
C PRO E 33 -0.37 1.63 -16.48
N VAL E 34 -1.29 0.87 -15.90
CA VAL E 34 -1.53 0.91 -14.44
C VAL E 34 -1.10 -0.44 -13.90
N PHE E 35 -0.02 -0.45 -13.15
CA PHE E 35 0.47 -1.71 -12.59
C PHE E 35 -0.10 -1.93 -11.21
N LEU E 36 -0.89 -2.99 -11.07
CA LEU E 36 -1.53 -3.33 -9.80
C LEU E 36 -0.84 -4.56 -9.16
N PRO E 37 -0.10 -4.34 -8.07
CA PRO E 37 0.81 -5.40 -7.57
C PRO E 37 0.11 -6.42 -6.67
N PHE E 38 -0.99 -6.97 -7.17
CA PHE E 38 -1.85 -7.87 -6.42
C PHE E 38 -1.26 -9.26 -6.18
N GLY E 39 -0.17 -9.61 -6.88
CA GLY E 39 0.55 -10.89 -6.64
C GLY E 39 1.11 -10.95 -5.24
N GLY E 40 1.40 -9.77 -4.65
CA GLY E 40 1.79 -9.70 -3.27
C GLY E 40 3.19 -10.26 -2.93
N LYS E 41 3.94 -10.71 -3.93
CA LYS E 41 5.23 -11.37 -3.68
C LYS E 41 6.29 -10.34 -3.29
N LYS E 42 7.14 -10.67 -2.29
CA LYS E 42 8.16 -9.76 -1.82
C LYS E 42 9.56 -10.38 -1.83
N GLN E 43 10.57 -9.53 -2.06
CA GLN E 43 11.96 -9.96 -2.14
C GLN E 43 12.57 -10.12 -0.74
N PRO E 44 13.23 -11.28 -0.52
CA PRO E 44 13.88 -11.42 0.80
C PRO E 44 14.88 -10.29 1.06
N GLY E 45 14.94 -9.84 2.31
CA GLY E 45 15.93 -8.88 2.71
C GLY E 45 15.55 -7.40 2.45
N THR E 46 14.91 -7.17 1.32
CA THR E 46 14.53 -5.82 0.93
C THR E 46 13.04 -5.57 1.09
N ASP E 47 12.26 -6.62 1.05
CA ASP E 47 10.80 -6.56 1.01
C ASP E 47 10.26 -5.80 -0.21
N ALA E 48 11.08 -5.71 -1.26
CA ALA E 48 10.64 -5.05 -2.50
C ALA E 48 9.60 -5.90 -3.20
N HIS E 49 8.71 -5.26 -3.96
CA HIS E 49 7.78 -6.01 -4.77
C HIS E 49 8.54 -6.88 -5.77
N VAL E 50 8.08 -8.12 -5.94
CA VAL E 50 8.56 -8.96 -7.02
C VAL E 50 7.37 -9.30 -7.90
N ASN E 51 7.54 -9.08 -9.22
CA ASN E 51 6.47 -9.43 -10.19
C ASN E 51 6.12 -10.91 -10.06
N SER E 52 4.82 -11.19 -10.00
CA SER E 52 4.40 -12.56 -9.78
C SER E 52 2.95 -12.76 -10.20
N LEU E 53 2.54 -14.02 -10.32
CA LEU E 53 1.20 -14.36 -10.68
C LEU E 53 0.23 -13.54 -9.85
N GLY E 54 -0.73 -12.90 -10.55
CA GLY E 54 -1.69 -12.12 -9.75
C GLY E 54 -1.58 -10.61 -9.90
N ASP E 55 -0.40 -10.12 -10.23
CA ASP E 55 -0.30 -8.69 -10.60
C ASP E 55 -1.15 -8.48 -11.86
N LEU E 56 -1.82 -7.33 -11.91
CA LEU E 56 -2.71 -7.07 -13.06
C LEU E 56 -2.32 -5.72 -13.68
N VAL E 57 -2.44 -5.63 -15.01
CA VAL E 57 -2.00 -4.41 -15.70
C VAL E 57 -2.97 -3.96 -16.78
N PRO E 58 -3.94 -3.12 -16.40
CA PRO E 58 -4.73 -2.38 -17.41
C PRO E 58 -3.84 -1.47 -18.25
N PHE E 59 -4.15 -1.34 -19.54
CA PHE E 59 -3.34 -0.47 -20.36
C PHE E 59 -4.10 0.02 -21.57
N SER E 60 -3.61 1.11 -22.15
CA SER E 60 -4.13 1.59 -23.44
C SER E 60 -3.08 2.46 -24.12
N ASN E 61 -2.64 2.02 -25.30
CA ASN E 61 -1.62 2.76 -26.09
C ASN E 61 -2.20 3.30 -27.40
N LYS E 62 -1.39 4.04 -28.15
CA LYS E 62 -1.81 4.51 -29.47
C LYS E 62 -1.36 3.55 -30.58
N ILE E 63 -2.13 3.45 -31.67
CA ILE E 63 -1.71 2.65 -32.78
C ILE E 63 -1.68 3.42 -34.08
N TYR E 64 -0.73 3.03 -34.93
CA TYR E 64 -0.45 3.66 -36.19
C TYR E 64 -0.35 2.57 -37.26
N ASP E 65 -0.53 2.95 -38.53
CA ASP E 65 -0.40 1.99 -39.61
C ASP E 65 1.06 1.60 -39.83
N GLY E 66 1.28 0.62 -40.70
CA GLY E 66 2.62 0.11 -40.97
C GLY E 66 3.56 1.17 -41.53
N SER E 67 3.04 2.13 -42.28
CA SER E 67 3.86 3.18 -42.83
C SER E 67 4.23 4.28 -41.83
N LEU E 68 3.63 4.22 -40.65
CA LEU E 68 3.79 5.23 -39.59
C LEU E 68 3.31 6.63 -40.02
N LYS E 69 2.52 6.69 -41.08
CA LYS E 69 2.01 7.96 -41.56
C LYS E 69 0.58 8.25 -41.05
N THR E 70 -0.08 7.25 -40.47
CA THR E 70 -1.50 7.44 -40.09
C THR E 70 -1.76 7.00 -38.67
N ARG E 71 -2.33 7.87 -37.85
CA ARG E 71 -2.87 7.48 -36.54
C ARG E 71 -4.15 6.72 -36.75
N LEU E 72 -4.22 5.47 -36.27
CA LEU E 72 -5.39 4.65 -36.51
C LEU E 72 -6.36 4.70 -35.33
N GLY E 73 -5.82 4.73 -34.13
CA GLY E 73 -6.66 4.54 -32.95
C GLY E 73 -5.84 4.20 -31.74
N ILE E 74 -6.34 3.20 -30.98
CA ILE E 74 -5.71 2.82 -29.68
C ILE E 74 -5.78 1.33 -29.52
N THR E 75 -4.96 0.84 -28.58
CA THR E 75 -5.20 -0.46 -27.94
C THR E 75 -5.86 -0.23 -26.59
N ALA E 76 -6.53 -1.26 -26.09
CA ALA E 76 -7.15 -1.14 -24.78
C ALA E 76 -7.32 -2.56 -24.25
N GLY E 77 -6.91 -2.78 -23.00
CA GLY E 77 -7.16 -4.08 -22.40
C GLY E 77 -6.47 -4.27 -21.08
N LEU E 78 -6.21 -5.57 -20.82
CA LEU E 78 -5.78 -5.97 -19.49
C LEU E 78 -4.82 -7.14 -19.62
N CYS E 79 -3.65 -7.04 -18.95
CA CYS E 79 -2.72 -8.17 -18.89
C CYS E 79 -2.69 -8.72 -17.46
N THR E 80 -2.68 -10.05 -17.37
CA THR E 80 -2.59 -10.73 -16.07
C THR E 80 -1.17 -11.31 -16.03
N LEU E 81 -0.38 -10.91 -15.02
CA LEU E 81 1.01 -11.42 -14.94
C LEU E 81 0.95 -12.88 -14.48
N ILE E 82 1.69 -13.73 -15.19
CA ILE E 82 1.70 -15.16 -14.91
C ILE E 82 2.99 -15.60 -14.25
N SER E 83 4.14 -15.19 -14.77
CA SER E 83 5.42 -15.60 -14.15
C SER E 83 6.49 -14.61 -14.51
N HIS E 84 7.46 -14.48 -13.61
CA HIS E 84 8.62 -13.67 -13.83
C HIS E 84 9.84 -14.56 -14.06
N SER E 85 10.69 -14.21 -15.00
CA SER E 85 11.94 -14.95 -15.24
C SER E 85 13.13 -14.05 -14.89
N ASP E 86 13.88 -14.45 -13.88
CA ASP E 86 15.12 -13.72 -13.58
C ASP E 86 16.12 -13.91 -14.69
N GLN E 87 16.18 -15.14 -15.23
CA GLN E 87 17.14 -15.48 -16.28
C GLN E 87 16.95 -14.63 -17.55
N LYS E 88 15.70 -14.44 -17.93
CA LYS E 88 15.38 -13.69 -19.15
C LYS E 88 15.08 -12.20 -18.89
N ASN E 89 15.04 -11.83 -17.61
CA ASN E 89 14.82 -10.47 -17.17
C ASN E 89 13.50 -9.95 -17.72
N GLY E 90 12.40 -10.62 -17.40
CA GLY E 90 11.10 -10.20 -17.90
C GLY E 90 10.01 -11.08 -17.39
N ASP E 91 8.82 -10.87 -17.96
CA ASP E 91 7.60 -11.50 -17.46
C ASP E 91 6.75 -12.09 -18.59
N ARG E 92 6.06 -13.16 -18.24
CA ARG E 92 4.99 -13.68 -19.08
C ARG E 92 3.69 -13.17 -18.54
N TYR E 93 2.86 -12.64 -19.46
CA TYR E 93 1.50 -12.24 -19.17
C TYR E 93 0.51 -13.02 -20.01
N GLU E 94 -0.72 -13.11 -19.53
CA GLU E 94 -1.85 -13.55 -20.34
C GLU E 94 -2.68 -12.29 -20.62
N ALA E 95 -2.85 -11.98 -21.91
CA ALA E 95 -3.40 -10.68 -22.29
C ALA E 95 -4.70 -10.81 -23.04
N LEU E 96 -5.61 -9.86 -22.74
CA LEU E 96 -6.85 -9.71 -23.52
C LEU E 96 -6.93 -8.24 -23.88
N TYR E 97 -6.95 -7.93 -25.18
CA TYR E 97 -7.05 -6.51 -25.56
C TYR E 97 -7.60 -6.41 -26.95
N SER E 98 -8.00 -5.18 -27.26
CA SER E 98 -8.52 -4.85 -28.60
C SER E 98 -7.74 -3.70 -29.22
N PHE E 99 -7.76 -3.74 -30.54
CA PHE E 99 -7.17 -2.69 -31.37
C PHE E 99 -8.35 -1.96 -32.03
N TYR E 100 -8.36 -0.63 -31.89
CA TYR E 100 -9.46 0.20 -32.43
C TYR E 100 -8.91 1.05 -33.56
N PHE E 101 -9.62 0.94 -34.71
CA PHE E 101 -9.19 1.58 -35.96
C PHE E 101 -10.20 2.64 -36.39
N GLY E 102 -10.77 3.38 -35.45
CA GLY E 102 -11.80 4.40 -35.86
C GLY E 102 -12.95 3.71 -36.56
N ASP E 103 -13.44 4.33 -37.63
CA ASP E 103 -14.59 3.79 -38.32
C ASP E 103 -14.36 2.44 -39.02
N TYR E 104 -13.10 2.04 -39.22
CA TYR E 104 -12.85 0.73 -39.81
C TYR E 104 -13.37 -0.40 -38.94
N GLY E 105 -13.37 -0.18 -37.61
CA GLY E 105 -13.81 -1.23 -36.69
C GLY E 105 -12.67 -1.56 -35.72
N HIS E 106 -12.78 -2.75 -35.18
CA HIS E 106 -11.79 -3.22 -34.15
C HIS E 106 -11.44 -4.66 -34.38
N ILE E 107 -10.28 -5.04 -33.78
CA ILE E 107 -9.85 -6.43 -33.77
C ILE E 107 -9.61 -6.76 -32.31
N SER E 108 -10.10 -7.93 -31.86
CA SER E 108 -9.78 -8.40 -30.49
C SER E 108 -8.79 -9.54 -30.51
N VAL E 109 -7.93 -9.57 -29.47
CA VAL E 109 -6.92 -10.63 -29.37
C VAL E 109 -6.86 -11.18 -27.95
N GLN E 110 -6.33 -12.40 -27.86
CA GLN E 110 -6.21 -13.10 -26.57
C GLN E 110 -4.99 -13.99 -26.68
N GLY E 111 -4.14 -14.01 -25.62
CA GLY E 111 -3.01 -14.92 -25.62
C GLY E 111 -1.80 -14.36 -24.91
N PRO E 112 -0.64 -14.87 -25.29
CA PRO E 112 0.58 -14.60 -24.51
C PRO E 112 1.22 -13.28 -24.88
N TYR E 113 1.61 -12.54 -23.86
CA TYR E 113 2.37 -11.32 -24.02
C TYR E 113 3.61 -11.49 -23.16
N ILE E 114 4.75 -11.60 -23.80
CA ILE E 114 5.99 -11.95 -23.10
C ILE E 114 6.95 -10.79 -23.32
N THR E 115 7.49 -10.22 -22.22
CA THR E 115 8.15 -8.92 -22.37
C THR E 115 9.49 -9.09 -23.08
N TYR E 116 10.02 -10.31 -23.09
CA TYR E 116 11.36 -10.58 -23.56
C TYR E 116 11.46 -11.36 -24.89
N GLU E 117 10.32 -11.69 -25.48
CA GLU E 117 10.36 -12.40 -26.77
C GLU E 117 9.05 -12.31 -27.54
N ASP E 118 9.13 -12.60 -28.82
CA ASP E 118 7.95 -12.51 -29.67
C ASP E 118 6.98 -13.60 -29.29
N SER E 119 5.71 -13.39 -29.60
CA SER E 119 4.70 -14.43 -29.39
C SER E 119 3.59 -14.31 -30.42
N TYR E 120 2.68 -15.26 -30.44
CA TYR E 120 1.50 -15.24 -31.32
C TYR E 120 0.25 -15.22 -30.51
N LEU E 121 -0.56 -14.22 -30.77
N LEU E 121 -0.59 -14.22 -30.73
CA LEU E 121 -1.88 -14.07 -30.13
CA LEU E 121 -1.86 -14.16 -30.00
C LEU E 121 -2.98 -14.70 -30.99
C LEU E 121 -3.00 -14.58 -30.92
N ALA E 122 -4.04 -15.18 -30.35
CA ALA E 122 -5.25 -15.53 -31.11
C ALA E 122 -5.99 -14.24 -31.51
N ILE E 123 -6.45 -14.19 -32.77
CA ILE E 123 -7.38 -13.14 -33.22
C ILE E 123 -8.79 -13.70 -32.90
N THR E 124 -9.46 -13.12 -31.94
CA THR E 124 -10.73 -13.71 -31.45
C THR E 124 -11.96 -13.17 -32.19
N GLY E 125 -11.75 -12.16 -33.02
CA GLY E 125 -12.83 -11.62 -33.84
C GLY E 125 -12.67 -10.13 -33.98
N GLY E 126 -13.70 -9.48 -34.55
CA GLY E 126 -13.62 -8.04 -34.78
C GLY E 126 -14.97 -7.50 -35.17
N SER E 127 -14.94 -6.23 -35.62
CA SER E 127 -16.16 -5.55 -36.07
C SER E 127 -15.81 -4.70 -37.26
N GLY E 128 -16.87 -4.23 -37.93
CA GLY E 128 -16.60 -3.34 -39.05
C GLY E 128 -16.02 -4.14 -40.18
N ILE E 129 -14.95 -3.61 -40.79
CA ILE E 129 -14.28 -4.37 -41.83
C ILE E 129 -13.66 -5.65 -41.35
N PHE E 130 -13.52 -5.76 -40.01
CA PHE E 130 -12.90 -6.94 -39.41
C PHE E 130 -13.94 -7.93 -38.88
N ALA E 131 -15.23 -7.68 -39.15
CA ALA E 131 -16.26 -8.57 -38.61
C ALA E 131 -16.08 -9.95 -39.17
N GLY E 132 -16.04 -10.95 -38.29
CA GLY E 132 -15.86 -12.33 -38.72
C GLY E 132 -14.41 -12.74 -38.91
N CYS E 133 -13.47 -11.87 -38.56
CA CYS E 133 -12.07 -12.25 -38.74
C CYS E 133 -11.62 -13.34 -37.78
N TYR E 134 -10.58 -14.07 -38.17
CA TYR E 134 -9.99 -15.07 -37.31
C TYR E 134 -8.54 -15.26 -37.74
N GLY E 135 -7.78 -16.00 -36.93
CA GLY E 135 -6.38 -16.25 -37.22
C GLY E 135 -5.50 -15.93 -36.04
N GLN E 136 -4.25 -15.58 -36.31
CA GLN E 136 -3.29 -15.31 -35.26
C GLN E 136 -2.52 -14.04 -35.62
N ALA E 137 -1.91 -13.43 -34.62
CA ALA E 137 -1.17 -12.21 -34.76
C ALA E 137 0.17 -12.32 -34.11
N LYS E 138 1.23 -11.97 -34.81
CA LYS E 138 2.56 -11.96 -34.21
C LYS E 138 2.85 -10.65 -33.52
N LEU E 139 3.21 -10.75 -32.25
N LEU E 139 3.22 -10.74 -32.26
CA LEU E 139 3.63 -9.62 -31.45
CA LEU E 139 3.60 -9.59 -31.44
C LEU E 139 5.14 -9.59 -31.41
C LEU E 139 5.11 -9.53 -31.29
N HIS E 140 5.71 -8.45 -31.80
CA HIS E 140 7.14 -8.24 -31.77
C HIS E 140 7.48 -7.03 -30.92
N GLN E 141 8.31 -7.20 -29.87
CA GLN E 141 8.73 -6.05 -29.09
C GLN E 141 9.82 -5.32 -29.85
N ILE E 142 9.66 -4.05 -30.08
CA ILE E 142 10.73 -3.27 -30.69
C ILE E 142 11.62 -2.72 -29.60
N ILE E 143 10.99 -2.03 -28.64
CA ILE E 143 11.66 -1.66 -27.39
C ILE E 143 10.61 -1.72 -26.29
N PHE E 144 10.62 -2.78 -25.53
CA PHE E 144 9.65 -2.94 -24.45
C PHE E 144 9.89 -1.83 -23.42
N PRO E 145 8.82 -1.18 -22.93
CA PRO E 145 7.38 -1.39 -23.23
C PRO E 145 6.85 -0.28 -24.15
N PHE E 146 7.72 0.54 -24.71
CA PHE E 146 7.23 1.73 -25.44
C PHE E 146 6.81 1.51 -26.88
N LYS E 147 7.42 0.55 -27.57
CA LYS E 147 7.16 0.37 -28.99
C LYS E 147 7.03 -1.10 -29.33
N LEU E 148 5.89 -1.46 -29.95
CA LEU E 148 5.58 -2.81 -30.33
C LEU E 148 5.16 -2.85 -31.77
N PHE E 149 5.33 -3.96 -32.44
CA PHE E 149 4.93 -4.12 -33.85
C PHE E 149 4.16 -5.40 -34.02
N TYR E 150 2.99 -5.34 -34.67
CA TYR E 150 2.15 -6.50 -34.87
C TYR E 150 1.99 -6.85 -36.34
N THR E 151 2.02 -8.15 -36.63
CA THR E 151 1.57 -8.66 -37.92
C THR E 151 0.32 -9.48 -37.71
N PHE E 152 -0.84 -8.95 -38.12
CA PHE E 152 -2.08 -9.71 -38.06
C PHE E 152 -2.20 -10.58 -39.27
N TYR E 153 -2.36 -11.90 -39.10
CA TYR E 153 -2.58 -12.77 -40.25
C TYR E 153 -4.06 -13.02 -40.34
N LEU E 154 -4.76 -12.10 -40.99
CA LEU E 154 -6.21 -12.07 -40.95
C LEU E 154 -6.87 -12.98 -41.95
N GLN E 155 -7.78 -13.80 -41.47
CA GLN E 155 -8.58 -14.65 -42.37
C GLN E 155 -10.03 -14.29 -42.22
N GLY E 156 -10.82 -14.64 -43.24
CA GLY E 156 -12.27 -14.56 -43.13
C GLY E 156 -12.90 -13.22 -43.49
N ILE E 157 -12.12 -12.25 -43.98
CA ILE E 157 -12.69 -10.92 -44.27
C ILE E 157 -12.38 -10.48 -45.69
N LYS E 158 -13.12 -9.46 -46.14
CA LYS E 158 -12.93 -8.90 -47.46
C LYS E 158 -11.59 -8.19 -47.57
N LYS E 159 -11.18 -7.97 -48.80
N LYS E 159 -11.19 -7.94 -48.79
CA LYS E 159 -9.96 -7.22 -49.09
CA LYS E 159 -9.93 -7.27 -49.08
C LYS E 159 -9.82 -5.98 -48.21
C LYS E 159 -9.76 -5.96 -48.31
N LEU E 160 -8.68 -5.87 -47.55
CA LEU E 160 -8.44 -4.68 -46.70
C LEU E 160 -8.34 -3.45 -47.58
N PRO E 161 -8.77 -2.32 -47.05
CA PRO E 161 -8.62 -1.08 -47.82
C PRO E 161 -7.14 -0.72 -48.02
N GLU E 162 -6.84 -0.09 -49.14
CA GLU E 162 -5.45 0.21 -49.50
C GLU E 162 -4.80 1.09 -48.45
N ALA E 163 -5.57 1.97 -47.80
CA ALA E 163 -4.99 2.85 -46.78
C ALA E 163 -4.35 2.08 -45.62
N LEU E 164 -4.79 0.83 -45.39
CA LEU E 164 -4.21 0.05 -44.28
C LEU E 164 -3.09 -0.87 -44.77
N CYS E 165 -2.77 -0.80 -46.05
CA CYS E 165 -1.80 -1.72 -46.66
C CYS E 165 -0.67 -0.99 -47.33
N ALA E 166 -0.35 0.20 -46.85
CA ALA E 166 0.81 0.96 -47.35
C ALA E 166 2.12 0.25 -47.06
N PRO E 167 3.16 0.53 -47.86
CA PRO E 167 4.45 -0.10 -47.55
C PRO E 167 4.86 0.13 -46.12
N CYS E 168 5.32 -0.94 -45.52
CA CYS E 168 5.58 -0.93 -44.11
C CYS E 168 7.02 -0.42 -43.85
N VAL E 169 7.17 0.43 -42.83
CA VAL E 169 8.50 0.80 -42.35
C VAL E 169 9.05 -0.39 -41.56
N PRO E 170 10.27 -0.80 -41.89
CA PRO E 170 10.89 -1.91 -41.12
C PRO E 170 11.05 -1.54 -39.65
N PRO E 171 10.64 -2.44 -38.75
CA PRO E 171 10.74 -2.11 -37.36
C PRO E 171 12.19 -1.96 -36.88
N SER E 172 12.42 -0.95 -36.05
CA SER E 172 13.72 -0.79 -35.35
C SER E 172 13.51 0.23 -34.24
N PRO E 173 14.46 0.33 -33.31
CA PRO E 173 14.23 1.15 -32.13
C PRO E 173 14.02 2.61 -32.39
N SER E 174 14.49 3.10 -33.53
CA SER E 174 14.36 4.54 -33.82
C SER E 174 13.09 4.94 -34.52
N VAL E 175 12.29 3.95 -34.93
CA VAL E 175 11.06 4.31 -35.67
C VAL E 175 10.12 5.13 -34.80
N ALA E 176 9.35 6.02 -35.43
CA ALA E 176 8.39 6.85 -34.70
C ALA E 176 7.35 7.27 -35.70
N PRO E 177 6.15 7.56 -35.18
CA PRO E 177 5.09 8.15 -36.05
C PRO E 177 5.56 9.41 -36.71
N ALA E 178 5.13 9.60 -37.95
CA ALA E 178 5.38 10.86 -38.63
C ALA E 178 4.82 11.97 -37.77
N ASP E 179 5.44 13.17 -37.82
CA ASP E 179 4.91 14.31 -37.06
C ASP E 179 3.44 14.56 -37.31
N GLU E 180 3.00 14.48 -38.58
CA GLU E 180 1.65 14.80 -38.91
C GLU E 180 0.68 13.78 -38.33
N ALA E 181 1.13 12.54 -38.12
CA ALA E 181 0.32 11.48 -37.51
C ALA E 181 0.29 11.68 -35.99
N LYS E 182 1.42 12.03 -35.39
CA LYS E 182 1.43 12.33 -33.97
C LYS E 182 0.46 13.47 -33.66
N GLN E 183 0.41 14.44 -34.55
CA GLN E 183 -0.43 15.63 -34.38
C GLN E 183 -1.88 15.41 -34.88
N CYS E 184 -2.17 14.21 -35.38
CA CYS E 184 -3.52 13.86 -35.85
C CYS E 184 -4.10 14.84 -36.85
N LEU E 185 -3.29 15.22 -37.81
CA LEU E 185 -3.69 16.16 -38.83
C LEU E 185 -4.46 15.49 -39.97
N PRO E 186 -5.21 16.30 -40.73
CA PRO E 186 -5.88 15.77 -41.92
C PRO E 186 -4.93 15.01 -42.82
N ASN E 187 -5.43 13.94 -43.39
CA ASN E 187 -4.69 13.04 -44.25
C ASN E 187 -3.81 12.06 -43.49
N HIS E 188 -3.77 12.22 -42.15
CA HIS E 188 -2.88 11.37 -41.33
C HIS E 188 -3.60 10.72 -40.16
N VAL E 189 -4.91 10.55 -40.34
CA VAL E 189 -5.73 9.84 -39.34
C VAL E 189 -6.72 8.93 -40.02
N ALA E 190 -7.02 7.79 -39.40
CA ALA E 190 -8.15 6.98 -39.87
C ALA E 190 -9.44 7.80 -39.72
N PRO E 191 -10.46 7.46 -40.52
CA PRO E 191 -11.77 8.13 -40.36
C PRO E 191 -12.27 7.99 -38.93
N ASN E 192 -12.57 9.12 -38.28
CA ASN E 192 -12.99 9.13 -36.88
C ASN E 192 -12.07 8.23 -36.06
N PHE E 193 -10.75 8.45 -36.21
CA PHE E 193 -9.74 7.64 -35.49
C PHE E 193 -10.07 7.59 -34.01
N THR E 194 -9.83 6.43 -33.41
CA THR E 194 -10.19 6.27 -32.02
C THR E 194 -9.27 7.06 -31.08
N LYS E 195 -9.87 7.90 -30.23
CA LYS E 195 -9.13 8.78 -29.32
C LYS E 195 -9.02 8.13 -27.96
N HIS F 16 -23.95 -16.65 -44.27
CA HIS F 16 -25.32 -16.25 -43.85
C HIS F 16 -25.33 -15.68 -42.43
N VAL F 17 -26.10 -14.63 -42.22
CA VAL F 17 -26.20 -13.98 -40.94
C VAL F 17 -27.59 -14.19 -40.32
N GLN F 18 -27.66 -14.58 -39.07
CA GLN F 18 -28.90 -14.67 -38.32
C GLN F 18 -28.88 -13.63 -37.21
N GLU F 19 -29.86 -12.77 -37.18
CA GLU F 19 -29.98 -11.79 -36.11
C GLU F 19 -30.71 -12.34 -34.90
N LEU F 20 -30.10 -12.11 -33.75
CA LEU F 20 -30.67 -12.53 -32.47
C LEU F 20 -30.72 -11.27 -31.60
N PHE F 21 -31.90 -10.94 -31.12
CA PHE F 21 -32.10 -9.77 -30.29
C PHE F 21 -32.21 -10.16 -28.84
N VAL F 22 -31.51 -9.42 -27.99
CA VAL F 22 -31.50 -9.73 -26.55
C VAL F 22 -31.58 -8.43 -25.74
N TYR F 23 -32.45 -8.41 -24.74
CA TYR F 23 -32.47 -7.35 -23.75
C TYR F 23 -31.69 -7.73 -22.51
N GLU F 24 -30.87 -6.83 -22.03
CA GLU F 24 -30.07 -7.04 -20.82
C GLU F 24 -30.55 -6.02 -19.78
N ILE F 25 -30.96 -6.50 -18.61
CA ILE F 25 -31.52 -5.62 -17.59
C ILE F 25 -30.87 -5.85 -16.26
N ASN F 26 -30.41 -4.76 -15.63
CA ASN F 26 -29.97 -4.83 -14.25
C ASN F 26 -31.18 -4.61 -13.35
N GLU F 27 -31.69 -5.70 -12.77
CA GLU F 27 -32.88 -5.62 -11.94
C GLU F 27 -32.51 -5.38 -10.46
N ARG F 28 -31.24 -5.03 -10.24
CA ARG F 28 -30.78 -4.59 -8.93
C ARG F 28 -30.86 -5.70 -7.87
N ASP F 29 -30.79 -6.95 -8.32
CA ASP F 29 -31.02 -8.05 -7.40
C ASP F 29 -29.84 -9.04 -7.34
N ARG F 30 -28.67 -8.63 -7.87
CA ARG F 30 -27.52 -9.52 -8.03
C ARG F 30 -26.25 -8.86 -7.46
N GLY F 31 -26.40 -7.71 -6.81
CA GLY F 31 -25.25 -7.05 -6.18
C GLY F 31 -24.30 -6.48 -7.22
N SER F 32 -24.82 -6.19 -8.42
CA SER F 32 -24.05 -5.82 -9.57
C SER F 32 -24.37 -4.41 -10.01
N PRO F 33 -23.43 -3.64 -10.58
CA PRO F 33 -22.03 -4.05 -10.76
C PRO F 33 -21.19 -3.79 -9.49
N VAL F 34 -19.98 -4.32 -9.49
CA VAL F 34 -19.03 -4.08 -8.40
C VAL F 34 -17.92 -3.17 -8.95
N PHE F 35 -17.85 -1.95 -8.44
CA PHE F 35 -16.89 -0.99 -8.97
C PHE F 35 -15.61 -0.99 -8.15
N LEU F 36 -14.51 -1.39 -8.77
CA LEU F 36 -13.21 -1.49 -8.08
C LEU F 36 -12.35 -0.31 -8.55
N PRO F 37 -12.07 0.64 -7.64
CA PRO F 37 -11.50 1.93 -8.04
C PRO F 37 -9.99 1.89 -8.20
N PHE F 38 -9.50 0.90 -8.94
CA PHE F 38 -8.06 0.64 -8.99
C PHE F 38 -7.27 1.61 -9.86
N GLY F 39 -7.96 2.44 -10.61
CA GLY F 39 -7.30 3.50 -11.38
C GLY F 39 -6.66 4.51 -10.43
N GLY F 40 -7.18 4.57 -9.20
CA GLY F 40 -6.58 5.36 -8.13
C GLY F 40 -6.75 6.86 -8.24
N LYS F 41 -7.68 7.34 -9.05
CA LYS F 41 -7.84 8.80 -9.22
C LYS F 41 -8.93 9.37 -8.33
N LYS F 42 -8.65 10.54 -7.76
CA LYS F 42 -9.52 11.17 -6.76
C LYS F 42 -10.02 12.56 -7.13
N ALA F 48 -13.80 12.40 -3.95
CA ALA F 48 -14.71 11.71 -4.85
C ALA F 48 -13.90 11.03 -5.92
N HIS F 49 -14.33 9.83 -6.29
CA HIS F 49 -13.57 9.06 -7.25
C HIS F 49 -13.60 9.74 -8.60
N VAL F 50 -12.49 9.62 -9.34
CA VAL F 50 -12.49 10.06 -10.71
C VAL F 50 -12.26 8.80 -11.54
N ASN F 51 -13.20 8.49 -12.43
CA ASN F 51 -13.06 7.32 -13.30
C ASN F 51 -11.83 7.47 -14.15
N SER F 52 -11.03 6.41 -14.23
CA SER F 52 -9.77 6.46 -14.99
C SER F 52 -9.30 5.08 -15.35
N LEU F 53 -8.36 5.00 -16.28
CA LEU F 53 -7.76 3.74 -16.71
C LEU F 53 -7.46 2.85 -15.53
N GLY F 54 -7.97 1.63 -15.57
CA GLY F 54 -7.61 0.66 -14.54
C GLY F 54 -8.65 0.41 -13.46
N ASP F 55 -9.69 1.25 -13.38
CA ASP F 55 -10.83 0.87 -12.56
C ASP F 55 -11.37 -0.41 -13.20
N LEU F 56 -11.83 -1.37 -12.39
CA LEU F 56 -12.33 -2.63 -12.89
C LEU F 56 -13.75 -2.85 -12.43
N VAL F 57 -14.56 -3.45 -13.30
CA VAL F 57 -15.97 -3.60 -13.00
C VAL F 57 -16.53 -4.98 -13.34
N PRO F 58 -16.47 -5.91 -12.37
CA PRO F 58 -17.16 -7.20 -12.53
C PRO F 58 -18.68 -6.96 -12.51
N PHE F 59 -19.42 -7.71 -13.32
CA PHE F 59 -20.87 -7.47 -13.41
C PHE F 59 -21.62 -8.73 -13.83
N SER F 60 -22.94 -8.73 -13.57
CA SER F 60 -23.81 -9.78 -14.08
C SER F 60 -25.23 -9.30 -14.01
N ASN F 61 -25.91 -9.31 -15.16
CA ASN F 61 -27.33 -8.84 -15.27
C ASN F 61 -28.21 -9.96 -15.79
N LYS F 62 -29.53 -9.72 -15.85
CA LYS F 62 -30.42 -10.68 -16.41
C LYS F 62 -30.62 -10.43 -17.93
N ILE F 63 -30.89 -11.46 -18.70
CA ILE F 63 -31.22 -11.30 -20.13
C ILE F 63 -32.56 -11.92 -20.48
N TYR F 64 -33.24 -11.24 -21.40
CA TYR F 64 -34.56 -11.63 -21.89
C TYR F 64 -34.52 -11.65 -23.41
N ASP F 65 -35.49 -12.34 -24.02
CA ASP F 65 -35.53 -12.40 -25.48
C ASP F 65 -36.02 -11.05 -26.06
N GLY F 66 -35.93 -10.92 -27.38
CA GLY F 66 -36.34 -9.66 -28.05
C GLY F 66 -37.79 -9.28 -27.79
N SER F 67 -38.66 -10.26 -27.59
CA SER F 67 -40.10 -9.98 -27.42
C SER F 67 -40.39 -9.57 -25.98
N LEU F 68 -39.39 -9.66 -25.11
CA LEU F 68 -39.50 -9.41 -23.68
C LEU F 68 -40.46 -10.36 -22.95
N LYS F 69 -40.85 -11.46 -23.60
CA LYS F 69 -41.77 -12.42 -23.00
C LYS F 69 -41.07 -13.59 -22.32
N THR F 70 -39.76 -13.74 -22.51
CA THR F 70 -39.05 -14.93 -22.01
C THR F 70 -37.80 -14.52 -21.31
N ARG F 71 -37.65 -14.97 -20.05
CA ARG F 71 -36.35 -14.89 -19.36
C ARG F 71 -35.41 -15.94 -19.92
N LEU F 72 -34.25 -15.50 -20.40
CA LEU F 72 -33.30 -16.45 -21.00
C LEU F 72 -32.17 -16.90 -20.07
N GLY F 73 -31.69 -15.98 -19.24
CA GLY F 73 -30.53 -16.29 -18.39
C GLY F 73 -29.89 -15.02 -17.88
N ILE F 74 -28.57 -14.94 -18.00
CA ILE F 74 -27.80 -13.85 -17.44
C ILE F 74 -26.63 -13.46 -18.35
N THR F 75 -26.08 -12.25 -18.14
CA THR F 75 -24.73 -11.94 -18.62
C THR F 75 -23.78 -12.09 -17.43
N ALA F 76 -22.48 -12.24 -17.71
CA ALA F 76 -21.49 -12.32 -16.62
C ALA F 76 -20.14 -11.97 -17.24
N GLY F 77 -19.40 -11.12 -16.55
CA GLY F 77 -18.09 -10.75 -17.03
C GLY F 77 -17.41 -9.63 -16.31
N LEU F 78 -16.47 -8.99 -17.00
CA LEU F 78 -15.57 -8.01 -16.42
C LEU F 78 -15.30 -6.89 -17.41
N CYS F 79 -15.46 -5.63 -16.96
CA CYS F 79 -15.05 -4.50 -17.74
C CYS F 79 -13.83 -3.82 -17.17
N THR F 80 -12.94 -3.35 -18.04
CA THR F 80 -11.78 -2.56 -17.62
C THR F 80 -12.02 -1.13 -18.12
N LEU F 81 -12.06 -0.17 -17.20
CA LEU F 81 -12.26 1.20 -17.61
C LEU F 81 -11.01 1.71 -18.30
N ILE F 82 -11.17 2.34 -19.45
CA ILE F 82 -10.06 2.80 -20.26
C ILE F 82 -9.88 4.31 -20.20
N SER F 83 -10.96 5.05 -20.36
CA SER F 83 -10.87 6.52 -20.30
C SER F 83 -12.20 7.12 -19.95
N HIS F 84 -12.14 8.28 -19.30
CA HIS F 84 -13.32 9.06 -19.01
C HIS F 84 -13.33 10.31 -19.88
N SER F 85 -14.51 10.63 -20.41
CA SER F 85 -14.70 11.85 -21.20
C SER F 85 -15.62 12.84 -20.47
N ASP F 86 -15.06 13.99 -20.10
CA ASP F 86 -15.85 15.03 -19.47
C ASP F 86 -16.79 15.58 -20.52
N GLN F 87 -16.29 15.73 -21.75
CA GLN F 87 -17.08 16.33 -22.84
C GLN F 87 -18.33 15.52 -23.16
N LYS F 88 -18.19 14.18 -23.17
CA LYS F 88 -19.32 13.31 -23.50
C LYS F 88 -19.99 12.75 -22.27
N ASN F 89 -19.49 13.16 -21.11
CA ASN F 89 -19.99 12.73 -19.81
C ASN F 89 -20.15 11.20 -19.74
N GLY F 90 -19.03 10.47 -19.82
CA GLY F 90 -19.16 9.03 -19.94
C GLY F 90 -17.80 8.39 -20.04
N ASP F 91 -17.80 7.07 -20.22
CA ASP F 91 -16.57 6.31 -20.14
C ASP F 91 -16.47 5.33 -21.28
N ARG F 92 -15.24 5.02 -21.66
CA ARG F 92 -14.95 3.87 -22.51
C ARG F 92 -14.46 2.74 -21.62
N TYR F 93 -15.04 1.56 -21.79
CA TYR F 93 -14.57 0.32 -21.16
C TYR F 93 -14.15 -0.65 -22.23
N GLU F 94 -13.29 -1.59 -21.84
CA GLU F 94 -12.97 -2.76 -22.61
C GLU F 94 -13.61 -3.93 -21.88
N ALA F 95 -14.48 -4.63 -22.57
CA ALA F 95 -15.37 -5.61 -21.92
C ALA F 95 -15.11 -7.01 -22.40
N LEU F 96 -15.19 -7.95 -21.44
CA LEU F 96 -15.10 -9.37 -21.71
C LEU F 96 -16.25 -10.01 -20.97
N TYR F 97 -17.23 -10.57 -21.70
CA TYR F 97 -18.34 -11.19 -21.00
C TYR F 97 -19.08 -12.19 -21.84
N SER F 98 -19.95 -12.96 -21.17
CA SER F 98 -20.76 -13.96 -21.86
C SER F 98 -22.22 -13.78 -21.55
N PHE F 99 -23.02 -14.30 -22.47
CA PHE F 99 -24.49 -14.32 -22.36
C PHE F 99 -24.90 -15.77 -22.24
N TYR F 100 -25.64 -16.10 -21.18
CA TYR F 100 -26.02 -17.49 -20.86
C TYR F 100 -27.50 -17.64 -21.10
N PHE F 101 -27.82 -18.62 -21.95
CA PHE F 101 -29.22 -18.83 -22.42
C PHE F 101 -29.75 -20.17 -21.89
N GLY F 102 -29.44 -20.51 -20.64
CA GLY F 102 -29.93 -21.80 -20.15
C GLY F 102 -29.35 -22.94 -20.97
N ASP F 103 -30.16 -23.97 -21.21
CA ASP F 103 -29.67 -25.13 -21.90
C ASP F 103 -29.41 -24.91 -23.39
N TYR F 104 -29.78 -23.72 -23.92
CA TYR F 104 -29.45 -23.42 -25.28
C TYR F 104 -27.90 -23.30 -25.44
N GLY F 105 -27.23 -22.84 -24.39
CA GLY F 105 -25.80 -22.61 -24.46
C GLY F 105 -25.44 -21.16 -24.16
N HIS F 106 -24.26 -20.73 -24.60
CA HIS F 106 -23.81 -19.36 -24.32
C HIS F 106 -23.15 -18.74 -25.53
N ILE F 107 -23.05 -17.41 -25.51
CA ILE F 107 -22.27 -16.66 -26.48
C ILE F 107 -21.27 -15.81 -25.72
N SER F 108 -20.03 -15.80 -26.20
CA SER F 108 -19.03 -14.94 -25.57
C SER F 108 -18.70 -13.75 -26.45
N VAL F 109 -18.39 -12.64 -25.82
CA VAL F 109 -18.07 -11.41 -26.56
C VAL F 109 -16.83 -10.71 -25.99
N GLN F 110 -16.16 -9.93 -26.84
N GLN F 110 -16.21 -9.89 -26.82
CA GLN F 110 -14.96 -9.14 -26.45
CA GLN F 110 -15.06 -9.08 -26.41
C GLN F 110 -14.94 -7.81 -27.23
C GLN F 110 -15.16 -7.79 -27.20
N GLY F 111 -14.83 -6.68 -26.55
CA GLY F 111 -14.77 -5.39 -27.24
C GLY F 111 -15.22 -4.24 -26.42
N PRO F 112 -15.64 -3.17 -27.10
CA PRO F 112 -15.84 -1.91 -26.41
C PRO F 112 -17.25 -1.75 -25.84
N TYR F 113 -17.35 -1.21 -24.66
CA TYR F 113 -18.61 -0.71 -24.09
C TYR F 113 -18.38 0.74 -23.80
N ILE F 114 -19.13 1.60 -24.50
CA ILE F 114 -19.02 3.04 -24.31
C ILE F 114 -20.33 3.52 -23.72
N THR F 115 -20.29 4.18 -22.57
CA THR F 115 -21.51 4.46 -21.84
C THR F 115 -22.43 5.44 -22.54
N TYR F 116 -21.91 6.20 -23.51
CA TYR F 116 -22.64 7.28 -24.13
C TYR F 116 -22.92 7.04 -25.61
N GLU F 117 -22.59 5.86 -26.15
CA GLU F 117 -22.92 5.59 -27.53
C GLU F 117 -22.90 4.11 -27.86
N ASP F 118 -23.51 3.73 -28.98
CA ASP F 118 -23.55 2.35 -29.42
C ASP F 118 -22.16 1.87 -29.83
N SER F 119 -21.95 0.56 -29.74
CA SER F 119 -20.67 -0.01 -30.17
C SER F 119 -20.90 -1.38 -30.76
N TYR F 120 -19.86 -1.95 -31.34
CA TYR F 120 -19.91 -3.34 -31.85
C TYR F 120 -18.85 -4.18 -31.17
N LEU F 121 -19.31 -5.28 -30.60
N LEU F 121 -19.31 -5.28 -30.58
CA LEU F 121 -18.42 -6.25 -29.96
CA LEU F 121 -18.43 -6.24 -29.92
C LEU F 121 -18.07 -7.36 -30.94
C LEU F 121 -18.12 -7.41 -30.85
N ALA F 122 -16.93 -8.01 -30.73
CA ALA F 122 -16.65 -9.26 -31.42
C ALA F 122 -17.41 -10.39 -30.75
N ILE F 123 -18.02 -11.26 -31.52
CA ILE F 123 -18.57 -12.51 -31.01
C ILE F 123 -17.41 -13.52 -31.10
N THR F 124 -16.92 -13.96 -29.94
CA THR F 124 -15.68 -14.74 -29.92
C THR F 124 -15.94 -16.24 -29.97
N GLY F 125 -17.19 -16.66 -29.84
CA GLY F 125 -17.54 -18.05 -29.86
C GLY F 125 -18.70 -18.34 -28.94
N GLY F 126 -19.06 -19.60 -28.81
CA GLY F 126 -20.16 -19.98 -27.94
C GLY F 126 -20.20 -21.48 -27.71
N SER F 127 -21.32 -21.95 -27.17
CA SER F 127 -21.49 -23.36 -26.86
C SER F 127 -22.93 -23.75 -27.13
N GLY F 128 -23.21 -25.04 -27.11
CA GLY F 128 -24.55 -25.50 -27.38
C GLY F 128 -24.98 -25.15 -28.80
N ILE F 129 -26.16 -24.57 -28.94
CA ILE F 129 -26.63 -24.17 -30.28
C ILE F 129 -25.77 -23.06 -30.86
N PHE F 130 -24.93 -22.43 -30.05
CA PHE F 130 -24.05 -21.38 -30.51
C PHE F 130 -22.61 -21.84 -30.73
N ALA F 131 -22.36 -23.14 -30.59
CA ALA F 131 -21.00 -23.63 -30.81
C ALA F 131 -20.51 -23.32 -32.22
N GLY F 132 -19.32 -22.73 -32.32
CA GLY F 132 -18.79 -22.35 -33.62
C GLY F 132 -19.27 -21.00 -34.14
N CYS F 133 -20.01 -20.26 -33.34
CA CYS F 133 -20.53 -18.98 -33.82
C CYS F 133 -19.40 -17.95 -33.93
N TYR F 134 -19.64 -16.95 -34.78
CA TYR F 134 -18.71 -15.85 -34.96
C TYR F 134 -19.47 -14.67 -35.55
N GLY F 135 -18.84 -13.51 -35.59
CA GLY F 135 -19.46 -12.31 -36.13
C GLY F 135 -19.31 -11.17 -35.16
N GLN F 136 -20.25 -10.24 -35.19
CA GLN F 136 -20.21 -9.07 -34.32
C GLN F 136 -21.59 -8.83 -33.74
N ALA F 137 -21.62 -8.08 -32.63
CA ALA F 137 -22.85 -7.78 -31.93
C ALA F 137 -22.95 -6.30 -31.66
N LYS F 138 -24.09 -5.69 -32.03
CA LYS F 138 -24.30 -4.30 -31.71
C LYS F 138 -24.87 -4.15 -30.31
N LEU F 139 -24.22 -3.27 -29.53
CA LEU F 139 -24.67 -2.94 -28.20
C LEU F 139 -25.30 -1.57 -28.23
N HIS F 140 -26.56 -1.48 -27.80
CA HIS F 140 -27.29 -0.20 -27.77
C HIS F 140 -27.74 0.08 -26.36
N GLN F 141 -27.32 1.21 -25.79
CA GLN F 141 -27.77 1.60 -24.48
C GLN F 141 -29.16 2.19 -24.55
N ILE F 142 -30.06 1.64 -23.74
CA ILE F 142 -31.41 2.18 -23.69
C ILE F 142 -31.51 3.17 -22.56
N ILE F 143 -31.17 2.75 -21.36
CA ILE F 143 -31.05 3.68 -20.24
C ILE F 143 -29.80 3.31 -19.48
N PHE F 144 -28.81 4.19 -19.48
CA PHE F 144 -27.58 3.96 -18.74
C PHE F 144 -27.85 4.04 -17.26
N PRO F 145 -27.37 3.07 -16.49
CA PRO F 145 -26.66 1.84 -16.93
C PRO F 145 -27.51 0.56 -16.84
N PHE F 146 -28.82 0.69 -16.68
CA PHE F 146 -29.66 -0.45 -16.25
C PHE F 146 -30.34 -1.26 -17.35
N LYS F 147 -30.42 -0.71 -18.56
CA LYS F 147 -31.12 -1.40 -19.66
C LYS F 147 -30.33 -1.26 -20.97
N LEU F 148 -30.03 -2.40 -21.60
CA LEU F 148 -29.30 -2.44 -22.85
C LEU F 148 -30.01 -3.37 -23.82
N PHE F 149 -29.74 -3.21 -25.10
CA PHE F 149 -30.36 -4.02 -26.16
C PHE F 149 -29.29 -4.43 -27.15
N TYR F 150 -29.20 -5.73 -27.41
CA TYR F 150 -28.18 -6.26 -28.30
C TYR F 150 -28.74 -6.87 -29.57
N THR F 151 -28.00 -6.66 -30.66
CA THR F 151 -28.29 -7.38 -31.91
C THR F 151 -27.08 -8.24 -32.23
N PHE F 152 -27.20 -9.55 -32.07
CA PHE F 152 -26.09 -10.44 -32.45
C PHE F 152 -26.25 -10.78 -33.92
N TYR F 153 -25.23 -10.47 -34.71
CA TYR F 153 -25.20 -10.85 -36.11
C TYR F 153 -24.44 -12.16 -36.23
N LEU F 154 -25.13 -13.25 -35.96
CA LEU F 154 -24.51 -14.57 -35.81
C LEU F 154 -24.23 -15.28 -37.13
N GLN F 155 -22.99 -15.72 -37.28
CA GLN F 155 -22.60 -16.56 -38.41
C GLN F 155 -22.14 -17.91 -37.90
N GLY F 156 -22.13 -18.91 -38.77
CA GLY F 156 -21.50 -20.17 -38.49
C GLY F 156 -22.34 -21.23 -37.77
N ILE F 157 -23.62 -20.96 -37.54
CA ILE F 157 -24.44 -21.89 -36.80
C ILE F 157 -25.73 -22.26 -37.49
N LYS F 158 -26.32 -23.36 -37.05
CA LYS F 158 -27.59 -23.81 -37.63
C LYS F 158 -28.72 -22.84 -37.28
N LYS F 159 -29.79 -22.97 -38.02
CA LYS F 159 -30.94 -22.10 -37.83
C LYS F 159 -31.35 -22.05 -36.35
N LEU F 160 -31.53 -20.84 -35.84
CA LEU F 160 -31.89 -20.61 -34.44
C LEU F 160 -33.29 -21.19 -34.17
N PRO F 161 -33.53 -21.70 -32.98
CA PRO F 161 -34.88 -22.14 -32.59
C PRO F 161 -35.85 -20.99 -32.68
N GLU F 162 -37.05 -21.28 -33.12
CA GLU F 162 -38.02 -20.21 -33.29
C GLU F 162 -38.32 -19.46 -32.01
N ALA F 163 -38.17 -20.14 -30.87
CA ALA F 163 -38.46 -19.51 -29.59
C ALA F 163 -37.54 -18.29 -29.34
N LEU F 164 -36.36 -18.29 -29.97
CA LEU F 164 -35.42 -17.16 -29.86
C LEU F 164 -35.59 -16.07 -30.91
N CYS F 165 -36.59 -16.24 -31.79
CA CYS F 165 -36.74 -15.34 -32.94
C CYS F 165 -38.12 -14.70 -32.99
N ALA F 166 -38.76 -14.54 -31.85
CA ALA F 166 -40.09 -13.89 -31.80
C ALA F 166 -39.94 -12.44 -32.22
N PRO F 167 -41.02 -11.84 -32.67
CA PRO F 167 -40.97 -10.43 -33.05
C PRO F 167 -40.48 -9.57 -31.91
N CYS F 168 -39.58 -8.67 -32.25
CA CYS F 168 -38.82 -8.01 -31.23
C CYS F 168 -39.60 -6.74 -30.89
N VAL F 169 -39.72 -6.47 -29.59
CA VAL F 169 -40.21 -5.15 -29.13
C VAL F 169 -39.14 -4.11 -29.48
N PRO F 170 -39.49 -3.01 -30.20
CA PRO F 170 -38.52 -1.98 -30.48
C PRO F 170 -37.96 -1.34 -29.21
N PRO F 171 -36.63 -1.17 -29.16
CA PRO F 171 -36.03 -0.56 -27.99
C PRO F 171 -36.45 0.88 -27.76
N SER F 172 -36.84 1.17 -26.54
CA SER F 172 -37.16 2.53 -26.09
C SER F 172 -37.04 2.50 -24.58
N PRO F 173 -36.89 3.68 -23.95
CA PRO F 173 -36.59 3.71 -22.51
C PRO F 173 -37.63 3.08 -21.60
N SER F 174 -38.87 2.98 -22.04
CA SER F 174 -39.88 2.43 -21.17
C SER F 174 -40.04 0.91 -21.19
N VAL F 175 -39.39 0.25 -22.13
CA VAL F 175 -39.60 -1.19 -22.32
C VAL F 175 -39.20 -1.97 -21.06
N ALA F 176 -39.91 -3.05 -20.79
CA ALA F 176 -39.65 -3.88 -19.59
C ALA F 176 -40.09 -5.30 -19.87
N PRO F 177 -39.51 -6.27 -19.14
CA PRO F 177 -39.91 -7.67 -19.29
C PRO F 177 -41.37 -7.82 -18.95
N ALA F 178 -42.05 -8.71 -19.65
CA ALA F 178 -43.41 -9.08 -19.29
C ALA F 178 -43.45 -9.56 -17.85
N ASP F 179 -44.53 -9.28 -17.13
CA ASP F 179 -44.67 -9.71 -15.74
C ASP F 179 -44.36 -11.23 -15.59
N GLU F 180 -44.82 -12.02 -16.56
CA GLU F 180 -44.68 -13.47 -16.49
C GLU F 180 -43.21 -13.93 -16.65
N ALA F 181 -42.45 -13.17 -17.44
CA ALA F 181 -41.01 -13.39 -17.60
C ALA F 181 -40.25 -12.94 -16.36
N LYS F 182 -40.62 -11.78 -15.78
CA LYS F 182 -40.00 -11.34 -14.57
C LYS F 182 -40.19 -12.37 -13.47
N GLN F 183 -41.39 -12.94 -13.40
CA GLN F 183 -41.70 -13.98 -12.41
C GLN F 183 -41.21 -15.38 -12.78
N CYS F 184 -40.64 -15.54 -13.97
CA CYS F 184 -40.00 -16.82 -14.41
C CYS F 184 -41.06 -17.95 -14.46
N LEU F 185 -42.26 -17.62 -14.93
CA LEU F 185 -43.36 -18.59 -15.01
C LEU F 185 -43.14 -19.55 -16.19
N PRO F 186 -43.77 -20.74 -16.13
CA PRO F 186 -43.75 -21.65 -17.27
C PRO F 186 -44.24 -20.96 -18.53
N ASN F 187 -43.67 -21.36 -19.66
CA ASN F 187 -43.96 -20.71 -20.94
C ASN F 187 -43.31 -19.33 -21.07
N HIS F 188 -42.56 -18.91 -20.06
CA HIS F 188 -41.89 -17.63 -20.12
C HIS F 188 -40.45 -17.67 -19.68
N VAL F 189 -39.87 -18.87 -19.73
CA VAL F 189 -38.43 -19.05 -19.43
C VAL F 189 -37.80 -19.96 -20.46
N ALA F 190 -36.50 -19.78 -20.69
CA ALA F 190 -35.74 -20.71 -21.50
C ALA F 190 -35.63 -22.02 -20.71
N PRO F 191 -35.39 -23.14 -21.41
CA PRO F 191 -35.19 -24.41 -20.70
C PRO F 191 -33.98 -24.30 -19.77
N ASN F 192 -34.18 -24.60 -18.49
CA ASN F 192 -33.16 -24.41 -17.43
C ASN F 192 -32.48 -23.07 -17.53
N PHE F 193 -33.27 -22.01 -17.66
CA PHE F 193 -32.74 -20.65 -17.79
C PHE F 193 -31.67 -20.38 -16.72
N THR F 194 -30.66 -19.63 -17.09
CA THR F 194 -29.53 -19.42 -16.20
C THR F 194 -29.89 -18.49 -15.07
N LYS F 195 -29.67 -18.91 -13.84
CA LYS F 195 -29.99 -18.14 -12.67
C LYS F 195 -28.76 -17.40 -12.18
N HIS G 16 -23.08 -41.83 -8.01
CA HIS G 16 -21.71 -41.94 -8.58
C HIS G 16 -21.74 -42.71 -9.91
N VAL G 17 -21.11 -42.12 -10.92
CA VAL G 17 -21.09 -42.69 -12.26
C VAL G 17 -19.70 -43.22 -12.60
N GLN G 18 -19.66 -44.40 -13.18
CA GLN G 18 -18.43 -44.98 -13.74
C GLN G 18 -18.58 -45.10 -15.26
N GLU G 19 -17.64 -44.57 -16.00
CA GLU G 19 -17.65 -44.73 -17.45
C GLU G 19 -17.01 -46.03 -17.86
N LEU G 20 -17.65 -46.72 -18.81
CA LEU G 20 -17.10 -47.91 -19.43
C LEU G 20 -17.13 -47.72 -20.94
N PHE G 21 -15.99 -47.83 -21.58
CA PHE G 21 -15.92 -47.66 -23.04
C PHE G 21 -15.88 -49.01 -23.73
N VAL G 22 -16.65 -49.17 -24.79
CA VAL G 22 -16.73 -50.44 -25.52
C VAL G 22 -16.76 -50.18 -27.02
N TYR G 23 -15.95 -50.91 -27.77
CA TYR G 23 -16.02 -50.93 -29.22
C TYR G 23 -16.82 -52.09 -29.70
N GLU G 24 -17.75 -51.85 -30.63
CA GLU G 24 -18.52 -52.93 -31.22
C GLU G 24 -18.20 -52.98 -32.70
N ILE G 25 -17.80 -54.16 -33.17
N ILE G 25 -17.81 -54.16 -33.17
CA ILE G 25 -17.36 -54.32 -34.53
CA ILE G 25 -17.36 -54.31 -34.54
C ILE G 25 -18.05 -55.49 -35.20
C ILE G 25 -18.01 -55.50 -35.21
N ASN G 26 -18.55 -55.27 -36.40
CA ASN G 26 -19.10 -56.35 -37.20
C ASN G 26 -17.95 -56.87 -38.06
N GLU G 27 -17.41 -58.03 -37.67
CA GLU G 27 -16.25 -58.61 -38.39
C GLU G 27 -16.69 -59.52 -39.52
N ARG G 28 -17.98 -59.50 -39.83
CA ARG G 28 -18.53 -60.14 -41.03
C ARG G 28 -18.42 -61.63 -40.98
N ASP G 29 -18.42 -62.18 -39.77
CA ASP G 29 -18.23 -63.60 -39.53
C ASP G 29 -19.33 -64.21 -38.67
N ARG G 30 -20.47 -63.52 -38.51
CA ARG G 30 -21.53 -64.03 -37.67
C ARG G 30 -22.86 -64.00 -38.44
N GLY G 31 -22.80 -63.79 -39.76
CA GLY G 31 -24.00 -63.71 -40.59
C GLY G 31 -24.96 -62.59 -40.21
N SER G 32 -24.40 -61.49 -39.72
CA SER G 32 -25.17 -60.39 -39.14
C SER G 32 -24.92 -59.11 -39.95
N PRO G 33 -25.92 -58.23 -40.03
CA PRO G 33 -27.27 -58.40 -39.49
C PRO G 33 -28.19 -59.15 -40.45
N VAL G 34 -29.39 -59.47 -39.98
CA VAL G 34 -30.37 -60.10 -40.85
C VAL G 34 -31.49 -59.08 -41.03
N PHE G 35 -31.64 -58.58 -42.24
CA PHE G 35 -32.69 -57.58 -42.50
C PHE G 35 -33.99 -58.22 -42.97
N LEU G 36 -35.03 -58.05 -42.16
CA LEU G 36 -36.37 -58.62 -42.46
C LEU G 36 -37.29 -57.50 -42.88
N PRO G 37 -37.61 -57.45 -44.16
CA PRO G 37 -38.32 -56.31 -44.78
C PRO G 37 -39.86 -56.33 -44.57
N PHE G 38 -40.25 -56.49 -43.31
CA PHE G 38 -41.67 -56.65 -42.95
C PHE G 38 -42.48 -55.36 -43.00
N GLY G 39 -41.82 -54.21 -43.17
CA GLY G 39 -42.53 -52.94 -43.39
C GLY G 39 -43.28 -52.97 -44.68
N GLY G 40 -42.81 -53.73 -45.68
CA GLY G 40 -43.61 -54.04 -46.86
C GLY G 40 -43.70 -52.93 -47.87
N LYS G 41 -42.87 -51.89 -47.70
CA LYS G 41 -42.93 -50.70 -48.55
C LYS G 41 -42.00 -50.82 -49.74
N LYS G 42 -42.43 -50.30 -50.89
CA LYS G 42 -41.67 -50.41 -52.12
C LYS G 42 -41.53 -49.06 -52.87
N ALA G 48 -39.01 -52.61 -55.51
CA ALA G 48 -37.79 -52.28 -54.76
C ALA G 48 -38.15 -51.88 -53.34
N HIS G 49 -37.45 -52.49 -52.39
CA HIS G 49 -37.69 -52.23 -50.98
C HIS G 49 -37.38 -50.77 -50.57
N VAL G 50 -38.26 -50.21 -49.74
CA VAL G 50 -37.99 -48.93 -49.10
C VAL G 50 -38.07 -49.09 -47.58
N ASN G 51 -37.05 -48.66 -46.85
CA ASN G 51 -37.05 -48.84 -45.41
C ASN G 51 -38.24 -48.12 -44.79
N SER G 52 -38.95 -48.81 -43.91
CA SER G 52 -40.15 -48.27 -43.33
C SER G 52 -40.47 -48.93 -41.99
N LEU G 53 -41.33 -48.28 -41.22
CA LEU G 53 -41.82 -48.84 -39.96
C LEU G 53 -42.13 -50.31 -40.10
N GLY G 54 -41.51 -51.11 -39.21
CA GLY G 54 -41.84 -52.51 -39.18
C GLY G 54 -40.83 -53.46 -39.80
N ASP G 55 -39.88 -52.94 -40.57
CA ASP G 55 -38.73 -53.73 -40.93
C ASP G 55 -38.07 -54.15 -39.59
N LEU G 56 -37.58 -55.39 -39.49
CA LEU G 56 -36.93 -55.85 -38.23
C LEU G 56 -35.53 -56.34 -38.55
N VAL G 57 -34.60 -56.07 -37.61
CA VAL G 57 -33.19 -56.42 -37.84
C VAL G 57 -32.56 -57.09 -36.62
N PRO G 58 -32.62 -58.44 -36.56
CA PRO G 58 -31.80 -59.18 -35.57
C PRO G 58 -30.32 -58.98 -35.88
N PHE G 59 -29.51 -58.87 -34.83
CA PHE G 59 -28.06 -58.68 -35.06
C PHE G 59 -27.23 -59.21 -33.91
N SER G 60 -25.94 -59.40 -34.18
CA SER G 60 -24.98 -59.76 -33.15
C SER G 60 -23.58 -59.50 -33.66
N ASN G 61 -22.88 -58.59 -32.97
CA ASN G 61 -21.49 -58.22 -33.33
C ASN G 61 -20.51 -58.58 -32.22
N LYS G 62 -19.21 -58.35 -32.45
CA LYS G 62 -18.21 -58.59 -31.42
C LYS G 62 -17.93 -57.30 -30.65
N ILE G 63 -17.60 -57.42 -29.37
CA ILE G 63 -17.19 -56.27 -28.60
C ILE G 63 -15.79 -56.41 -27.98
N TYR G 64 -15.11 -55.28 -27.94
CA TYR G 64 -13.74 -55.16 -27.44
C TYR G 64 -13.71 -54.03 -26.44
N ASP G 65 -12.69 -54.03 -25.60
CA ASP G 65 -12.54 -52.96 -24.59
C ASP G 65 -12.09 -51.67 -25.25
N GLY G 66 -12.04 -50.59 -24.47
CA GLY G 66 -11.69 -49.28 -25.01
C GLY G 66 -10.27 -49.27 -25.58
N SER G 67 -9.35 -50.05 -25.02
CA SER G 67 -7.97 -50.08 -25.50
C SER G 67 -7.83 -50.85 -26.81
N LEU G 68 -8.87 -51.58 -27.16
CA LEU G 68 -8.90 -52.49 -28.31
C LEU G 68 -7.91 -53.66 -28.17
N LYS G 69 -7.37 -53.86 -26.98
CA LYS G 69 -6.45 -54.99 -26.72
C LYS G 69 -7.11 -56.26 -26.23
N THR G 70 -8.41 -56.20 -25.89
CA THR G 70 -9.07 -57.32 -25.25
C THR G 70 -10.40 -57.55 -25.94
N ARG G 71 -10.62 -58.78 -26.38
CA ARG G 71 -11.95 -59.24 -26.83
C ARG G 71 -12.82 -59.52 -25.62
N LEU G 72 -13.96 -58.85 -25.50
CA LEU G 72 -14.80 -59.02 -24.32
C LEU G 72 -15.92 -60.02 -24.53
N GLY G 73 -16.51 -60.01 -25.72
CA GLY G 73 -17.69 -60.85 -25.96
C GLY G 73 -18.42 -60.41 -27.19
N ILE G 74 -19.75 -60.28 -27.07
CA ILE G 74 -20.61 -59.97 -28.21
C ILE G 74 -21.74 -59.02 -27.80
N THR G 75 -22.37 -58.37 -28.78
CA THR G 75 -23.72 -57.83 -28.60
C THR G 75 -24.72 -58.81 -29.21
N ALA G 76 -25.96 -58.71 -28.77
CA ALA G 76 -27.02 -59.57 -29.34
C ALA G 76 -28.35 -58.90 -29.11
N GLY G 77 -29.17 -58.82 -30.16
CA GLY G 77 -30.52 -58.26 -29.97
C GLY G 77 -31.23 -58.04 -31.26
N LEU G 78 -32.17 -57.07 -31.20
CA LEU G 78 -33.16 -56.86 -32.26
C LEU G 78 -33.42 -55.38 -32.39
N CYS G 79 -33.43 -54.88 -33.62
CA CYS G 79 -33.87 -53.50 -33.88
C CYS G 79 -35.18 -53.49 -34.68
N THR G 80 -36.07 -52.54 -34.35
CA THR G 80 -37.31 -52.37 -35.08
C THR G 80 -37.13 -51.04 -35.81
N LEU G 81 -37.24 -51.06 -37.15
CA LEU G 81 -37.13 -49.81 -37.89
C LEU G 81 -38.38 -48.97 -37.67
N ILE G 82 -38.20 -47.69 -37.38
CA ILE G 82 -39.31 -46.80 -37.06
C ILE G 82 -39.62 -45.82 -38.21
N SER G 83 -38.59 -45.19 -38.77
CA SER G 83 -38.80 -44.25 -39.86
C SER G 83 -37.52 -44.09 -40.67
N HIS G 84 -37.70 -43.73 -41.93
CA HIS G 84 -36.58 -43.41 -42.80
C HIS G 84 -36.62 -41.94 -43.14
N SER G 85 -35.46 -41.29 -43.11
CA SER G 85 -35.34 -39.89 -43.49
C SER G 85 -34.54 -39.82 -44.81
N ASP G 86 -35.19 -39.36 -45.87
CA ASP G 86 -34.47 -39.05 -47.09
C ASP G 86 -33.54 -37.88 -46.86
N GLN G 87 -34.01 -36.86 -46.15
CA GLN G 87 -33.20 -35.70 -45.84
C GLN G 87 -31.87 -36.01 -45.12
N LYS G 88 -31.92 -36.96 -44.18
CA LYS G 88 -30.77 -37.31 -43.39
C LYS G 88 -30.06 -38.52 -43.98
N ASN G 89 -30.69 -39.14 -44.99
CA ASN G 89 -30.20 -40.35 -45.61
C ASN G 89 -29.93 -41.44 -44.58
N GLY G 90 -30.96 -41.77 -43.83
CA GLY G 90 -30.81 -42.79 -42.79
C GLY G 90 -32.08 -43.13 -42.07
N ASP G 91 -31.97 -43.88 -40.97
CA ASP G 91 -33.14 -44.47 -40.33
C ASP G 91 -33.11 -44.32 -38.81
N ARG G 92 -34.28 -44.22 -38.23
CA ARG G 92 -34.47 -44.35 -36.82
C ARG G 92 -34.94 -45.75 -36.52
N TYR G 93 -34.21 -46.42 -35.62
CA TYR G 93 -34.64 -47.72 -35.07
C TYR G 93 -34.94 -47.60 -33.58
N GLU G 94 -35.72 -48.54 -33.08
CA GLU G 94 -35.88 -48.75 -31.65
C GLU G 94 -35.20 -50.09 -31.37
N ALA G 95 -34.24 -50.07 -30.45
CA ALA G 95 -33.33 -51.21 -30.27
C ALA G 95 -33.43 -51.82 -28.88
N LEU G 96 -33.37 -53.14 -28.83
CA LEU G 96 -33.29 -53.88 -27.56
C LEU G 96 -32.13 -54.82 -27.75
N TYR G 97 -31.08 -54.66 -26.94
CA TYR G 97 -29.96 -55.60 -27.05
C TYR G 97 -29.15 -55.67 -25.78
N SER G 98 -28.29 -56.69 -25.72
CA SER G 98 -27.40 -56.84 -24.56
C SER G 98 -25.96 -56.91 -25.04
N PHE G 99 -25.07 -56.55 -24.10
CA PHE G 99 -23.63 -56.64 -24.24
C PHE G 99 -23.15 -57.72 -23.29
N TYR G 100 -22.40 -58.69 -23.83
CA TYR G 100 -21.94 -59.85 -23.04
C TYR G 100 -20.44 -59.78 -22.90
N PHE G 101 -19.99 -59.82 -21.64
CA PHE G 101 -18.57 -59.62 -21.26
C PHE G 101 -17.98 -60.89 -20.65
N GLY G 102 -18.32 -62.05 -21.17
CA GLY G 102 -17.83 -63.29 -20.58
C GLY G 102 -18.24 -63.40 -19.13
N ASP G 103 -17.31 -63.81 -18.28
CA ASP G 103 -17.61 -64.02 -16.87
C ASP G 103 -17.92 -62.74 -16.10
N TYR G 104 -17.56 -61.59 -16.65
CA TYR G 104 -17.95 -60.36 -15.97
C TYR G 104 -19.46 -60.18 -15.89
N GLY G 105 -20.18 -60.77 -16.83
CA GLY G 105 -21.64 -60.59 -16.85
C GLY G 105 -22.09 -59.88 -18.12
N HIS G 106 -23.27 -59.26 -18.05
CA HIS G 106 -23.85 -58.58 -19.22
C HIS G 106 -24.49 -57.27 -18.81
N ILE G 107 -24.67 -56.39 -19.82
CA ILE G 107 -25.43 -55.17 -19.64
C ILE G 107 -26.54 -55.19 -20.69
N SER G 108 -27.77 -54.84 -20.30
CA SER G 108 -28.89 -54.74 -21.26
C SER G 108 -29.22 -53.28 -21.52
N VAL G 109 -29.63 -53.00 -22.76
CA VAL G 109 -30.00 -51.62 -23.12
C VAL G 109 -31.28 -51.60 -23.93
N GLN G 110 -31.89 -50.42 -23.96
N GLN G 110 -31.93 -50.43 -23.92
CA GLN G 110 -33.16 -50.23 -24.71
CA GLN G 110 -33.20 -50.24 -24.63
C GLN G 110 -33.18 -48.77 -25.09
C GLN G 110 -33.23 -48.78 -25.07
N GLY G 111 -33.58 -48.51 -26.34
CA GLY G 111 -33.63 -47.13 -26.78
C GLY G 111 -33.35 -46.93 -28.23
N PRO G 112 -32.99 -45.70 -28.59
CA PRO G 112 -32.92 -45.34 -30.02
C PRO G 112 -31.55 -45.64 -30.66
N TYR G 113 -31.59 -46.21 -31.85
N TYR G 113 -31.61 -46.08 -31.91
CA TYR G 113 -30.40 -46.31 -32.69
CA TYR G 113 -30.45 -46.39 -32.72
C TYR G 113 -30.76 -45.54 -33.94
C TYR G 113 -30.67 -45.63 -34.04
N ILE G 114 -29.99 -44.50 -34.19
CA ILE G 114 -30.23 -43.61 -35.35
C ILE G 114 -28.99 -43.67 -36.23
N THR G 115 -29.15 -44.09 -37.47
CA THR G 115 -27.96 -44.46 -38.29
C THR G 115 -27.09 -43.25 -38.60
N TYR G 116 -27.67 -42.07 -38.47
CA TYR G 116 -27.02 -40.85 -38.91
C TYR G 116 -26.57 -39.92 -37.78
N GLU G 117 -26.80 -40.32 -36.53
CA GLU G 117 -26.39 -39.48 -35.40
C GLU G 117 -26.25 -40.25 -34.12
N ASP G 118 -25.52 -39.69 -33.17
CA ASP G 118 -25.35 -40.31 -31.84
C ASP G 118 -26.66 -40.28 -31.09
N SER G 119 -26.82 -41.22 -30.16
CA SER G 119 -28.00 -41.29 -29.33
C SER G 119 -27.67 -41.81 -27.95
N TYR G 120 -28.61 -41.69 -27.03
CA TYR G 120 -28.47 -42.25 -25.69
C TYR G 120 -29.49 -43.35 -25.47
N LEU G 121 -29.02 -44.51 -25.04
N LEU G 121 -29.02 -44.52 -25.04
CA LEU G 121 -29.83 -45.65 -24.68
CA LEU G 121 -29.89 -45.63 -24.71
C LEU G 121 -30.05 -45.68 -23.17
C LEU G 121 -30.02 -45.77 -23.19
N ALA G 122 -31.17 -46.27 -22.74
CA ALA G 122 -31.33 -46.60 -21.32
C ALA G 122 -30.54 -47.86 -21.02
N ILE G 123 -29.82 -47.85 -19.90
CA ILE G 123 -29.22 -49.07 -19.34
C ILE G 123 -30.29 -49.70 -18.48
N THR G 124 -30.82 -50.86 -18.90
CA THR G 124 -31.99 -51.43 -18.22
C THR G 124 -31.61 -52.40 -17.08
N GLY G 125 -30.33 -52.74 -16.99
CA GLY G 125 -29.86 -53.62 -15.92
C GLY G 125 -28.76 -54.48 -16.44
N GLY G 126 -28.36 -55.46 -15.64
CA GLY G 126 -27.26 -56.34 -16.00
C GLY G 126 -27.13 -57.51 -15.06
N SER G 127 -26.01 -58.19 -15.16
CA SER G 127 -25.73 -59.35 -14.32
C SER G 127 -24.24 -59.37 -14.00
N GLY G 128 -23.85 -60.24 -13.08
CA GLY G 128 -22.43 -60.34 -12.73
C GLY G 128 -21.96 -59.07 -12.02
N ILE G 129 -20.86 -58.52 -12.48
CA ILE G 129 -20.37 -57.27 -11.90
C ILE G 129 -21.29 -56.11 -12.24
N PHE G 130 -22.18 -56.33 -13.22
CA PHE G 130 -23.14 -55.30 -13.63
C PHE G 130 -24.51 -55.46 -12.99
N ALA G 131 -24.67 -56.41 -12.05
CA ALA G 131 -25.97 -56.63 -11.47
C ALA G 131 -26.43 -55.39 -10.74
N GLY G 132 -27.65 -54.96 -11.03
CA GLY G 132 -28.23 -53.78 -10.41
C GLY G 132 -27.81 -52.46 -11.06
N CYS G 133 -27.10 -52.52 -12.19
CA CYS G 133 -26.68 -51.28 -12.85
C CYS G 133 -27.86 -50.51 -13.44
N TYR G 134 -27.64 -49.21 -13.60
CA TYR G 134 -28.66 -48.35 -14.23
C TYR G 134 -27.95 -47.12 -14.79
N GLY G 135 -28.66 -46.33 -15.58
CA GLY G 135 -28.08 -45.15 -16.18
C GLY G 135 -28.36 -45.08 -17.65
N GLN G 136 -27.46 -44.43 -18.38
CA GLN G 136 -27.63 -44.29 -19.84
C GLN G 136 -26.31 -44.57 -20.53
N ALA G 137 -26.38 -44.86 -21.83
CA ALA G 137 -25.21 -45.18 -22.63
C ALA G 137 -25.24 -44.38 -23.90
N LYS G 138 -24.14 -43.75 -24.22
CA LYS G 138 -24.03 -43.01 -25.45
C LYS G 138 -23.54 -43.91 -26.58
N LEU G 139 -24.32 -43.99 -27.66
N LEU G 139 -24.30 -43.96 -27.67
CA LEU G 139 -23.96 -44.71 -28.86
CA LEU G 139 -23.95 -44.73 -28.84
C LEU G 139 -23.39 -43.72 -29.88
C LEU G 139 -23.43 -43.80 -29.94
N HIS G 140 -22.15 -43.97 -30.30
CA HIS G 140 -21.51 -43.18 -31.32
C HIS G 140 -21.17 -44.07 -32.53
N GLN G 141 -21.70 -43.74 -33.71
CA GLN G 141 -21.35 -44.53 -34.90
C GLN G 141 -20.04 -44.06 -35.49
N ILE G 142 -19.10 -44.98 -35.69
CA ILE G 142 -17.83 -44.63 -36.28
C ILE G 142 -17.91 -44.78 -37.78
N ILE G 143 -18.33 -45.95 -38.23
CA ILE G 143 -18.61 -46.16 -39.66
C ILE G 143 -19.86 -47.00 -39.71
N PHE G 144 -20.90 -46.46 -40.31
CA PHE G 144 -22.17 -47.17 -40.45
C PHE G 144 -22.06 -48.33 -41.41
N PRO G 145 -22.55 -49.52 -41.03
CA PRO G 145 -23.00 -49.89 -39.69
C PRO G 145 -22.01 -50.85 -39.03
N PHE G 146 -20.75 -50.89 -39.49
CA PHE G 146 -19.82 -51.93 -39.03
C PHE G 146 -19.02 -51.62 -37.77
N LYS G 147 -18.88 -50.35 -37.42
CA LYS G 147 -18.06 -49.98 -36.26
C LYS G 147 -18.77 -48.94 -35.39
N LEU G 148 -18.91 -49.27 -34.11
CA LEU G 148 -19.62 -48.41 -33.16
C LEU G 148 -18.79 -48.25 -31.91
N PHE G 149 -19.06 -47.19 -31.16
CA PHE G 149 -18.33 -46.92 -29.92
C PHE G 149 -19.30 -46.48 -28.86
N TYR G 150 -19.27 -47.11 -27.69
CA TYR G 150 -20.19 -46.82 -26.60
C TYR G 150 -19.51 -46.26 -25.38
N THR G 151 -20.19 -45.32 -24.73
CA THR G 151 -19.81 -44.85 -23.39
C THR G 151 -20.96 -45.21 -22.46
N PHE G 152 -20.76 -46.22 -21.59
CA PHE G 152 -21.76 -46.53 -20.58
C PHE G 152 -21.55 -45.68 -19.37
N TYR G 153 -22.56 -44.94 -18.95
CA TYR G 153 -22.48 -44.14 -17.71
C TYR G 153 -23.15 -44.98 -16.63
N LEU G 154 -22.37 -45.86 -16.03
CA LEU G 154 -22.88 -46.87 -15.11
C LEU G 154 -23.06 -46.37 -13.69
N GLN G 155 -24.24 -46.56 -13.15
CA GLN G 155 -24.51 -46.27 -11.74
C GLN G 155 -24.91 -47.55 -11.04
N GLY G 156 -24.74 -47.59 -9.72
CA GLY G 156 -25.32 -48.63 -8.90
C GLY G 156 -24.45 -49.84 -8.70
N ILE G 157 -23.20 -49.84 -9.18
CA ILE G 157 -22.36 -51.00 -9.08
C ILE G 157 -21.00 -50.70 -8.46
N LYS G 158 -20.33 -51.76 -8.06
CA LYS G 158 -18.99 -51.66 -7.44
C LYS G 158 -17.98 -51.18 -8.46
N LYS G 159 -16.81 -50.76 -7.97
CA LYS G 159 -15.73 -50.30 -8.82
C LYS G 159 -15.41 -51.32 -9.91
N LEU G 160 -15.46 -50.85 -11.16
CA LEU G 160 -15.08 -51.68 -12.32
C LEU G 160 -13.66 -52.24 -12.20
N PRO G 161 -13.44 -53.48 -12.65
CA PRO G 161 -12.06 -54.01 -12.63
C PRO G 161 -11.12 -53.21 -13.55
N GLU G 162 -9.84 -53.11 -13.19
CA GLU G 162 -8.94 -52.25 -13.94
C GLU G 162 -8.79 -52.74 -15.37
N ALA G 163 -8.97 -54.05 -15.59
CA ALA G 163 -8.90 -54.58 -16.95
C ALA G 163 -9.93 -53.93 -17.92
N LEU G 164 -11.03 -53.41 -17.39
CA LEU G 164 -12.06 -52.74 -18.20
C LEU G 164 -11.89 -51.24 -18.31
N CYS G 165 -10.85 -50.70 -17.67
CA CYS G 165 -10.64 -49.27 -17.59
C CYS G 165 -9.27 -48.83 -18.12
N ALA G 166 -8.75 -49.55 -19.09
CA ALA G 166 -7.47 -49.18 -19.70
C ALA G 166 -7.62 -47.89 -20.56
N PRO G 167 -6.53 -47.21 -20.85
CA PRO G 167 -6.62 -46.02 -21.67
C PRO G 167 -7.35 -46.34 -22.99
N CYS G 168 -8.24 -45.44 -23.38
CA CYS G 168 -9.15 -45.72 -24.47
C CYS G 168 -8.63 -45.14 -25.79
N VAL G 169 -8.57 -45.97 -26.82
CA VAL G 169 -8.26 -45.48 -28.17
C VAL G 169 -9.34 -44.52 -28.64
N PRO G 170 -8.94 -43.35 -29.20
CA PRO G 170 -9.96 -42.43 -29.70
C PRO G 170 -10.64 -43.02 -30.93
N PRO G 171 -12.00 -42.95 -30.99
CA PRO G 171 -12.69 -43.55 -32.11
C PRO G 171 -12.34 -42.84 -33.44
N SER G 172 -12.10 -43.63 -34.49
CA SER G 172 -11.99 -43.14 -35.86
C SER G 172 -12.20 -44.33 -36.81
N PRO G 173 -12.46 -44.04 -38.09
CA PRO G 173 -12.82 -45.14 -38.98
C PRO G 173 -11.78 -46.21 -39.15
N SER G 174 -10.52 -45.90 -38.91
CA SER G 174 -9.45 -46.87 -39.10
C SER G 174 -9.20 -47.77 -37.88
N VAL G 175 -9.84 -47.52 -36.74
CA VAL G 175 -9.65 -48.36 -35.52
C VAL G 175 -9.88 -49.85 -35.79
N ALA G 176 -9.07 -50.67 -35.17
CA ALA G 176 -9.25 -52.11 -35.31
C ALA G 176 -8.70 -52.76 -34.04
N PRO G 177 -9.22 -53.95 -33.69
CA PRO G 177 -8.74 -54.64 -32.51
C PRO G 177 -7.27 -55.01 -32.70
N ALA G 178 -6.50 -55.02 -31.62
CA ALA G 178 -5.15 -55.58 -31.67
C ALA G 178 -5.26 -57.00 -32.22
N ASP G 179 -4.23 -57.41 -32.92
CA ASP G 179 -4.27 -58.75 -33.52
C ASP G 179 -4.44 -59.86 -32.47
N GLU G 180 -3.82 -59.70 -31.31
CA GLU G 180 -3.87 -60.75 -30.28
C GLU G 180 -5.32 -60.85 -29.74
N ALA G 181 -6.06 -59.74 -29.77
CA ALA G 181 -7.47 -59.74 -29.37
C ALA G 181 -8.33 -60.37 -30.47
N LYS G 182 -8.03 -60.00 -31.73
CA LYS G 182 -8.76 -60.58 -32.86
C LYS G 182 -8.60 -62.08 -32.89
N GLN G 183 -7.40 -62.56 -32.53
CA GLN G 183 -7.12 -64.00 -32.49
C GLN G 183 -7.54 -64.66 -31.17
N CYS G 184 -8.05 -63.85 -30.24
CA CYS G 184 -8.55 -64.37 -28.97
C CYS G 184 -7.49 -65.14 -28.17
N LEU G 185 -6.29 -64.57 -28.13
CA LEU G 185 -5.19 -65.19 -27.42
C LEU G 185 -5.36 -65.03 -25.89
N PRO G 186 -4.77 -65.94 -25.11
CA PRO G 186 -4.71 -65.71 -23.67
C PRO G 186 -4.20 -64.33 -23.30
N ASN G 187 -4.76 -63.79 -22.23
CA ASN G 187 -4.38 -62.45 -21.78
C ASN G 187 -4.83 -61.33 -22.71
N HIS G 188 -5.60 -61.70 -23.73
CA HIS G 188 -6.25 -60.70 -24.61
C HIS G 188 -7.71 -60.98 -24.81
N VAL G 189 -8.28 -61.69 -23.84
CA VAL G 189 -9.71 -61.94 -23.81
C VAL G 189 -10.25 -61.80 -22.39
N ALA G 190 -11.51 -61.42 -22.26
CA ALA G 190 -12.16 -61.46 -20.97
C ALA G 190 -12.20 -62.92 -20.53
N PRO G 191 -12.25 -63.15 -19.20
CA PRO G 191 -12.40 -64.51 -18.70
C PRO G 191 -13.66 -65.18 -19.28
N ASN G 192 -13.48 -66.31 -19.95
CA ASN G 192 -14.53 -67.01 -20.68
C ASN G 192 -15.33 -66.06 -21.56
N PHE G 193 -14.61 -65.27 -22.34
CA PHE G 193 -15.25 -64.26 -23.22
C PHE G 193 -16.36 -64.89 -24.05
N THR G 194 -17.42 -64.11 -24.30
CA THR G 194 -18.60 -64.65 -24.95
C THR G 194 -18.36 -64.83 -26.43
N LYS G 195 -18.62 -66.04 -26.91
CA LYS G 195 -18.35 -66.37 -28.29
C LYS G 195 -19.62 -66.26 -29.10
N HIS H 16 -31.00 -54.41 -0.29
CA HIS H 16 -31.54 -55.60 0.39
C HIS H 16 -32.07 -56.59 -0.64
N VAL H 17 -31.38 -57.72 -0.83
CA VAL H 17 -31.81 -58.70 -1.82
C VAL H 17 -32.79 -59.69 -1.24
N GLN H 18 -33.93 -59.89 -1.93
CA GLN H 18 -34.87 -60.92 -1.55
C GLN H 18 -34.98 -61.94 -2.65
N GLU H 19 -34.88 -63.22 -2.32
CA GLU H 19 -35.03 -64.29 -3.30
C GLU H 19 -36.48 -64.65 -3.50
N LEU H 20 -36.89 -64.76 -4.76
CA LEU H 20 -38.21 -65.23 -5.14
C LEU H 20 -38.02 -66.39 -6.11
N PHE H 21 -38.59 -67.55 -5.81
CA PHE H 21 -38.47 -68.72 -6.67
C PHE H 21 -39.74 -68.92 -7.49
N VAL H 22 -39.57 -69.21 -8.78
CA VAL H 22 -40.72 -69.37 -9.68
C VAL H 22 -40.45 -70.55 -10.62
N TYR H 23 -41.43 -71.44 -10.74
CA TYR H 23 -41.35 -72.50 -11.75
C TYR H 23 -42.11 -72.05 -13.00
N GLU H 24 -41.53 -72.28 -14.15
CA GLU H 24 -42.15 -71.99 -15.43
C GLU H 24 -42.37 -73.28 -16.19
N ILE H 25 -43.61 -73.56 -16.57
CA ILE H 25 -43.93 -74.83 -17.17
C ILE H 25 -44.71 -74.64 -18.46
N ASN H 26 -44.23 -75.25 -19.55
CA ASN H 26 -45.00 -75.29 -20.77
C ASN H 26 -45.91 -76.51 -20.73
N GLU H 27 -47.21 -76.31 -20.49
CA GLU H 27 -48.14 -77.42 -20.36
C GLU H 27 -48.80 -77.74 -21.68
N ARG H 28 -48.23 -77.17 -22.76
CA ARG H 28 -48.62 -77.54 -24.12
C ARG H 28 -50.06 -77.20 -24.47
N ASP H 29 -50.63 -76.20 -23.79
CA ASP H 29 -52.03 -75.87 -23.92
C ASP H 29 -52.31 -74.45 -24.40
N ARG H 30 -51.26 -73.71 -24.78
CA ARG H 30 -51.34 -72.27 -25.10
C ARG H 30 -50.82 -72.07 -26.56
N GLY H 31 -50.58 -73.14 -27.32
CA GLY H 31 -49.97 -73.03 -28.66
C GLY H 31 -48.57 -72.40 -28.69
N SER H 32 -47.81 -72.61 -27.62
CA SER H 32 -46.51 -71.97 -27.44
C SER H 32 -45.40 -73.01 -27.41
N PRO H 33 -44.20 -72.67 -27.93
CA PRO H 33 -43.84 -71.39 -28.54
C PRO H 33 -44.19 -71.37 -30.01
N VAL H 34 -44.14 -70.19 -30.59
CA VAL H 34 -44.34 -70.04 -32.03
C VAL H 34 -43.00 -69.78 -32.68
N PHE H 35 -42.53 -70.73 -33.46
CA PHE H 35 -41.18 -70.61 -34.04
C PHE H 35 -41.24 -70.03 -35.44
N LEU H 36 -40.67 -68.83 -35.59
CA LEU H 36 -40.70 -68.14 -36.89
C LEU H 36 -39.30 -68.22 -37.51
N PRO H 37 -39.16 -69.00 -38.59
CA PRO H 37 -37.83 -69.34 -39.14
C PRO H 37 -37.25 -68.24 -40.02
N PHE H 38 -37.24 -67.01 -39.50
CA PHE H 38 -36.84 -65.84 -40.32
C PHE H 38 -35.34 -65.76 -40.62
N GLY H 39 -34.51 -66.53 -39.91
CA GLY H 39 -33.06 -66.56 -40.15
C GLY H 39 -32.79 -67.12 -41.54
N GLY H 40 -33.72 -67.96 -42.01
CA GLY H 40 -33.76 -68.46 -43.35
C GLY H 40 -32.67 -69.44 -43.76
N LYS H 41 -31.97 -70.03 -42.80
CA LYS H 41 -30.94 -70.99 -43.12
C LYS H 41 -31.53 -72.40 -43.26
N LYS H 42 -30.92 -73.21 -44.13
CA LYS H 42 -31.49 -74.51 -44.49
C LYS H 42 -30.58 -75.69 -44.17
N ALA H 48 -34.24 -78.50 -45.13
CA ALA H 48 -34.64 -78.53 -43.71
C ALA H 48 -34.07 -77.33 -42.93
N HIS H 49 -34.89 -76.72 -42.06
CA HIS H 49 -34.49 -75.53 -41.37
C HIS H 49 -33.27 -75.75 -40.47
N VAL H 50 -32.38 -74.77 -40.44
CA VAL H 50 -31.28 -74.75 -39.46
C VAL H 50 -31.45 -73.50 -38.62
N ASN H 51 -31.46 -73.66 -37.30
CA ASN H 51 -31.55 -72.51 -36.39
C ASN H 51 -30.42 -71.54 -36.63
N SER H 52 -30.75 -70.25 -36.80
CA SER H 52 -29.72 -69.23 -37.03
C SER H 52 -30.22 -67.87 -36.65
N LEU H 53 -29.30 -66.93 -36.57
CA LEU H 53 -29.58 -65.55 -36.20
C LEU H 53 -30.78 -65.06 -36.96
N GLY H 54 -31.73 -64.55 -36.21
CA GLY H 54 -32.90 -63.95 -36.84
C GLY H 54 -34.17 -64.80 -36.83
N ASP H 55 -34.06 -66.06 -36.48
CA ASP H 55 -35.29 -66.79 -36.13
C ASP H 55 -35.89 -66.11 -34.90
N LEU H 56 -37.21 -66.00 -34.83
CA LEU H 56 -37.88 -65.28 -33.74
C LEU H 56 -38.86 -66.23 -33.08
N VAL H 57 -38.97 -66.13 -31.78
CA VAL H 57 -39.81 -67.07 -31.02
C VAL H 57 -40.64 -66.35 -29.97
N PRO H 58 -41.86 -65.97 -30.36
CA PRO H 58 -42.84 -65.47 -29.37
C PRO H 58 -43.27 -66.66 -28.50
N PHE H 59 -43.52 -66.42 -27.21
CA PHE H 59 -43.87 -67.51 -26.32
C PHE H 59 -44.65 -67.05 -25.10
N SER H 60 -45.34 -68.00 -24.49
CA SER H 60 -46.01 -67.75 -23.21
C SER H 60 -46.29 -69.06 -22.49
N ASN H 61 -45.75 -69.19 -21.28
CA ASN H 61 -45.92 -70.41 -20.47
C ASN H 61 -46.65 -70.11 -19.16
N LYS H 62 -46.96 -71.15 -18.39
CA LYS H 62 -47.56 -70.93 -17.08
C LYS H 62 -46.47 -70.80 -16.02
N ILE H 63 -46.74 -70.04 -14.95
CA ILE H 63 -45.82 -70.01 -13.81
C ILE H 63 -46.50 -70.37 -12.49
N TYR H 64 -45.72 -71.03 -11.64
CA TYR H 64 -46.14 -71.50 -10.33
C TYR H 64 -45.14 -71.02 -9.28
N ASP H 65 -45.58 -70.97 -8.02
CA ASP H 65 -44.67 -70.59 -6.95
C ASP H 65 -43.64 -71.68 -6.68
N GLY H 66 -42.67 -71.34 -5.85
CA GLY H 66 -41.57 -72.27 -5.49
C GLY H 66 -42.05 -73.55 -4.84
N SER H 67 -43.18 -73.49 -4.11
CA SER H 67 -43.67 -74.67 -3.43
C SER H 67 -44.43 -75.58 -4.38
N LEU H 68 -44.68 -75.09 -5.60
CA LEU H 68 -45.46 -75.80 -6.62
C LEU H 68 -46.91 -76.09 -6.24
N LYS H 69 -47.41 -75.36 -5.24
CA LYS H 69 -48.77 -75.48 -4.77
C LYS H 69 -49.68 -74.43 -5.35
N THR H 70 -49.12 -73.38 -5.96
CA THR H 70 -49.96 -72.25 -6.41
C THR H 70 -49.68 -71.86 -7.85
N ARG H 71 -50.73 -71.77 -8.66
CA ARG H 71 -50.59 -71.17 -9.99
C ARG H 71 -50.57 -69.65 -9.81
N LEU H 72 -49.52 -69.00 -10.32
CA LEU H 72 -49.37 -67.57 -10.15
C LEU H 72 -49.85 -66.75 -11.37
N GLY H 73 -49.56 -67.29 -12.55
CA GLY H 73 -49.82 -66.55 -13.77
C GLY H 73 -49.11 -67.14 -14.94
N ILE H 74 -48.50 -66.27 -15.75
CA ILE H 74 -47.86 -66.69 -16.99
C ILE H 74 -46.55 -65.93 -17.20
N THR H 75 -45.70 -66.45 -18.08
CA THR H 75 -44.69 -65.63 -18.75
C THR H 75 -45.21 -65.23 -20.10
N ALA H 76 -44.63 -64.17 -20.67
CA ALA H 76 -45.03 -63.72 -22.02
C ALA H 76 -43.93 -62.91 -22.61
N GLY H 77 -43.53 -63.21 -23.84
CA GLY H 77 -42.55 -62.38 -24.51
C GLY H 77 -42.01 -62.94 -25.78
N LEU H 78 -40.77 -62.56 -26.12
CA LEU H 78 -40.19 -62.77 -27.42
C LEU H 78 -38.72 -63.09 -27.29
N CYS H 79 -38.29 -64.17 -27.93
CA CYS H 79 -36.87 -64.50 -28.02
C CYS H 79 -36.35 -64.33 -29.43
N THR H 80 -35.14 -63.81 -29.56
CA THR H 80 -34.47 -63.68 -30.84
C THR H 80 -33.32 -64.67 -30.84
N LEU H 81 -33.35 -65.63 -31.78
CA LEU H 81 -32.27 -66.60 -31.90
C LEU H 81 -31.01 -65.88 -32.37
N ILE H 82 -29.90 -66.12 -31.67
CA ILE H 82 -28.63 -65.43 -31.99
C ILE H 82 -27.64 -66.37 -32.66
N SER H 83 -27.47 -67.57 -32.10
CA SER H 83 -26.55 -68.53 -32.70
C SER H 83 -26.91 -69.95 -32.28
N HIS H 84 -26.56 -70.89 -33.15
CA HIS H 84 -26.72 -72.30 -32.87
C HIS H 84 -25.36 -72.94 -32.72
N SER H 85 -25.20 -73.76 -31.70
CA SER H 85 -23.95 -74.52 -31.50
C SER H 85 -24.20 -76.02 -31.74
N ASP H 86 -23.52 -76.57 -32.73
CA ASP H 86 -23.55 -78.01 -32.93
C ASP H 86 -22.80 -78.71 -31.81
N GLN H 87 -21.65 -78.17 -31.43
CA GLN H 87 -20.82 -78.74 -30.39
C GLN H 87 -21.59 -78.82 -29.06
N LYS H 88 -22.40 -77.82 -28.77
CA LYS H 88 -23.20 -77.77 -27.55
C LYS H 88 -24.60 -78.35 -27.72
N ASN H 89 -25.01 -78.63 -28.95
CA ASN H 89 -26.35 -79.09 -29.26
C ASN H 89 -27.46 -78.16 -28.75
N GLY H 90 -27.40 -76.88 -29.10
CA GLY H 90 -28.41 -75.96 -28.59
C GLY H 90 -28.19 -74.56 -29.13
N ASP H 91 -28.93 -73.60 -28.59
CA ASP H 91 -28.93 -72.26 -29.15
C ASP H 91 -28.78 -71.20 -28.06
N ARG H 92 -28.24 -70.05 -28.46
CA ARG H 92 -28.31 -68.84 -27.64
C ARG H 92 -29.43 -67.98 -28.19
N TYR H 93 -30.30 -67.54 -27.29
CA TYR H 93 -31.33 -66.53 -27.62
C TYR H 93 -31.10 -65.27 -26.81
N GLU H 94 -31.59 -64.16 -27.34
CA GLU H 94 -31.70 -62.91 -26.60
C GLU H 94 -33.18 -62.73 -26.28
N ALA H 95 -33.51 -62.66 -25.00
CA ALA H 95 -34.91 -62.72 -24.56
C ALA H 95 -35.40 -61.49 -23.88
N LEU H 96 -36.65 -61.15 -24.19
N LEU H 96 -36.63 -61.13 -24.23
CA LEU H 96 -37.33 -60.06 -23.55
CA LEU H 96 -37.36 -60.07 -23.57
C LEU H 96 -38.71 -60.60 -23.15
C LEU H 96 -38.68 -60.69 -23.14
N TYR H 97 -38.96 -60.68 -21.85
CA TYR H 97 -40.23 -61.24 -21.35
C TYR H 97 -40.62 -60.77 -19.98
N SER H 98 -41.87 -60.99 -19.62
CA SER H 98 -42.38 -60.64 -18.33
C SER H 98 -42.99 -61.83 -17.65
N PHE H 99 -43.04 -61.74 -16.32
CA PHE H 99 -43.69 -62.72 -15.45
C PHE H 99 -44.86 -62.01 -14.85
N TYR H 100 -46.06 -62.61 -14.99
CA TYR H 100 -47.28 -62.03 -14.45
C TYR H 100 -47.82 -62.82 -13.30
N PHE H 101 -48.06 -62.13 -12.20
CA PHE H 101 -48.41 -62.77 -10.93
C PHE H 101 -49.80 -62.36 -10.48
N GLY H 102 -50.72 -62.21 -11.43
CA GLY H 102 -52.08 -61.82 -11.04
C GLY H 102 -52.01 -60.43 -10.40
N ASP H 103 -52.75 -60.25 -9.33
CA ASP H 103 -52.89 -58.94 -8.70
C ASP H 103 -51.62 -58.47 -7.99
N TYR H 104 -50.66 -59.37 -7.76
CA TYR H 104 -49.38 -58.94 -7.17
C TYR H 104 -48.63 -57.97 -8.10
N GLY H 105 -48.78 -58.15 -9.41
CA GLY H 105 -48.06 -57.34 -10.38
C GLY H 105 -47.22 -58.19 -11.30
N HIS H 106 -46.20 -57.57 -11.89
CA HIS H 106 -45.36 -58.27 -12.85
C HIS H 106 -43.90 -57.91 -12.67
N ILE H 107 -43.04 -58.79 -13.16
CA ILE H 107 -41.59 -58.53 -13.22
C ILE H 107 -41.18 -58.64 -14.70
N SER H 108 -40.38 -57.70 -15.19
CA SER H 108 -39.88 -57.77 -16.56
C SER H 108 -38.40 -58.11 -16.54
N VAL H 109 -37.96 -58.86 -17.54
CA VAL H 109 -36.55 -59.28 -17.66
C VAL H 109 -36.02 -59.12 -19.06
N GLN H 110 -34.71 -59.06 -19.15
CA GLN H 110 -34.02 -58.94 -20.43
C GLN H 110 -32.68 -59.63 -20.31
N GLY H 111 -32.32 -60.43 -21.29
CA GLY H 111 -30.98 -61.04 -21.30
C GLY H 111 -30.97 -62.38 -22.01
N PRO H 112 -30.00 -63.22 -21.66
CA PRO H 112 -29.72 -64.42 -22.42
C PRO H 112 -30.51 -65.64 -21.98
N TYR H 113 -31.02 -66.38 -22.96
CA TYR H 113 -31.60 -67.69 -22.71
C TYR H 113 -30.78 -68.65 -23.55
N ILE H 114 -30.11 -69.57 -22.89
CA ILE H 114 -29.23 -70.49 -23.56
C ILE H 114 -29.78 -71.87 -23.30
N THR H 115 -30.07 -72.62 -24.37
CA THR H 115 -30.85 -73.84 -24.18
C THR H 115 -30.10 -74.92 -23.46
N TYR H 116 -28.77 -74.81 -23.40
CA TYR H 116 -27.93 -75.88 -22.85
C TYR H 116 -27.25 -75.55 -21.53
N GLU H 117 -27.51 -74.38 -20.95
CA GLU H 117 -26.87 -74.01 -19.66
C GLU H 117 -27.61 -72.89 -18.94
N ASP H 118 -27.34 -72.73 -17.64
CA ASP H 118 -27.99 -71.69 -16.87
C ASP H 118 -27.49 -70.31 -17.32
N SER H 119 -28.28 -69.28 -17.04
CA SER H 119 -27.86 -67.91 -17.34
C SER H 119 -28.45 -66.96 -16.33
N TYR H 120 -27.99 -65.70 -16.37
CA TYR H 120 -28.56 -64.64 -15.53
C TYR H 120 -29.18 -63.54 -16.41
N LEU H 121 -30.44 -63.23 -16.14
CA LEU H 121 -31.15 -62.16 -16.81
C LEU H 121 -31.13 -60.90 -15.97
N ALA H 122 -31.18 -59.74 -16.63
CA ALA H 122 -31.43 -58.50 -15.94
C ALA H 122 -32.90 -58.42 -15.56
N ILE H 123 -33.17 -58.01 -14.33
CA ILE H 123 -34.51 -57.60 -13.90
C ILE H 123 -34.66 -56.12 -14.24
N THR H 124 -35.52 -55.84 -15.21
CA THR H 124 -35.57 -54.47 -15.74
C THR H 124 -36.59 -53.59 -15.02
N GLY H 125 -37.44 -54.19 -14.19
CA GLY H 125 -38.41 -53.47 -13.44
C GLY H 125 -39.66 -54.31 -13.26
N GLY H 126 -40.68 -53.71 -12.68
CA GLY H 126 -41.95 -54.40 -12.45
C GLY H 126 -43.07 -53.45 -12.08
N SER H 127 -44.14 -54.01 -11.57
CA SER H 127 -45.32 -53.23 -11.17
C SER H 127 -45.92 -53.87 -9.92
N GLY H 128 -46.85 -53.15 -9.31
CA GLY H 128 -47.50 -53.64 -8.12
C GLY H 128 -46.50 -53.80 -7.00
N ILE H 129 -46.49 -54.97 -6.34
CA ILE H 129 -45.52 -55.16 -5.27
C ILE H 129 -44.06 -55.21 -5.77
N PHE H 130 -43.89 -55.32 -7.08
CA PHE H 130 -42.58 -55.32 -7.69
C PHE H 130 -42.20 -53.97 -8.32
N ALA H 131 -43.02 -52.93 -8.10
CA ALA H 131 -42.70 -51.63 -8.69
C ALA H 131 -41.38 -51.13 -8.13
N GLY H 132 -40.49 -50.75 -9.04
CA GLY H 132 -39.19 -50.26 -8.64
C GLY H 132 -38.13 -51.31 -8.45
N CYS H 133 -38.46 -52.58 -8.71
CA CYS H 133 -37.49 -53.66 -8.53
C CYS H 133 -36.34 -53.59 -9.50
N TYR H 134 -35.21 -54.15 -9.08
CA TYR H 134 -34.03 -54.26 -9.94
C TYR H 134 -33.19 -55.43 -9.45
N GLY H 135 -32.18 -55.79 -10.24
CA GLY H 135 -31.31 -56.89 -9.87
C GLY H 135 -31.16 -57.86 -11.03
N GLN H 136 -30.86 -59.11 -10.71
CA GLN H 136 -30.66 -60.14 -11.71
C GLN H 136 -31.44 -61.39 -11.31
N ALA H 137 -31.74 -62.26 -12.28
CA ALA H 137 -32.49 -63.47 -12.05
C ALA H 137 -31.78 -64.65 -12.68
N LYS H 138 -31.57 -65.73 -11.91
CA LYS H 138 -30.99 -66.95 -12.45
C LYS H 138 -32.06 -67.79 -13.15
N LEU H 139 -31.77 -68.16 -14.38
CA LEU H 139 -32.60 -69.07 -15.18
C LEU H 139 -31.91 -70.45 -15.13
N HIS H 140 -32.62 -71.46 -14.61
CA HIS H 140 -32.11 -72.81 -14.57
C HIS H 140 -33.06 -73.72 -15.35
N GLN H 141 -32.55 -74.39 -16.37
CA GLN H 141 -33.38 -75.32 -17.11
C GLN H 141 -33.44 -76.66 -16.37
N ILE H 142 -34.65 -77.14 -16.15
CA ILE H 142 -34.84 -78.42 -15.54
C ILE H 142 -34.94 -79.53 -16.61
N ILE H 143 -35.85 -79.35 -17.56
CA ILE H 143 -35.95 -80.25 -18.71
C ILE H 143 -36.24 -79.37 -19.91
N PHE H 144 -35.30 -79.34 -20.84
CA PHE H 144 -35.45 -78.63 -22.08
C PHE H 144 -36.48 -79.34 -22.90
N PRO H 145 -37.49 -78.60 -23.46
CA PRO H 145 -37.65 -77.14 -23.30
C PRO H 145 -38.85 -76.72 -22.41
N PHE H 146 -39.43 -77.65 -21.66
CA PHE H 146 -40.74 -77.43 -21.05
C PHE H 146 -40.78 -77.10 -19.57
N LYS H 147 -39.66 -77.23 -18.88
CA LYS H 147 -39.66 -76.94 -17.44
C LYS H 147 -38.43 -76.13 -17.04
N LEU H 148 -38.66 -74.92 -16.51
CA LEU H 148 -37.58 -74.03 -16.05
C LEU H 148 -37.82 -73.56 -14.62
N PHE H 149 -36.74 -73.16 -13.93
CA PHE H 149 -36.83 -72.71 -12.58
C PHE H 149 -36.02 -71.42 -12.43
N TYR H 150 -36.66 -70.39 -11.88
CA TYR H 150 -36.02 -69.07 -11.74
C TYR H 150 -35.80 -68.68 -10.29
N THR H 151 -34.63 -68.08 -10.04
CA THR H 151 -34.38 -67.40 -8.78
C THR H 151 -34.21 -65.93 -9.03
N PHE H 152 -35.20 -65.13 -8.63
CA PHE H 152 -35.12 -63.68 -8.79
C PHE H 152 -34.40 -63.12 -7.56
N TYR H 153 -33.33 -62.38 -7.77
CA TYR H 153 -32.65 -61.70 -6.66
C TYR H 153 -33.11 -60.24 -6.66
N LEU H 154 -34.26 -60.04 -6.04
CA LEU H 154 -34.99 -58.78 -6.13
C LEU H 154 -34.48 -57.73 -5.15
N GLN H 155 -34.12 -56.58 -5.69
CA GLN H 155 -33.72 -55.44 -4.88
C GLN H 155 -34.73 -54.33 -5.04
N GLY H 156 -34.80 -53.46 -4.04
CA GLY H 156 -35.56 -52.20 -4.22
C GLY H 156 -37.03 -52.26 -3.85
N ILE H 157 -37.49 -53.37 -3.25
CA ILE H 157 -38.91 -53.51 -2.97
C ILE H 157 -39.19 -53.89 -1.52
N LYS H 158 -40.43 -53.69 -1.09
CA LYS H 158 -40.86 -54.09 0.26
C LYS H 158 -40.78 -55.61 0.44
N LYS H 159 -40.79 -56.04 1.70
CA LYS H 159 -40.78 -57.47 2.03
C LYS H 159 -41.89 -58.17 1.23
N LEU H 160 -41.51 -59.22 0.50
CA LEU H 160 -42.46 -60.02 -0.29
C LEU H 160 -43.49 -60.66 0.63
N PRO H 161 -44.72 -60.79 0.15
CA PRO H 161 -45.77 -61.44 0.96
C PRO H 161 -45.46 -62.91 1.21
N GLU H 162 -45.90 -63.41 2.35
CA GLU H 162 -45.57 -64.76 2.73
C GLU H 162 -46.04 -65.78 1.69
N ALA H 163 -47.15 -65.49 1.00
CA ALA H 163 -47.68 -66.42 0.02
C ALA H 163 -46.74 -66.68 -1.11
N LEU H 164 -45.82 -65.73 -1.34
CA LEU H 164 -44.80 -65.91 -2.41
C LEU H 164 -43.49 -66.52 -1.92
N CYS H 165 -43.43 -66.77 -0.63
CA CYS H 165 -42.19 -67.19 0.05
C CYS H 165 -42.33 -68.53 0.77
N ALA H 166 -43.26 -69.37 0.34
CA ALA H 166 -43.38 -70.74 0.87
C ALA H 166 -42.07 -71.50 0.65
N PRO H 167 -41.83 -72.49 1.50
CA PRO H 167 -40.64 -73.29 1.30
C PRO H 167 -40.59 -73.91 -0.09
N CYS H 168 -39.46 -73.74 -0.76
CA CYS H 168 -39.31 -74.10 -2.15
C CYS H 168 -39.07 -75.58 -2.32
N VAL H 169 -39.69 -76.17 -3.33
CA VAL H 169 -39.35 -77.55 -3.75
C VAL H 169 -38.00 -77.42 -4.49
N PRO H 170 -36.95 -78.15 -4.06
CA PRO H 170 -35.70 -78.13 -4.82
C PRO H 170 -35.92 -78.64 -6.27
N PRO H 171 -35.35 -77.95 -7.25
CA PRO H 171 -35.54 -78.33 -8.66
C PRO H 171 -34.92 -79.68 -9.03
N SER H 172 -35.66 -80.46 -9.79
CA SER H 172 -35.19 -81.69 -10.37
C SER H 172 -36.17 -82.11 -11.44
N PRO H 173 -35.77 -83.03 -12.34
CA PRO H 173 -36.63 -83.39 -13.48
C PRO H 173 -38.02 -83.91 -13.12
N SER H 174 -38.20 -84.48 -11.92
CA SER H 174 -39.52 -85.06 -11.60
C SER H 174 -40.55 -84.11 -11.00
N VAL H 175 -40.13 -82.89 -10.64
CA VAL H 175 -41.01 -82.01 -9.88
C VAL H 175 -42.09 -81.48 -10.85
N ALA H 176 -43.26 -81.22 -10.30
CA ALA H 176 -44.41 -80.78 -11.12
C ALA H 176 -45.41 -80.07 -10.22
N PRO H 177 -46.23 -79.20 -10.82
CA PRO H 177 -47.23 -78.51 -10.02
C PRO H 177 -48.15 -79.54 -9.36
N ALA H 178 -48.59 -79.22 -8.16
CA ALA H 178 -49.68 -80.01 -7.54
C ALA H 178 -50.88 -80.02 -8.47
N ASP H 179 -51.59 -81.14 -8.47
CA ASP H 179 -52.73 -81.27 -9.37
C ASP H 179 -53.78 -80.17 -9.17
N GLU H 180 -53.95 -79.76 -7.92
CA GLU H 180 -54.90 -78.68 -7.60
C GLU H 180 -54.46 -77.34 -8.19
N ALA H 181 -53.14 -77.12 -8.29
CA ALA H 181 -52.68 -75.88 -8.92
C ALA H 181 -52.81 -75.96 -10.41
N LYS H 182 -52.54 -77.15 -10.95
CA LYS H 182 -52.68 -77.41 -12.39
C LYS H 182 -54.11 -77.19 -12.88
N GLN H 183 -55.07 -77.57 -12.06
CA GLN H 183 -56.47 -77.43 -12.40
C GLN H 183 -56.99 -76.05 -12.02
N CYS H 184 -56.13 -75.18 -11.45
CA CYS H 184 -56.47 -73.82 -11.04
C CYS H 184 -57.61 -73.78 -10.03
N LEU H 185 -57.61 -74.74 -9.10
CA LEU H 185 -58.69 -74.84 -8.09
C LEU H 185 -58.52 -73.66 -7.15
N PRO H 186 -59.63 -73.12 -6.63
CA PRO H 186 -59.61 -71.88 -5.85
C PRO H 186 -58.42 -71.65 -4.95
N ASN H 187 -58.25 -72.43 -3.89
CA ASN H 187 -57.19 -72.12 -2.93
C ASN H 187 -55.75 -72.37 -3.40
N HIS H 188 -55.57 -72.51 -4.72
CA HIS H 188 -54.29 -72.90 -5.26
C HIS H 188 -53.89 -72.00 -6.41
N VAL H 189 -54.35 -70.76 -6.33
CA VAL H 189 -54.08 -69.76 -7.36
C VAL H 189 -53.80 -68.41 -6.71
N ALA H 190 -52.99 -67.58 -7.38
CA ALA H 190 -52.75 -66.23 -6.90
C ALA H 190 -54.04 -65.45 -7.07
N PRO H 191 -54.18 -64.33 -6.32
CA PRO H 191 -55.38 -63.50 -6.48
C PRO H 191 -55.46 -62.99 -7.94
N ASN H 192 -56.58 -63.33 -8.58
CA ASN H 192 -56.79 -63.07 -9.99
C ASN H 192 -55.58 -63.46 -10.83
N PHE H 193 -55.12 -64.69 -10.62
CA PHE H 193 -53.96 -65.20 -11.35
C PHE H 193 -54.08 -64.94 -12.84
N THR H 194 -52.97 -64.63 -13.49
CA THR H 194 -52.99 -64.23 -14.91
C THR H 194 -53.20 -65.48 -15.77
N LYS H 195 -54.26 -65.45 -16.56
CA LYS H 195 -54.61 -66.56 -17.44
C LYS H 195 -53.96 -66.42 -18.80
N HIS I 16 -38.80 -40.54 -3.51
CA HIS I 16 -40.03 -39.79 -3.92
C HIS I 16 -40.44 -40.11 -5.35
N VAL I 17 -41.74 -40.08 -5.57
CA VAL I 17 -42.33 -40.38 -6.85
C VAL I 17 -42.81 -39.06 -7.47
N GLN I 18 -42.47 -38.84 -8.73
CA GLN I 18 -42.99 -37.69 -9.47
C GLN I 18 -43.93 -38.21 -10.55
N GLU I 19 -45.15 -37.69 -10.58
CA GLU I 19 -46.06 -38.06 -11.65
C GLU I 19 -45.82 -37.24 -12.92
N LEU I 20 -45.82 -37.93 -14.05
CA LEU I 20 -45.72 -37.29 -15.36
C LEU I 20 -46.89 -37.84 -16.19
N PHE I 21 -47.74 -36.96 -16.72
CA PHE I 21 -48.90 -37.33 -17.54
C PHE I 21 -48.58 -37.15 -19.01
N VAL I 22 -48.89 -38.16 -19.82
CA VAL I 22 -48.63 -38.08 -21.24
C VAL I 22 -49.78 -38.65 -22.05
N TYR I 23 -50.19 -37.90 -23.08
CA TYR I 23 -51.19 -38.38 -24.05
C TYR I 23 -50.48 -38.93 -25.26
N GLU I 24 -50.91 -40.12 -25.70
CA GLU I 24 -50.38 -40.75 -26.92
C GLU I 24 -51.54 -40.82 -27.92
N ILE I 25 -51.28 -40.33 -29.14
CA ILE I 25 -52.35 -40.26 -30.14
C ILE I 25 -51.84 -40.83 -31.45
N ASN I 26 -52.60 -41.74 -32.07
CA ASN I 26 -52.37 -42.10 -33.45
C ASN I 26 -53.15 -41.13 -34.35
N GLU I 27 -52.43 -40.20 -34.98
CA GLU I 27 -53.07 -39.20 -35.88
C GLU I 27 -53.13 -39.67 -37.32
N ARG I 28 -52.84 -40.95 -37.54
CA ARG I 28 -53.06 -41.61 -38.86
C ARG I 28 -52.12 -41.06 -39.92
N ASP I 29 -50.96 -40.56 -39.50
CA ASP I 29 -50.05 -39.88 -40.44
C ASP I 29 -48.62 -40.44 -40.43
N ARG I 30 -48.42 -41.54 -39.72
CA ARG I 30 -47.08 -42.13 -39.58
C ARG I 30 -47.06 -43.55 -40.12
N GLY I 31 -48.10 -43.96 -40.85
CA GLY I 31 -48.20 -45.32 -41.41
C GLY I 31 -48.20 -46.40 -40.32
N SER I 32 -48.74 -46.07 -39.14
CA SER I 32 -48.65 -46.96 -37.98
C SER I 32 -50.07 -47.36 -37.57
N PRO I 33 -50.24 -48.55 -36.97
CA PRO I 33 -49.18 -49.55 -36.73
C PRO I 33 -49.04 -50.48 -37.93
N VAL I 34 -48.11 -51.41 -37.83
CA VAL I 34 -47.94 -52.44 -38.86
C VAL I 34 -48.27 -53.79 -38.23
N PHE I 35 -49.42 -54.34 -38.59
CA PHE I 35 -49.84 -55.62 -38.02
C PHE I 35 -49.30 -56.77 -38.84
N LEU I 36 -48.45 -57.59 -38.21
CA LEU I 36 -47.82 -58.74 -38.87
C LEU I 36 -48.45 -60.04 -38.35
N PRO I 37 -49.24 -60.73 -39.18
CA PRO I 37 -50.05 -61.84 -38.69
C PRO I 37 -49.31 -63.15 -38.55
N PHE I 38 -48.17 -63.11 -37.87
CA PHE I 38 -47.26 -64.26 -37.84
C PHE I 38 -47.71 -65.41 -36.94
N GLY I 39 -48.69 -65.17 -36.09
CA GLY I 39 -49.27 -66.24 -35.26
C GLY I 39 -49.91 -67.33 -36.12
N GLY I 40 -50.34 -66.97 -37.33
CA GLY I 40 -50.86 -67.94 -38.29
C GLY I 40 -52.20 -68.61 -37.95
N LYS I 41 -52.88 -68.21 -36.88
CA LYS I 41 -54.15 -68.85 -36.52
C LYS I 41 -55.26 -68.44 -37.49
N LYS I 42 -56.08 -69.41 -37.90
CA LYS I 42 -57.17 -69.20 -38.86
C LYS I 42 -58.51 -69.61 -38.27
N GLN I 43 -59.57 -68.92 -38.64
CA GLN I 43 -60.92 -69.25 -38.19
C GLN I 43 -61.48 -70.44 -39.00
N PRO I 44 -62.09 -71.43 -38.31
CA PRO I 44 -62.73 -72.50 -39.11
C PRO I 44 -63.80 -72.00 -40.08
N GLY I 45 -63.83 -72.58 -41.27
CA GLY I 45 -64.92 -72.30 -42.22
C GLY I 45 -64.64 -71.09 -43.10
N THR I 46 -64.08 -70.02 -42.51
CA THR I 46 -63.81 -68.79 -43.25
C THR I 46 -62.33 -68.68 -43.60
N ASP I 47 -61.49 -69.33 -42.79
CA ASP I 47 -60.02 -69.20 -42.87
C ASP I 47 -59.54 -67.76 -42.61
N ALA I 48 -60.37 -66.96 -41.97
CA ALA I 48 -59.99 -65.59 -41.61
C ALA I 48 -58.88 -65.61 -40.56
N HIS I 49 -58.03 -64.60 -40.62
CA HIS I 49 -57.00 -64.48 -39.60
C HIS I 49 -57.65 -64.32 -38.21
N VAL I 50 -57.11 -65.04 -37.23
CA VAL I 50 -57.52 -64.83 -35.84
C VAL I 50 -56.31 -64.37 -35.06
N ASN I 51 -56.43 -63.29 -34.30
CA ASN I 51 -55.30 -62.78 -33.51
C ASN I 51 -54.89 -63.86 -32.51
N SER I 52 -53.58 -64.08 -32.44
CA SER I 52 -53.03 -65.19 -31.66
C SER I 52 -51.60 -64.95 -31.32
N LEU I 53 -51.11 -65.71 -30.34
CA LEU I 53 -49.72 -65.67 -29.92
C LEU I 53 -48.77 -65.62 -31.14
N GLY I 54 -47.89 -64.61 -31.16
CA GLY I 54 -46.92 -64.54 -32.24
C GLY I 54 -47.20 -63.50 -33.31
N ASP I 55 -48.43 -62.99 -33.43
CA ASP I 55 -48.60 -61.83 -34.27
C ASP I 55 -47.73 -60.71 -33.67
N LEU I 56 -47.12 -59.89 -34.54
CA LEU I 56 -46.15 -58.86 -34.08
C LEU I 56 -46.63 -57.50 -34.63
N VAL I 57 -46.49 -56.45 -33.81
CA VAL I 57 -47.02 -55.14 -34.16
C VAL I 57 -46.01 -54.02 -33.85
N PRO I 58 -45.11 -53.72 -34.81
CA PRO I 58 -44.35 -52.48 -34.73
C PRO I 58 -45.27 -51.25 -34.78
N PHE I 59 -44.93 -50.19 -34.06
CA PHE I 59 -45.78 -48.99 -34.02
C PHE I 59 -45.02 -47.75 -33.65
N SER I 60 -45.56 -46.59 -33.97
CA SER I 60 -45.02 -45.32 -33.53
C SER I 60 -46.12 -44.28 -33.58
N ASN I 61 -46.48 -43.70 -32.45
CA ASN I 61 -47.50 -42.65 -32.36
C ASN I 61 -46.89 -41.33 -31.90
N LYS I 62 -47.71 -40.28 -31.83
CA LYS I 62 -47.27 -38.98 -31.33
C LYS I 62 -47.62 -38.84 -29.87
N ILE I 63 -46.80 -38.10 -29.12
CA ILE I 63 -47.12 -37.83 -27.71
C ILE I 63 -47.17 -36.34 -27.39
N TYR I 64 -48.05 -36.04 -26.48
CA TYR I 64 -48.36 -34.67 -26.04
C TYR I 64 -48.36 -34.62 -24.54
N ASP I 65 -48.14 -33.43 -23.98
CA ASP I 65 -48.14 -33.30 -22.51
C ASP I 65 -49.57 -33.39 -21.96
N GLY I 66 -49.67 -33.46 -20.63
CA GLY I 66 -50.94 -33.63 -19.96
C GLY I 66 -51.96 -32.53 -20.28
N SER I 67 -51.48 -31.32 -20.56
CA SER I 67 -52.37 -30.17 -20.84
C SER I 67 -52.87 -30.20 -22.27
N LEU I 68 -52.28 -31.09 -23.07
CA LEU I 68 -52.57 -31.23 -24.50
C LEU I 68 -52.17 -29.99 -25.32
N LYS I 69 -51.41 -29.11 -24.73
CA LYS I 69 -50.98 -27.86 -25.36
C LYS I 69 -49.60 -27.99 -26.00
N THR I 70 -48.88 -29.09 -25.75
CA THR I 70 -47.53 -29.20 -26.24
C THR I 70 -47.25 -30.54 -26.88
N ARG I 71 -46.76 -30.53 -28.11
CA ARG I 71 -46.24 -31.75 -28.77
C ARG I 71 -44.85 -32.08 -28.21
N LEU I 72 -44.73 -33.28 -27.64
CA LEU I 72 -43.48 -33.65 -26.98
C LEU I 72 -42.57 -34.48 -27.90
N GLY I 73 -43.16 -35.36 -28.68
CA GLY I 73 -42.38 -36.27 -29.50
C GLY I 73 -43.18 -37.44 -29.99
N ILE I 74 -42.64 -38.64 -29.80
CA ILE I 74 -43.25 -39.83 -30.33
C ILE I 74 -43.09 -41.02 -29.37
N THR I 75 -43.90 -42.05 -29.54
CA THR I 75 -43.59 -43.40 -29.05
C THR I 75 -43.03 -44.22 -30.19
N ALA I 76 -42.26 -45.25 -29.86
CA ALA I 76 -41.73 -46.14 -30.88
C ALA I 76 -41.42 -47.50 -30.26
N GLY I 77 -41.87 -48.56 -30.90
CA GLY I 77 -41.54 -49.89 -30.37
C GLY I 77 -42.31 -51.01 -31.04
N LEU I 78 -42.50 -52.08 -30.27
CA LEU I 78 -42.91 -53.38 -30.80
C LEU I 78 -43.79 -54.07 -29.79
N CYS I 79 -45.01 -54.44 -30.19
CA CYS I 79 -45.86 -55.29 -29.38
C CYS I 79 -45.87 -56.72 -29.91
N THR I 80 -45.81 -57.69 -29.00
CA THR I 80 -45.94 -59.10 -29.34
C THR I 80 -47.30 -59.59 -28.82
N LEU I 81 -48.17 -60.05 -29.74
CA LEU I 81 -49.48 -60.50 -29.28
C LEU I 81 -49.33 -61.83 -28.51
N ILE I 82 -49.98 -61.92 -27.34
CA ILE I 82 -49.91 -63.07 -26.46
C ILE I 82 -51.20 -63.90 -26.49
N SER I 83 -52.35 -63.26 -26.32
CA SER I 83 -53.60 -64.02 -26.38
C SER I 83 -54.75 -63.12 -26.78
N HIS I 84 -55.78 -63.74 -27.35
CA HIS I 84 -57.01 -63.04 -27.66
C HIS I 84 -58.14 -63.50 -26.75
N SER I 85 -58.95 -62.56 -26.26
CA SER I 85 -60.08 -62.88 -25.41
C SER I 85 -61.35 -62.62 -26.18
N ASP I 86 -62.12 -63.68 -26.44
CA ASP I 86 -63.46 -63.47 -27.03
C ASP I 86 -64.38 -62.76 -26.07
N GLN I 87 -64.34 -63.14 -24.80
CA GLN I 87 -65.24 -62.57 -23.79
C GLN I 87 -65.02 -61.06 -23.61
N LYS I 88 -63.75 -60.66 -23.66
CA LYS I 88 -63.41 -59.29 -23.42
C LYS I 88 -63.29 -58.53 -24.72
N ASN I 89 -63.38 -59.22 -25.85
CA ASN I 89 -63.21 -58.62 -27.18
C ASN I 89 -61.96 -57.76 -27.28
N GLY I 90 -60.84 -58.41 -26.99
CA GLY I 90 -59.56 -57.71 -27.13
C GLY I 90 -58.39 -58.66 -26.99
N ASP I 91 -57.19 -58.08 -26.88
CA ASP I 91 -55.96 -58.86 -26.86
C ASP I 91 -55.03 -58.41 -25.76
N ARG I 92 -54.25 -59.37 -25.30
CA ARG I 92 -53.11 -59.07 -24.44
C ARG I 92 -51.86 -59.10 -25.29
N TYR I 93 -51.04 -58.05 -25.13
CA TYR I 93 -49.75 -57.96 -25.81
C TYR I 93 -48.67 -57.81 -24.74
N GLU I 94 -47.47 -58.21 -25.11
CA GLU I 94 -46.25 -57.92 -24.31
C GLU I 94 -45.53 -56.86 -25.12
N ALA I 95 -45.31 -55.69 -24.52
CA ALA I 95 -44.84 -54.53 -25.24
C ALA I 95 -43.49 -54.07 -24.80
N LEU I 96 -42.72 -53.58 -25.74
CA LEU I 96 -41.45 -52.89 -25.46
C LEU I 96 -41.43 -51.64 -26.29
N TYR I 97 -41.36 -50.48 -25.66
CA TYR I 97 -41.35 -49.24 -26.44
C TYR I 97 -40.77 -48.10 -25.62
N SER I 98 -40.43 -47.04 -26.34
CA SER I 98 -39.90 -45.85 -25.72
C SER I 98 -40.77 -44.63 -26.01
N PHE I 99 -40.65 -43.66 -25.12
CA PHE I 99 -41.26 -42.34 -25.27
C PHE I 99 -40.16 -41.34 -25.49
N TYR I 100 -40.25 -40.54 -26.55
CA TYR I 100 -39.22 -39.58 -26.90
C TYR I 100 -39.77 -38.18 -26.68
N PHE I 101 -39.06 -37.40 -25.89
CA PHE I 101 -39.47 -36.07 -25.47
C PHE I 101 -38.53 -35.00 -26.03
N GLY I 102 -38.09 -35.18 -27.28
CA GLY I 102 -37.15 -34.24 -27.88
C GLY I 102 -35.89 -34.14 -27.02
N ASP I 103 -35.37 -32.92 -26.81
CA ASP I 103 -34.11 -32.75 -26.09
C ASP I 103 -34.23 -33.06 -24.59
N TYR I 104 -35.44 -33.26 -24.08
CA TYR I 104 -35.55 -33.70 -22.68
C TYR I 104 -34.95 -35.08 -22.47
N GLY I 105 -35.04 -35.94 -23.48
CA GLY I 105 -34.58 -37.33 -23.36
C GLY I 105 -35.70 -38.28 -23.66
N HIS I 106 -35.58 -39.51 -23.21
CA HIS I 106 -36.51 -40.59 -23.46
C HIS I 106 -36.79 -41.37 -22.21
N ILE I 107 -37.93 -42.06 -22.19
CA ILE I 107 -38.24 -43.07 -21.16
C ILE I 107 -38.52 -44.37 -21.89
N SER I 108 -37.99 -45.47 -21.39
CA SER I 108 -38.28 -46.79 -21.95
C SER I 108 -39.19 -47.59 -21.02
N VAL I 109 -40.06 -48.39 -21.61
CA VAL I 109 -41.00 -49.20 -20.83
C VAL I 109 -41.09 -50.64 -21.35
N GLN I 110 -41.53 -51.52 -20.48
CA GLN I 110 -41.66 -52.91 -20.83
C GLN I 110 -42.80 -53.51 -20.02
N GLY I 111 -43.67 -54.28 -20.65
CA GLY I 111 -44.71 -54.92 -19.88
C GLY I 111 -46.01 -55.08 -20.65
N PRO I 112 -47.11 -55.15 -19.92
CA PRO I 112 -48.41 -55.53 -20.54
C PRO I 112 -49.17 -54.40 -21.18
N TYR I 113 -49.63 -54.68 -22.39
CA TYR I 113 -50.46 -53.74 -23.16
C TYR I 113 -51.71 -54.55 -23.45
N ILE I 114 -52.84 -54.15 -22.82
CA ILE I 114 -54.07 -54.93 -22.94
C ILE I 114 -55.10 -54.01 -23.59
N THR I 115 -55.67 -54.46 -24.69
CA THR I 115 -56.51 -53.54 -25.50
C THR I 115 -57.80 -53.14 -24.80
N TYR I 116 -58.24 -53.96 -23.85
CA TYR I 116 -59.55 -53.81 -23.21
C TYR I 116 -59.51 -53.32 -21.76
N GLU I 117 -58.34 -53.10 -21.19
CA GLU I 117 -58.27 -52.61 -19.82
C GLU I 117 -56.95 -51.93 -19.53
N ASP I 118 -56.91 -51.20 -18.42
CA ASP I 118 -55.69 -50.52 -17.97
C ASP I 118 -54.66 -51.53 -17.49
N SER I 119 -53.39 -51.13 -17.54
CA SER I 119 -52.33 -51.99 -17.07
C SER I 119 -51.21 -51.12 -16.54
N TYR I 120 -50.24 -51.75 -15.87
CA TYR I 120 -49.05 -51.06 -15.44
C TYR I 120 -47.80 -51.62 -16.11
N LEU I 121 -47.05 -50.73 -16.75
CA LEU I 121 -45.78 -51.09 -17.36
C LEU I 121 -44.61 -50.84 -16.40
N ALA I 122 -43.51 -51.60 -16.57
CA ALA I 122 -42.25 -51.27 -15.92
C ALA I 122 -41.59 -50.10 -16.64
N ILE I 123 -41.09 -49.12 -15.89
CA ILE I 123 -40.21 -48.11 -16.45
C ILE I 123 -38.80 -48.66 -16.36
N THR I 124 -38.19 -48.96 -17.48
CA THR I 124 -36.94 -49.72 -17.48
C THR I 124 -35.75 -48.79 -17.47
N GLY I 125 -35.95 -47.50 -17.68
CA GLY I 125 -34.87 -46.50 -17.60
C GLY I 125 -35.14 -45.38 -18.60
N GLY I 126 -34.16 -44.52 -18.81
CA GLY I 126 -34.34 -43.39 -19.69
C GLY I 126 -33.01 -42.68 -19.96
N SER I 127 -33.10 -41.52 -20.57
CA SER I 127 -31.96 -40.68 -20.92
C SER I 127 -32.27 -39.23 -20.67
N GLY I 128 -31.23 -38.40 -20.70
CA GLY I 128 -31.43 -36.98 -20.48
C GLY I 128 -31.93 -36.70 -19.09
N ILE I 129 -32.99 -35.91 -18.97
CA ILE I 129 -33.55 -35.63 -17.65
C ILE I 129 -34.14 -36.88 -16.99
N PHE I 130 -34.33 -37.92 -17.78
CA PHE I 130 -34.86 -39.20 -17.27
C PHE I 130 -33.78 -40.26 -17.02
N ALA I 131 -32.50 -39.88 -17.15
CA ALA I 131 -31.44 -40.87 -16.98
C ALA I 131 -31.49 -41.38 -15.54
N GLY I 132 -31.49 -42.70 -15.40
CA GLY I 132 -31.56 -43.37 -14.10
C GLY I 132 -32.96 -43.54 -13.54
N CYS I 133 -33.99 -43.17 -14.32
CA CYS I 133 -35.34 -43.31 -13.79
C CYS I 133 -35.76 -44.76 -13.61
N TYR I 134 -36.72 -44.98 -12.73
CA TYR I 134 -37.28 -46.32 -12.50
C TYR I 134 -38.70 -46.13 -11.94
N GLY I 135 -39.44 -47.22 -11.86
CA GLY I 135 -40.81 -47.16 -11.36
C GLY I 135 -41.77 -47.87 -12.28
N GLN I 136 -43.03 -47.44 -12.24
CA GLN I 136 -44.06 -48.10 -13.06
C GLN I 136 -44.88 -46.98 -13.72
N ALA I 137 -45.56 -47.33 -14.81
CA ALA I 137 -46.41 -46.37 -15.53
C ALA I 137 -47.78 -46.98 -15.78
N LYS I 138 -48.84 -46.24 -15.44
CA LYS I 138 -50.19 -46.71 -15.69
C LYS I 138 -50.59 -46.36 -17.12
N LEU I 139 -50.96 -47.37 -17.91
N LEU I 139 -50.98 -47.36 -17.91
CA LEU I 139 -51.51 -47.21 -19.25
CA LEU I 139 -51.50 -47.18 -19.26
C LEU I 139 -53.04 -47.22 -19.12
C LEU I 139 -53.02 -47.25 -19.21
N HIS I 140 -53.69 -46.13 -19.55
CA HIS I 140 -55.15 -46.08 -19.57
C HIS I 140 -55.60 -45.91 -21.00
N GLN I 141 -56.42 -46.85 -21.45
CA GLN I 141 -56.98 -46.78 -22.80
C GLN I 141 -58.14 -45.77 -22.80
N ILE I 142 -58.04 -44.71 -23.59
CA ILE I 142 -59.15 -43.76 -23.67
C ILE I 142 -60.13 -44.23 -24.76
N ILE I 143 -59.61 -44.39 -25.95
CA ILE I 143 -60.34 -45.06 -27.03
C ILE I 143 -59.32 -45.86 -27.85
N PHE I 144 -59.29 -47.16 -27.61
CA PHE I 144 -58.34 -48.01 -28.32
C PHE I 144 -58.71 -48.02 -29.80
N PRO I 145 -57.72 -47.92 -30.72
CA PRO I 145 -56.28 -47.82 -30.48
C PRO I 145 -55.76 -46.38 -30.72
N PHE I 146 -56.64 -45.39 -30.80
CA PHE I 146 -56.20 -44.08 -31.23
C PHE I 146 -55.71 -43.18 -30.12
N LYS I 147 -56.23 -43.35 -28.92
CA LYS I 147 -55.92 -42.39 -27.82
C LYS I 147 -55.67 -43.15 -26.54
N LEU I 148 -54.47 -42.92 -25.97
CA LEU I 148 -54.03 -43.55 -24.73
C LEU I 148 -53.54 -42.46 -23.79
N PHE I 149 -53.61 -42.74 -22.50
CA PHE I 149 -53.16 -41.79 -21.50
C PHE I 149 -52.29 -42.50 -20.48
N TYR I 150 -51.08 -41.97 -20.23
CA TYR I 150 -50.15 -42.58 -19.28
C TYR I 150 -49.93 -41.70 -18.07
N THR I 151 -49.81 -42.35 -16.91
CA THR I 151 -49.25 -41.71 -15.73
C THR I 151 -47.97 -42.43 -15.40
N PHE I 152 -46.83 -41.76 -15.59
CA PHE I 152 -45.53 -42.30 -15.18
C PHE I 152 -45.32 -41.95 -13.72
N TYR I 153 -45.02 -42.97 -12.94
CA TYR I 153 -44.68 -42.78 -11.53
C TYR I 153 -43.17 -42.83 -11.38
N LEU I 154 -42.51 -41.71 -11.70
CA LEU I 154 -41.06 -41.68 -11.85
C LEU I 154 -40.31 -41.53 -10.55
N GLN I 155 -39.37 -42.44 -10.35
CA GLN I 155 -38.47 -42.37 -9.21
C GLN I 155 -37.03 -42.19 -9.69
N GLY I 156 -36.18 -41.66 -8.82
CA GLY I 156 -34.76 -41.62 -9.09
C GLY I 156 -34.22 -40.47 -9.91
N ILE I 157 -35.03 -39.46 -10.20
CA ILE I 157 -34.55 -38.36 -11.03
C ILE I 157 -34.78 -37.01 -10.40
N LYS I 158 -34.10 -35.98 -10.93
CA LYS I 158 -34.23 -34.62 -10.49
C LYS I 158 -35.67 -34.13 -10.73
N LYS I 159 -36.06 -33.09 -10.01
CA LYS I 159 -37.36 -32.47 -10.18
C LYS I 159 -37.65 -32.18 -11.67
N LEU I 160 -38.79 -32.65 -12.14
CA LEU I 160 -39.16 -32.49 -13.53
C LEU I 160 -39.33 -31.01 -13.87
N PRO I 161 -39.00 -30.61 -15.11
CA PRO I 161 -39.24 -29.23 -15.52
C PRO I 161 -40.72 -28.87 -15.41
N GLU I 162 -41.02 -27.65 -14.98
CA GLU I 162 -42.39 -27.20 -14.82
C GLU I 162 -43.18 -27.35 -16.09
N ALA I 163 -42.50 -27.22 -17.24
CA ALA I 163 -43.14 -27.35 -18.54
C ALA I 163 -43.81 -28.69 -18.76
N LEU I 164 -43.33 -29.74 -18.08
CA LEU I 164 -43.83 -31.09 -18.25
C LEU I 164 -44.90 -31.41 -17.20
N CYS I 165 -45.21 -30.42 -16.36
CA CYS I 165 -46.07 -30.61 -15.22
C CYS I 165 -47.28 -29.67 -15.18
N ALA I 166 -47.71 -29.21 -16.35
CA ALA I 166 -48.85 -28.31 -16.43
C ALA I 166 -50.10 -29.04 -15.97
N PRO I 167 -51.09 -28.30 -15.48
CA PRO I 167 -52.36 -28.96 -15.10
C PRO I 167 -52.92 -29.85 -16.21
N CYS I 168 -53.33 -31.05 -15.82
CA CYS I 168 -53.65 -32.13 -16.76
C CYS I 168 -55.12 -32.07 -17.20
N VAL I 169 -55.37 -32.18 -18.50
CA VAL I 169 -56.75 -32.37 -18.99
C VAL I 169 -57.18 -33.79 -18.58
N PRO I 170 -58.31 -33.94 -17.91
CA PRO I 170 -58.76 -35.30 -17.59
C PRO I 170 -59.10 -36.10 -18.84
N PRO I 171 -58.72 -37.38 -18.88
CA PRO I 171 -58.91 -38.17 -20.08
C PRO I 171 -60.36 -38.49 -20.34
N SER I 172 -60.77 -38.27 -21.59
CA SER I 172 -62.09 -38.67 -22.08
C SER I 172 -61.98 -38.87 -23.60
N PRO I 173 -62.88 -39.66 -24.22
CA PRO I 173 -62.77 -39.98 -25.64
C PRO I 173 -62.69 -38.76 -26.58
N SER I 174 -63.25 -37.63 -26.16
CA SER I 174 -63.27 -36.43 -27.02
C SER I 174 -62.01 -35.57 -26.94
N VAL I 175 -61.11 -35.88 -26.02
CA VAL I 175 -59.91 -35.04 -25.87
C VAL I 175 -59.04 -35.07 -27.12
N ALA I 176 -58.35 -33.98 -27.40
CA ALA I 176 -57.47 -33.93 -28.55
C ALA I 176 -56.43 -32.83 -28.37
N PRO I 177 -55.27 -32.98 -29.02
CA PRO I 177 -54.21 -31.95 -28.94
C PRO I 177 -54.78 -30.61 -29.37
N ALA I 178 -54.33 -29.57 -28.69
CA ALA I 178 -54.63 -28.20 -29.16
C ALA I 178 -54.17 -28.01 -30.61
N ASP I 179 -54.92 -27.20 -31.38
CA ASP I 179 -54.52 -27.04 -32.78
C ASP I 179 -53.07 -26.57 -32.91
N GLU I 180 -52.63 -25.73 -31.99
CA GLU I 180 -51.27 -25.17 -32.03
C GLU I 180 -50.20 -26.25 -31.82
N ALA I 181 -50.55 -27.28 -31.04
CA ALA I 181 -49.62 -28.41 -30.80
C ALA I 181 -49.68 -29.37 -31.98
N LYS I 182 -50.88 -29.62 -32.52
CA LYS I 182 -50.97 -30.41 -33.75
C LYS I 182 -50.09 -29.74 -34.86
N GLN I 183 -50.12 -28.42 -34.94
CA GLN I 183 -49.40 -27.72 -36.01
C GLN I 183 -47.92 -27.57 -35.71
N CYS I 184 -47.53 -28.06 -34.52
CA CYS I 184 -46.13 -27.97 -34.07
C CYS I 184 -45.60 -26.55 -34.06
N LEU I 185 -46.40 -25.62 -33.52
CA LEU I 185 -46.01 -24.22 -33.51
C LEU I 185 -45.00 -23.93 -32.41
N PRO I 186 -44.17 -22.91 -32.58
CA PRO I 186 -43.28 -22.49 -31.49
C PRO I 186 -44.08 -22.27 -30.21
N ASN I 187 -43.49 -22.61 -29.07
CA ASN I 187 -44.16 -22.51 -27.76
C ASN I 187 -45.23 -23.55 -27.54
N HIS I 188 -45.37 -24.46 -28.50
CA HIS I 188 -46.29 -25.59 -28.34
C HIS I 188 -45.66 -26.87 -28.74
N VAL I 189 -44.34 -26.89 -28.65
CA VAL I 189 -43.56 -28.09 -28.85
C VAL I 189 -42.42 -28.16 -27.81
N ALA I 190 -42.00 -29.37 -27.47
CA ALA I 190 -40.79 -29.53 -26.65
C ALA I 190 -39.58 -29.07 -27.48
N PRO I 191 -38.50 -28.64 -26.82
CA PRO I 191 -37.31 -28.25 -27.57
C PRO I 191 -36.82 -29.41 -28.43
N ASN I 192 -36.66 -29.16 -29.73
CA ASN I 192 -36.33 -30.21 -30.70
C ASN I 192 -37.21 -31.43 -30.57
N PHE I 193 -38.51 -31.22 -30.44
CA PHE I 193 -39.45 -32.32 -30.28
C PHE I 193 -39.15 -33.42 -31.31
N THR I 194 -39.33 -34.65 -30.88
CA THR I 194 -39.02 -35.79 -31.75
C THR I 194 -40.05 -35.97 -32.84
N LYS I 195 -39.53 -36.00 -34.06
CA LYS I 195 -40.37 -36.09 -35.26
C LYS I 195 -40.50 -37.53 -35.72
N HIS J 16 14.94 59.25 13.38
CA HIS J 16 14.73 60.71 13.34
C HIS J 16 15.71 61.40 14.30
N VAL J 17 16.31 62.48 13.80
CA VAL J 17 17.32 63.23 14.58
C VAL J 17 16.71 64.59 14.98
N GLN J 18 16.86 64.90 16.27
CA GLN J 18 16.46 66.21 16.79
C GLN J 18 17.72 66.97 17.19
N GLU J 19 17.93 68.15 16.63
CA GLU J 19 19.07 68.97 17.05
C GLU J 19 18.76 69.74 18.33
N LEU J 20 19.70 69.70 19.25
CA LEU J 20 19.63 70.49 20.47
C LEU J 20 20.92 71.32 20.54
N PHE J 21 20.79 72.64 20.62
CA PHE J 21 21.94 73.53 20.70
C PHE J 21 22.19 73.97 22.14
N VAL J 22 23.45 73.93 22.58
CA VAL J 22 23.78 74.28 23.95
C VAL J 22 25.07 75.09 23.99
N TYR J 23 25.06 76.21 24.71
CA TYR J 23 26.33 76.93 25.01
C TYR J 23 26.86 76.57 26.37
N GLU J 24 28.16 76.34 26.43
CA GLU J 24 28.82 76.02 27.70
C GLU J 24 29.78 77.17 27.97
N ILE J 25 29.69 77.73 29.17
CA ILE J 25 30.50 78.91 29.48
C ILE J 25 31.14 78.74 30.85
N ASN J 26 32.46 78.95 30.90
CA ASN J 26 33.15 79.01 32.19
C ASN J 26 33.10 80.45 32.70
N GLU J 27 32.24 80.70 33.68
CA GLU J 27 32.07 82.06 34.21
C GLU J 27 33.04 82.35 35.36
N ARG J 28 33.99 81.43 35.57
CA ARG J 28 35.10 81.63 36.52
C ARG J 28 34.59 81.74 37.95
N ASP J 29 33.45 81.10 38.25
CA ASP J 29 32.88 81.17 39.58
C ASP J 29 32.74 79.83 40.28
N ARG J 30 33.26 78.76 39.68
CA ARG J 30 33.07 77.39 40.20
C ARG J 30 34.44 76.77 40.52
N GLY J 31 35.49 77.58 40.48
CA GLY J 31 36.88 77.12 40.69
C GLY J 31 37.30 76.05 39.69
N SER J 32 36.80 76.17 38.47
CA SER J 32 37.04 75.19 37.41
C SER J 32 37.83 75.83 36.27
N PRO J 33 38.64 75.02 35.56
CA PRO J 33 38.91 73.58 35.80
C PRO J 33 40.01 73.41 36.84
N VAL J 34 40.19 72.17 37.29
CA VAL J 34 41.29 71.84 38.19
C VAL J 34 42.32 71.05 37.39
N PHE J 35 43.49 71.62 37.20
CA PHE J 35 44.50 70.94 36.39
C PHE J 35 45.44 70.13 37.30
N LEU J 36 45.40 68.82 37.10
CA LEU J 36 46.23 67.89 37.88
C LEU J 36 47.39 67.41 37.00
N PRO J 37 48.61 67.92 37.26
CA PRO J 37 49.75 67.74 36.36
C PRO J 37 50.43 66.36 36.51
N PHE J 38 49.61 65.30 36.46
CA PHE J 38 50.08 63.94 36.75
C PHE J 38 50.87 63.30 35.62
N GLY J 39 50.90 63.95 34.46
CA GLY J 39 51.79 63.55 33.35
C GLY J 39 53.25 63.61 33.75
N GLY J 40 53.57 64.45 34.75
CA GLY J 40 54.92 64.53 35.29
C GLY J 40 56.02 64.99 34.33
N LYS J 41 55.65 65.74 33.29
CA LYS J 41 56.66 66.28 32.32
C LYS J 41 56.91 67.75 32.63
N LYS J 42 58.17 68.17 32.49
CA LYS J 42 58.55 69.56 32.75
C LYS J 42 59.60 70.12 31.77
N ALA J 48 58.96 74.46 34.62
CA ALA J 48 57.73 74.74 33.86
C ALA J 48 57.00 73.50 33.38
N HIS J 49 55.74 73.39 33.75
CA HIS J 49 55.00 72.20 33.38
C HIS J 49 54.78 72.10 31.87
N VAL J 50 54.91 70.89 31.34
CA VAL J 50 54.56 70.61 29.94
C VAL J 50 53.35 69.65 29.91
N ASN J 51 52.28 70.04 29.21
CA ASN J 51 51.09 69.19 29.08
C ASN J 51 51.47 67.87 28.46
N SER J 52 50.99 66.77 29.06
CA SER J 52 51.36 65.48 28.56
C SER J 52 50.39 64.42 28.98
N LEU J 53 50.46 63.25 28.34
CA LEU J 53 49.59 62.14 28.66
C LEU J 53 49.54 61.94 30.16
N GLY J 54 48.30 61.89 30.70
CA GLY J 54 48.14 61.61 32.12
C GLY J 54 47.82 62.79 32.99
N ASP J 55 48.04 64.02 32.51
CA ASP J 55 47.47 65.16 33.21
C ASP J 55 45.98 64.91 33.24
N LEU J 56 45.33 65.17 34.38
CA LEU J 56 43.84 64.99 34.48
C LEU J 56 43.21 66.32 34.76
N VAL J 57 42.00 66.51 34.21
CA VAL J 57 41.34 67.77 34.38
C VAL J 57 39.84 67.62 34.70
N PRO J 58 39.54 67.56 36.00
CA PRO J 58 38.13 67.67 36.44
C PRO J 58 37.60 69.07 36.13
N PHE J 59 36.33 69.16 35.72
CA PHE J 59 35.80 70.45 35.36
C PHE J 59 34.27 70.48 35.53
N SER J 60 33.74 71.70 35.60
CA SER J 60 32.29 71.89 35.62
C SER J 60 31.99 73.34 35.25
N ASN J 61 31.23 73.52 34.17
CA ASN J 61 30.87 74.84 33.66
C ASN J 61 29.36 75.02 33.66
N LYS J 62 28.91 76.23 33.33
CA LYS J 62 27.49 76.50 33.22
C LYS J 62 27.04 76.25 31.78
N ILE J 63 25.79 75.82 31.61
CA ILE J 63 25.23 75.70 30.26
C ILE J 63 23.95 76.52 30.10
N TYR J 64 23.79 77.06 28.91
CA TYR J 64 22.65 77.89 28.52
C TYR J 64 22.07 77.36 27.22
N ASP J 65 20.83 77.71 26.96
CA ASP J 65 20.17 77.25 25.73
C ASP J 65 20.75 77.94 24.49
N GLY J 66 20.35 77.46 23.33
CA GLY J 66 20.84 78.03 22.07
C GLY J 66 20.54 79.51 21.91
N SER J 67 19.42 79.98 22.48
CA SER J 67 18.99 81.39 22.36
C SER J 67 19.78 82.29 23.30
N LEU J 68 20.49 81.67 24.23
CA LEU J 68 21.26 82.38 25.26
C LEU J 68 20.37 83.13 26.24
N LYS J 69 19.06 82.83 26.22
CA LYS J 69 18.11 83.49 27.11
C LYS J 69 17.86 82.67 28.39
N THR J 70 18.28 81.39 28.42
CA THR J 70 17.89 80.54 29.53
C THR J 70 19.12 79.81 30.07
N ARG J 71 19.34 79.92 31.38
CA ARG J 71 20.27 79.06 32.09
C ARG J 71 19.68 77.68 32.29
N LEU J 72 20.36 76.65 31.77
CA LEU J 72 19.84 75.29 31.83
C LEU J 72 20.40 74.50 33.00
N GLY J 73 21.69 74.70 33.29
CA GLY J 73 22.33 73.88 34.32
C GLY J 73 23.85 73.94 34.20
N ILE J 74 24.47 72.76 34.23
CA ILE J 74 25.92 72.70 34.25
C ILE J 74 26.42 71.52 33.42
N THR J 75 27.72 71.55 33.10
CA THR J 75 28.44 70.35 32.70
C THR J 75 29.23 69.89 33.91
N ALA J 76 29.61 68.62 33.90
CA ALA J 76 30.43 68.08 34.99
C ALA J 76 31.13 66.85 34.47
N GLY J 77 32.43 66.77 34.71
CA GLY J 77 33.13 65.57 34.31
C GLY J 77 34.64 65.65 34.45
N LEU J 78 35.31 64.88 33.60
CA LEU J 78 36.76 64.64 33.71
C LEU J 78 37.39 64.48 32.36
N CYS J 79 38.42 65.25 32.08
CA CYS J 79 39.20 65.06 30.87
C CYS J 79 40.57 64.45 31.22
N THR J 80 41.00 63.53 30.38
CA THR J 80 42.35 62.96 30.46
C THR J 80 43.16 63.52 29.31
N LEU J 81 44.29 64.17 29.62
CA LEU J 81 45.09 64.71 28.57
C LEU J 81 45.80 63.57 27.87
N ILE J 82 45.77 63.57 26.54
CA ILE J 82 46.35 62.46 25.78
C ILE J 82 47.68 62.82 25.10
N SER J 83 47.69 63.96 24.42
CA SER J 83 48.91 64.40 23.72
C SER J 83 48.88 65.87 23.52
N HIS J 84 50.07 66.47 23.45
CA HIS J 84 50.22 67.88 23.14
C HIS J 84 50.91 67.98 21.79
N SER J 85 50.36 68.83 20.93
CA SER J 85 51.01 69.13 19.65
C SER J 85 51.59 70.55 19.64
N ASP J 86 52.91 70.66 19.46
CA ASP J 86 53.54 71.96 19.28
C ASP J 86 53.15 72.54 17.90
N GLN J 87 52.98 71.63 16.94
CA GLN J 87 52.65 71.99 15.56
C GLN J 87 51.31 72.70 15.50
N LYS J 88 50.37 72.30 16.36
CA LYS J 88 49.04 72.90 16.37
C LYS J 88 48.77 73.81 17.56
N ASN J 89 49.76 73.98 18.43
CA ASN J 89 49.57 74.72 19.69
C ASN J 89 48.31 74.32 20.45
N GLY J 90 48.20 73.03 20.72
CA GLY J 90 47.02 72.55 21.42
C GLY J 90 47.17 71.14 21.94
N ASP J 91 46.12 70.66 22.58
CA ASP J 91 46.10 69.31 23.20
C ASP J 91 44.92 68.48 22.74
N ARG J 92 45.10 67.16 22.74
CA ARG J 92 44.00 66.22 22.62
C ARG J 92 43.69 65.72 24.03
N TYR J 93 42.40 65.78 24.39
CA TYR J 93 41.90 65.18 25.60
C TYR J 93 40.93 64.05 25.25
N GLU J 94 40.76 63.11 26.17
CA GLU J 94 39.67 62.14 26.12
C GLU J 94 38.74 62.51 27.26
N ALA J 95 37.46 62.78 26.93
CA ALA J 95 36.56 63.41 27.86
C ALA J 95 35.38 62.54 28.21
N LEU J 96 35.02 62.53 29.49
CA LEU J 96 33.77 61.89 29.97
C LEU J 96 33.05 62.91 30.80
N TYR J 97 31.86 63.32 30.34
CA TYR J 97 31.12 64.32 31.11
C TYR J 97 29.63 64.26 30.80
N SER J 98 28.88 64.93 31.65
CA SER J 98 27.43 65.04 31.46
C SER J 98 26.99 66.48 31.41
N PHE J 99 25.83 66.70 30.78
CA PHE J 99 25.16 67.99 30.70
C PHE J 99 23.89 67.83 31.54
N TYR J 100 23.67 68.75 32.47
CA TYR J 100 22.51 68.70 33.37
C TYR J 100 21.57 69.85 33.05
N PHE J 101 20.29 69.49 32.86
CA PHE J 101 19.29 70.42 32.39
C PHE J 101 18.16 70.54 33.43
N GLY J 102 18.51 70.58 34.71
CA GLY J 102 17.49 70.63 35.75
C GLY J 102 16.51 69.48 35.63
N ASP J 103 15.22 69.77 35.81
CA ASP J 103 14.18 68.74 35.80
C ASP J 103 14.03 68.02 34.47
N TYR J 104 14.57 68.59 33.39
CA TYR J 104 14.53 67.89 32.10
C TYR J 104 15.32 66.59 32.14
N GLY J 105 16.41 66.54 32.93
CA GLY J 105 17.25 65.36 32.93
C GLY J 105 18.67 65.70 32.54
N HIS J 106 19.42 64.71 32.11
CA HIS J 106 20.82 64.89 31.74
C HIS J 106 21.15 64.15 30.47
N ILE J 107 22.23 64.56 29.80
CA ILE J 107 22.81 63.80 28.69
C ILE J 107 24.26 63.51 29.02
N SER J 108 24.68 62.26 28.79
CA SER J 108 26.11 61.92 29.01
C SER J 108 26.83 61.76 27.68
N VAL J 109 28.09 62.15 27.65
CA VAL J 109 28.91 62.06 26.44
C VAL J 109 30.27 61.45 26.75
N GLN J 110 30.90 60.92 25.69
CA GLN J 110 32.24 60.33 25.82
C GLN J 110 32.93 60.54 24.49
N GLY J 111 34.20 60.95 24.51
CA GLY J 111 34.92 61.15 23.28
C GLY J 111 35.97 62.25 23.34
N PRO J 112 36.37 62.74 22.17
CA PRO J 112 37.50 63.65 22.05
C PRO J 112 37.18 65.11 22.29
N TYR J 113 38.00 65.77 23.10
CA TYR J 113 38.04 67.23 23.17
C TYR J 113 39.40 67.67 22.70
N ILE J 114 39.42 68.38 21.57
CA ILE J 114 40.68 68.81 21.00
C ILE J 114 40.69 70.33 21.04
N THR J 115 41.72 70.92 21.66
CA THR J 115 41.68 72.35 22.00
C THR J 115 41.72 73.23 20.76
N TYR J 116 42.15 72.67 19.63
CA TYR J 116 42.34 73.47 18.44
C TYR J 116 41.39 73.18 17.27
N GLU J 117 40.44 72.26 17.42
CA GLU J 117 39.50 71.97 16.33
C GLU J 117 38.23 71.34 16.86
N ASP J 118 37.18 71.41 16.05
CA ASP J 118 35.88 70.79 16.36
C ASP J 118 36.03 69.28 16.44
N SER J 119 35.14 68.64 17.19
CA SER J 119 35.14 67.18 17.30
C SER J 119 33.72 66.68 17.47
N TYR J 120 33.56 65.36 17.38
CA TYR J 120 32.27 64.73 17.62
C TYR J 120 32.37 63.76 18.80
N LEU J 121 31.51 63.95 19.79
N LEU J 121 31.50 63.97 19.78
CA LEU J 121 31.47 63.06 20.95
CA LEU J 121 31.41 63.10 20.94
C LEU J 121 30.28 62.12 20.88
C LEU J 121 30.35 62.04 20.70
N ALA J 122 30.45 60.91 21.37
CA ALA J 122 29.34 59.96 21.44
C ALA J 122 28.38 60.40 22.50
N ILE J 123 27.09 60.35 22.18
CA ILE J 123 26.05 60.50 23.23
C ILE J 123 25.80 59.13 23.81
N THR J 124 26.21 58.93 25.06
CA THR J 124 26.16 57.59 25.63
C THR J 124 24.84 57.24 26.30
N GLY J 125 23.99 58.24 26.46
CA GLY J 125 22.68 58.05 27.07
C GLY J 125 22.23 59.26 27.85
N GLY J 126 21.14 59.13 28.60
CA GLY J 126 20.62 60.24 29.36
C GLY J 126 19.54 59.81 30.35
N SER J 127 18.86 60.80 30.89
CA SER J 127 17.80 60.57 31.83
C SER J 127 16.69 61.58 31.60
N GLY J 128 15.55 61.39 32.26
CA GLY J 128 14.43 62.28 32.10
C GLY J 128 13.95 62.26 30.66
N ILE J 129 13.79 63.43 30.08
CA ILE J 129 13.30 63.50 28.69
C ILE J 129 14.35 62.92 27.74
N PHE J 130 15.60 62.75 28.21
CA PHE J 130 16.67 62.20 27.40
C PHE J 130 16.91 60.71 27.64
N ALA J 131 16.07 60.09 28.44
CA ALA J 131 16.27 58.67 28.76
C ALA J 131 16.19 57.88 27.43
N GLY J 132 17.23 57.08 27.18
CA GLY J 132 17.28 56.25 25.98
C GLY J 132 17.83 56.96 24.76
N CYS J 133 18.36 58.18 24.94
CA CYS J 133 18.93 58.89 23.81
C CYS J 133 20.23 58.26 23.33
N TYR J 134 20.57 58.54 22.07
CA TYR J 134 21.78 58.06 21.45
C TYR J 134 22.13 58.96 20.30
N GLY J 135 23.32 58.79 19.75
CA GLY J 135 23.77 59.62 18.65
C GLY J 135 25.12 60.23 18.89
N GLN J 136 25.40 61.35 18.24
CA GLN J 136 26.68 62.03 18.40
C GLN J 136 26.40 63.53 18.60
N ALA J 137 27.39 64.23 19.14
CA ALA J 137 27.29 65.65 19.41
C ALA J 137 28.54 66.37 18.90
N LYS J 138 28.32 67.45 18.15
CA LYS J 138 29.43 68.28 17.67
C LYS J 138 29.86 69.26 18.74
N LEU J 139 31.16 69.28 19.03
CA LEU J 139 31.75 70.24 19.94
C LEU J 139 32.48 71.30 19.10
N HIS J 140 32.07 72.56 19.27
CA HIS J 140 32.68 73.67 18.59
C HIS J 140 33.23 74.67 19.60
N GLN J 141 34.54 74.89 19.57
CA GLN J 141 35.10 75.86 20.47
C GLN J 141 34.90 77.26 19.92
N ILE J 142 34.37 78.15 20.76
CA ILE J 142 34.21 79.53 20.34
C ILE J 142 35.39 80.37 20.78
N ILE J 143 35.67 80.39 22.07
CA ILE J 143 36.91 80.99 22.59
C ILE J 143 37.54 79.98 23.51
N PHE J 144 38.75 79.53 23.18
CA PHE J 144 39.49 78.65 24.09
C PHE J 144 39.94 79.43 25.32
N PRO J 145 39.68 78.87 26.52
CA PRO J 145 38.92 77.62 26.75
C PRO J 145 37.57 77.85 27.46
N PHE J 146 37.06 79.07 27.47
CA PHE J 146 35.93 79.46 28.32
C PHE J 146 34.53 79.45 27.66
N LYS J 147 34.46 79.32 26.35
CA LYS J 147 33.17 79.35 25.64
C LYS J 147 33.13 78.29 24.55
N LEU J 148 32.16 77.37 24.66
CA LEU J 148 32.02 76.27 23.69
C LEU J 148 30.54 76.19 23.27
N PHE J 149 30.31 75.61 22.10
CA PHE J 149 28.94 75.49 21.54
C PHE J 149 28.75 74.07 21.06
N TYR J 150 27.65 73.46 21.48
CA TYR J 150 27.36 72.07 21.13
C TYR J 150 26.13 71.90 20.29
N THR J 151 26.22 71.00 19.32
CA THR J 151 25.03 70.54 18.60
C THR J 151 24.84 69.07 18.90
N PHE J 152 23.81 68.74 19.70
CA PHE J 152 23.50 67.34 19.95
C PHE J 152 22.59 66.84 18.84
N TYR J 153 22.97 65.74 18.21
CA TYR J 153 22.13 65.11 17.16
C TYR J 153 21.41 63.94 17.82
N LEU J 154 20.33 64.25 18.51
CA LEU J 154 19.69 63.31 19.40
C LEU J 154 18.73 62.35 18.70
N GLN J 155 18.91 61.07 18.95
CA GLN J 155 18.02 60.04 18.45
C GLN J 155 17.38 59.31 19.62
N GLY J 156 16.24 58.68 19.38
CA GLY J 156 15.67 57.76 20.36
C GLY J 156 14.70 58.35 21.37
N ILE J 157 14.36 59.62 21.24
CA ILE J 157 13.58 60.27 22.31
C ILE J 157 12.39 61.04 21.74
N LYS J 158 11.42 61.34 22.61
CA LYS J 158 10.22 62.08 22.20
C LYS J 158 10.59 63.49 21.77
N LYS J 159 9.65 64.16 21.10
CA LYS J 159 9.85 65.52 20.65
C LYS J 159 10.29 66.42 21.81
N LEU J 160 11.40 67.14 21.61
CA LEU J 160 11.92 68.03 22.67
C LEU J 160 10.97 69.15 23.01
N PRO J 161 10.98 69.56 24.29
CA PRO J 161 10.12 70.73 24.66
C PRO J 161 10.50 71.97 23.87
N GLU J 162 9.49 72.81 23.58
CA GLU J 162 9.72 73.99 22.77
C GLU J 162 10.74 74.88 23.46
N ALA J 163 10.69 74.90 24.78
CA ALA J 163 11.65 75.70 25.59
C ALA J 163 13.11 75.44 25.28
N LEU J 164 13.43 74.23 24.80
CA LEU J 164 14.83 73.88 24.50
C LEU J 164 15.16 74.06 23.02
N CYS J 165 14.16 74.51 22.25
CA CYS J 165 14.29 74.62 20.79
C CYS J 165 14.06 76.06 20.28
N ALA J 166 14.34 77.06 21.13
CA ALA J 166 14.22 78.46 20.68
C ALA J 166 15.25 78.71 19.57
N PRO J 167 15.02 79.72 18.72
CA PRO J 167 15.96 80.00 17.67
C PRO J 167 17.37 80.27 18.23
N CYS J 168 18.37 79.67 17.60
CA CYS J 168 19.75 79.69 18.11
C CYS J 168 20.46 80.95 17.72
N VAL J 169 21.22 81.51 18.66
CA VAL J 169 22.19 82.57 18.31
C VAL J 169 23.38 81.89 17.64
N PRO J 170 23.73 82.32 16.43
CA PRO J 170 24.91 81.81 15.75
C PRO J 170 26.13 82.07 16.59
N PRO J 171 26.99 81.05 16.78
CA PRO J 171 28.14 81.15 17.65
C PRO J 171 29.19 82.12 17.08
N SER J 172 29.71 82.98 17.95
CA SER J 172 30.83 83.82 17.61
C SER J 172 31.48 84.25 18.90
N PRO J 173 32.70 84.78 18.84
CA PRO J 173 33.43 85.08 20.08
C PRO J 173 32.72 86.07 20.99
N SER J 174 31.88 86.94 20.45
CA SER J 174 31.27 87.99 21.27
C SER J 174 29.95 87.59 21.96
N VAL J 175 29.38 86.45 21.60
CA VAL J 175 28.06 86.09 22.16
C VAL J 175 28.17 85.75 23.67
N ALA J 176 27.10 86.04 24.42
CA ALA J 176 27.11 85.78 25.87
C ALA J 176 25.68 85.64 26.35
N PRO J 177 25.50 85.02 27.52
CA PRO J 177 24.16 84.84 28.08
C PRO J 177 23.50 86.17 28.30
N ALA J 178 22.19 86.21 28.07
CA ALA J 178 21.42 87.41 28.44
C ALA J 178 21.64 87.67 29.92
N ASP J 179 21.60 88.93 30.33
N ASP J 179 21.61 88.93 30.34
CA ASP J 179 21.82 89.25 31.75
CA ASP J 179 21.82 89.21 31.77
C ASP J 179 20.76 88.61 32.68
C ASP J 179 20.80 88.46 32.62
N GLU J 180 19.55 88.44 32.17
CA GLU J 180 18.48 87.77 32.94
C GLU J 180 18.85 86.30 33.22
N ALA J 181 19.51 85.65 32.26
CA ALA J 181 19.94 84.26 32.44
C ALA J 181 21.17 84.15 33.35
N LYS J 182 22.10 85.11 33.23
CA LYS J 182 23.25 85.16 34.12
C LYS J 182 22.81 85.32 35.56
N GLN J 183 21.77 86.13 35.76
CA GLN J 183 21.17 86.41 37.08
C GLN J 183 20.23 85.31 37.53
N CYS J 184 20.05 84.28 36.69
CA CYS J 184 19.17 83.15 37.03
C CYS J 184 17.76 83.60 37.45
N LEU J 185 17.19 84.54 36.69
CA LEU J 185 15.85 85.04 36.96
C LEU J 185 14.78 84.02 36.61
N PRO J 186 13.70 83.98 37.42
CA PRO J 186 12.62 83.00 37.33
C PRO J 186 12.23 82.48 35.94
N ASN J 187 11.98 83.40 35.00
CA ASN J 187 11.60 83.00 33.64
C ASN J 187 12.74 82.77 32.67
N HIS J 188 13.96 82.73 33.20
CA HIS J 188 15.15 82.57 32.37
C HIS J 188 16.02 81.44 32.89
N VAL J 189 15.36 80.47 33.50
CA VAL J 189 16.05 79.25 33.95
C VAL J 189 15.22 78.05 33.61
N ALA J 190 15.89 76.91 33.39
CA ALA J 190 15.17 75.62 33.31
C ALA J 190 14.47 75.39 34.65
N PRO J 191 13.34 74.64 34.63
CA PRO J 191 12.71 74.17 35.87
C PRO J 191 13.75 73.49 36.78
N ASN J 192 13.96 74.04 37.99
CA ASN J 192 14.94 73.52 38.93
C ASN J 192 16.30 73.34 38.28
N PHE J 193 16.72 74.35 37.55
CA PHE J 193 18.00 74.31 36.86
C PHE J 193 19.12 73.82 37.74
N THR J 194 20.05 73.07 37.17
CA THR J 194 21.11 72.46 37.96
C THR J 194 22.12 73.54 38.34
N LYS J 195 22.44 73.62 39.65
CA LYS J 195 23.35 74.64 40.14
C LYS J 195 24.73 74.03 40.42
N HIS K 16 9.81 48.94 25.28
CA HIS K 16 9.49 48.12 26.47
C HIS K 16 10.60 48.15 27.52
N VAL K 17 10.20 48.43 28.74
CA VAL K 17 11.16 48.54 29.85
C VAL K 17 11.04 47.34 30.78
N GLN K 18 12.18 46.78 31.17
CA GLN K 18 12.26 45.75 32.24
C GLN K 18 12.97 46.32 33.45
N GLU K 19 12.34 46.25 34.61
CA GLU K 19 12.99 46.72 35.82
C GLU K 19 13.81 45.63 36.47
N LEU K 20 15.08 45.96 36.78
CA LEU K 20 15.98 45.09 37.50
C LEU K 20 16.40 45.81 38.78
N PHE K 21 16.18 45.16 39.92
CA PHE K 21 16.56 45.76 41.20
C PHE K 21 17.91 45.17 41.72
N VAL K 22 18.76 46.04 42.20
CA VAL K 22 20.09 45.58 42.70
C VAL K 22 20.43 46.31 43.96
N TYR K 23 20.91 45.53 44.96
CA TYR K 23 21.47 46.12 46.16
C TYR K 23 22.98 46.19 46.05
N GLU K 24 23.56 47.35 46.39
CA GLU K 24 25.00 47.54 46.42
C GLU K 24 25.42 47.81 47.85
N ILE K 25 26.37 47.02 48.34
CA ILE K 25 26.77 47.11 49.75
C ILE K 25 28.29 47.16 49.85
N ASN K 26 28.75 48.14 50.64
CA ASN K 26 30.16 48.16 51.02
C ASN K 26 30.29 47.32 52.29
N GLU K 27 30.84 46.13 52.14
CA GLU K 27 31.01 45.23 53.31
C GLU K 27 32.35 45.41 53.99
N ARG K 28 33.07 46.47 53.65
CA ARG K 28 34.31 46.87 54.35
C ARG K 28 35.43 45.85 54.18
N ASP K 29 35.40 45.06 53.12
CA ASP K 29 36.36 43.99 52.89
C ASP K 29 37.06 44.06 51.55
N ARG K 30 36.90 45.18 50.85
CA ARG K 30 37.54 45.38 49.54
C ARG K 30 38.49 46.58 49.51
N GLY K 31 38.86 47.11 50.69
CA GLY K 31 39.73 48.30 50.76
C GLY K 31 39.11 49.50 50.05
N SER K 32 37.78 49.58 49.99
CA SER K 32 37.12 50.61 49.20
C SER K 32 36.30 51.51 50.12
N PRO K 33 36.14 52.79 49.73
CA PRO K 33 36.68 53.42 48.52
C PRO K 33 38.04 54.05 48.85
N VAL K 34 38.63 54.67 47.81
CA VAL K 34 39.92 55.37 47.99
C VAL K 34 39.66 56.84 47.67
N PHE K 35 39.72 57.69 48.69
CA PHE K 35 39.41 59.09 48.52
C PHE K 35 40.69 59.86 48.25
N LEU K 36 40.80 60.46 47.07
CA LEU K 36 42.00 61.18 46.66
C LEU K 36 41.70 62.69 46.68
N PRO K 37 42.29 63.41 47.66
CA PRO K 37 41.93 64.82 47.87
C PRO K 37 42.57 65.79 46.89
N PHE K 38 42.44 65.49 45.58
CA PHE K 38 43.13 66.26 44.53
C PHE K 38 42.49 67.62 44.26
N GLY K 39 41.31 67.89 44.81
CA GLY K 39 40.69 69.21 44.64
C GLY K 39 41.47 70.27 45.39
N GLY K 40 42.15 69.86 46.46
CA GLY K 40 43.08 70.71 47.18
C GLY K 40 42.51 71.94 47.88
N LYS K 41 41.19 71.95 48.11
CA LYS K 41 40.56 73.05 48.86
C LYS K 41 40.82 72.85 50.36
N LYS K 42 41.08 73.94 51.07
CA LYS K 42 41.40 73.89 52.51
C LYS K 42 40.51 74.81 53.33
N GLN K 43 40.18 74.40 54.55
CA GLN K 43 39.36 75.21 55.44
C GLN K 43 40.18 76.35 56.05
N PRO K 44 39.67 77.60 56.06
CA PRO K 44 40.42 78.67 56.73
C PRO K 44 40.65 78.33 58.20
N GLY K 45 41.82 78.71 58.69
CA GLY K 45 42.19 78.55 60.10
C GLY K 45 42.66 77.15 60.51
N THR K 46 42.07 76.10 59.93
CA THR K 46 42.47 74.72 60.27
C THR K 46 43.35 74.08 59.22
N ASP K 47 43.22 74.58 57.99
CA ASP K 47 43.86 73.97 56.83
C ASP K 47 43.33 72.56 56.57
N ALA K 48 42.18 72.22 57.14
CA ALA K 48 41.61 70.89 56.94
C ALA K 48 41.14 70.77 55.49
N HIS K 49 41.18 69.54 54.95
CA HIS K 49 40.64 69.29 53.60
C HIS K 49 39.16 69.62 53.57
N VAL K 50 38.79 70.27 52.49
CA VAL K 50 37.35 70.51 52.18
C VAL K 50 37.03 69.81 50.87
N ASN K 51 35.96 69.00 50.84
CA ASN K 51 35.58 68.35 49.60
C ASN K 51 35.25 69.41 48.53
N SER K 52 35.81 69.21 47.35
CA SER K 52 35.71 70.21 46.26
C SER K 52 35.97 69.59 44.92
N LEU K 53 35.57 70.31 43.88
CA LEU K 53 35.82 69.89 42.52
C LEU K 53 37.19 69.29 42.33
N GLY K 54 37.23 68.07 41.79
CA GLY K 54 38.54 67.47 41.50
C GLY K 54 39.04 66.41 42.48
N ASP K 55 38.43 66.31 43.66
CA ASP K 55 38.68 65.13 44.47
C ASP K 55 38.23 63.94 43.59
N LEU K 56 38.95 62.82 43.67
CA LEU K 56 38.62 61.62 42.88
C LEU K 56 38.42 60.44 43.81
N VAL K 57 37.45 59.56 43.50
CA VAL K 57 37.15 58.45 44.37
C VAL K 57 36.93 57.14 43.62
N PRO K 58 38.00 56.40 43.36
CA PRO K 58 37.88 55.02 42.88
C PRO K 58 37.15 54.15 43.90
N PHE K 59 36.34 53.20 43.45
CA PHE K 59 35.58 52.36 44.38
C PHE K 59 35.17 51.04 43.78
N SER K 60 34.84 50.10 44.64
CA SER K 60 34.29 48.81 44.23
C SER K 60 33.58 48.13 45.39
N ASN K 61 32.26 47.96 45.27
CA ASN K 61 31.41 47.33 46.26
C ASN K 61 30.87 45.97 45.81
N LYS K 62 30.14 45.28 46.69
CA LYS K 62 29.51 44.02 46.30
C LYS K 62 28.06 44.28 45.93
N ILE K 63 27.55 43.47 45.00
CA ILE K 63 26.14 43.60 44.64
C ILE K 63 25.37 42.32 44.80
N TYR K 64 24.08 42.46 45.15
CA TYR K 64 23.19 41.36 45.44
C TYR K 64 21.85 41.62 44.70
N ASP K 65 21.07 40.57 44.51
CA ASP K 65 19.78 40.71 43.84
C ASP K 65 18.77 41.39 44.75
N GLY K 66 17.61 41.70 44.19
CA GLY K 66 16.55 42.40 44.95
C GLY K 66 16.08 41.61 46.17
N SER K 67 16.12 40.27 46.08
CA SER K 67 15.68 39.44 47.21
C SER K 67 16.72 39.37 48.32
N LEU K 68 17.93 39.83 48.05
CA LEU K 68 19.08 39.78 48.98
C LEU K 68 19.51 38.33 49.26
N LYS K 69 19.04 37.37 48.51
CA LYS K 69 19.41 35.98 48.69
C LYS K 69 20.54 35.54 47.81
N THR K 70 20.94 36.39 46.85
CA THR K 70 21.93 35.98 45.85
C THR K 70 23.03 37.00 45.68
N ARG K 71 24.29 36.60 45.89
CA ARG K 71 25.41 37.44 45.51
C ARG K 71 25.60 37.43 44.02
N LEU K 72 25.54 38.62 43.42
N LEU K 72 25.55 38.63 43.39
CA LEU K 72 25.63 38.77 41.97
CA LEU K 72 25.64 38.72 41.93
C LEU K 72 27.07 38.99 41.51
C LEU K 72 27.06 39.02 41.45
N GLY K 73 27.79 39.87 42.20
CA GLY K 73 29.08 40.34 41.68
C GLY K 73 29.55 41.55 42.41
N ILE K 74 30.03 42.54 41.64
CA ILE K 74 30.58 43.74 42.22
C ILE K 74 30.19 44.96 41.40
N THR K 75 30.37 46.14 41.97
CA THR K 75 30.49 47.36 41.18
C THR K 75 31.96 47.73 41.11
N ALA K 76 32.31 48.56 40.12
CA ALA K 76 33.70 48.99 39.98
C ALA K 76 33.72 50.28 39.15
N GLY K 77 34.40 51.30 39.65
CA GLY K 77 34.52 52.52 38.87
C GLY K 77 35.12 53.69 39.62
N LEU K 78 34.75 54.89 39.18
CA LEU K 78 35.42 56.11 39.58
C LEU K 78 34.42 57.25 39.68
N CYS K 79 34.42 57.93 40.82
CA CYS K 79 33.63 59.16 41.01
C CYS K 79 34.52 60.40 40.98
N THR K 80 34.10 61.43 40.26
CA THR K 80 34.78 62.71 40.28
C THR K 80 33.94 63.73 41.07
N LEU K 81 34.49 64.25 42.16
CA LEU K 81 33.71 65.18 42.98
C LEU K 81 33.55 66.51 42.23
N ILE K 82 32.32 67.00 42.17
CA ILE K 82 32.00 68.22 41.44
C ILE K 82 31.78 69.39 42.37
N SER K 83 30.97 69.18 43.40
CA SER K 83 30.69 70.27 44.32
C SER K 83 30.24 69.74 45.68
N HIS K 84 30.52 70.52 46.71
CA HIS K 84 30.07 70.24 48.05
C HIS K 84 28.98 71.21 48.45
N SER K 85 27.92 70.70 49.10
CA SER K 85 26.85 71.53 49.60
C SER K 85 26.82 71.55 51.12
N ASP K 86 27.08 72.72 51.71
CA ASP K 86 26.99 72.86 53.15
C ASP K 86 25.55 72.69 53.62
N GLN K 87 24.63 73.27 52.86
CA GLN K 87 23.22 73.26 53.21
C GLN K 87 22.66 71.85 53.21
N LYS K 88 23.10 71.02 52.26
CA LYS K 88 22.57 69.65 52.12
C LYS K 88 23.44 68.64 52.82
N ASN K 89 24.61 69.09 53.30
CA ASN K 89 25.58 68.24 53.98
C ASN K 89 26.03 67.02 53.11
N GLY K 90 26.51 67.31 51.91
CA GLY K 90 26.93 66.23 51.02
C GLY K 90 27.49 66.76 49.73
N ASP K 91 27.72 65.86 48.79
CA ASP K 91 28.49 66.18 47.59
C ASP K 91 27.80 65.69 46.35
N ARG K 92 28.00 66.43 45.28
CA ARG K 92 27.67 65.92 43.95
C ARG K 92 28.94 65.38 43.31
N TYR K 93 28.81 64.18 42.78
CA TYR K 93 29.85 63.55 41.98
C TYR K 93 29.34 63.30 40.56
N GLU K 94 30.31 63.19 39.65
CA GLU K 94 30.06 62.67 38.32
C GLU K 94 30.68 61.29 38.28
N ALA K 95 29.87 60.28 38.03
CA ALA K 95 30.31 58.89 38.23
C ALA K 95 30.32 58.09 36.94
N LEU K 96 31.33 57.24 36.80
CA LEU K 96 31.34 56.21 35.77
C LEU K 96 31.65 54.89 36.42
N TYR K 97 30.75 53.93 36.31
CA TYR K 97 31.03 52.61 36.86
C TYR K 97 30.24 51.53 36.19
N SER K 98 30.62 50.30 36.46
CA SER K 98 29.96 49.15 35.96
C SER K 98 29.48 48.23 37.07
N PHE K 99 28.45 47.45 36.76
CA PHE K 99 27.91 46.42 37.61
C PHE K 99 28.19 45.10 36.96
N TYR K 100 28.83 44.17 37.69
CA TYR K 100 29.25 42.88 37.15
C TYR K 100 28.42 41.77 37.77
N PHE K 101 27.80 40.97 36.92
CA PHE K 101 26.82 39.95 37.35
C PHE K 101 27.33 38.55 37.00
N GLY K 102 28.63 38.32 37.20
CA GLY K 102 29.17 37.02 36.83
C GLY K 102 28.89 36.72 35.37
N ASP K 103 28.51 35.46 35.07
CA ASP K 103 28.36 35.02 33.68
C ASP K 103 27.20 35.72 32.97
N TYR K 104 26.32 36.40 33.72
CA TYR K 104 25.20 37.11 33.04
C TYR K 104 25.73 38.24 32.20
N GLY K 105 26.88 38.82 32.60
CA GLY K 105 27.40 39.99 31.90
C GLY K 105 27.53 41.19 32.81
N HIS K 106 27.58 42.39 32.23
CA HIS K 106 27.77 43.60 33.02
C HIS K 106 26.85 44.68 32.46
N ILE K 107 26.58 45.69 33.30
CA ILE K 107 25.91 46.92 32.86
C ILE K 107 26.80 48.09 33.23
N SER K 108 26.95 49.05 32.30
CA SER K 108 27.74 50.25 32.56
C SER K 108 26.80 51.44 32.71
N VAL K 109 27.18 52.37 33.58
CA VAL K 109 26.44 53.57 33.85
C VAL K 109 27.33 54.81 33.85
N GLN K 110 26.72 55.97 33.62
CA GLN K 110 27.39 57.26 33.63
C GLN K 110 26.40 58.30 34.08
N GLY K 111 26.80 59.17 34.98
CA GLY K 111 25.93 60.25 35.37
C GLY K 111 26.08 60.67 36.80
N PRO K 112 25.04 61.28 37.38
CA PRO K 112 25.16 61.94 38.69
C PRO K 112 25.06 60.97 39.85
N TYR K 113 25.99 61.13 40.80
CA TYR K 113 25.93 60.40 42.03
C TYR K 113 25.94 61.50 43.10
N ILE K 114 24.85 61.60 43.83
N ILE K 114 24.83 61.62 43.81
CA ILE K 114 24.66 62.69 44.82
CA ILE K 114 24.64 62.68 44.81
C ILE K 114 24.46 62.06 46.20
C ILE K 114 24.52 62.01 46.17
N THR K 115 25.34 62.40 47.14
CA THR K 115 25.38 61.63 48.43
C THR K 115 24.10 61.84 49.25
N TYR K 116 23.36 62.91 48.98
CA TYR K 116 22.24 63.31 49.82
C TYR K 116 20.86 63.15 49.19
N GLU K 117 20.80 62.64 47.96
CA GLU K 117 19.48 62.47 47.32
C GLU K 117 19.57 61.47 46.16
N ASP K 118 18.42 60.98 45.72
CA ASP K 118 18.35 60.05 44.60
C ASP K 118 18.71 60.74 43.30
N SER K 119 19.13 59.95 42.34
CA SER K 119 19.48 60.49 41.01
C SER K 119 19.19 59.46 39.94
N TYR K 120 19.22 59.88 38.67
CA TYR K 120 19.14 58.95 37.56
C TYR K 120 20.39 58.93 36.73
N LEU K 121 21.00 57.76 36.59
N LEU K 121 20.98 57.74 36.59
CA LEU K 121 22.16 57.59 35.77
CA LEU K 121 22.17 57.54 35.79
C LEU K 121 21.76 57.10 34.38
C LEU K 121 21.77 57.06 34.39
N ALA K 122 22.59 57.37 33.39
CA ALA K 122 22.41 56.81 32.04
C ALA K 122 22.93 55.38 32.08
N ILE K 123 22.19 54.45 31.48
CA ILE K 123 22.69 53.13 31.19
C ILE K 123 23.40 53.22 29.85
N THR K 124 24.72 53.05 29.85
CA THR K 124 25.47 53.32 28.63
C THR K 124 25.67 52.08 27.78
N GLY K 125 25.33 50.91 28.31
CA GLY K 125 25.40 49.67 27.56
C GLY K 125 25.77 48.53 28.49
N GLY K 126 26.09 47.38 27.91
CA GLY K 126 26.45 46.21 28.71
C GLY K 126 26.98 45.09 27.88
N SER K 127 27.00 43.91 28.46
CA SER K 127 27.49 42.71 27.78
C SER K 127 26.70 41.52 28.27
N GLY K 128 26.89 40.38 27.60
CA GLY K 128 26.16 39.17 27.99
C GLY K 128 24.68 39.34 27.73
N ILE K 129 23.86 39.01 28.72
CA ILE K 129 22.41 39.20 28.57
C ILE K 129 22.03 40.68 28.53
N PHE K 130 22.98 41.56 28.87
CA PHE K 130 22.72 43.01 28.84
C PHE K 130 23.31 43.66 27.59
N ALA K 131 23.84 42.87 26.68
CA ALA K 131 24.37 43.46 25.45
C ALA K 131 23.32 44.28 24.71
N GLY K 132 23.67 45.51 24.39
CA GLY K 132 22.76 46.37 23.64
C GLY K 132 21.77 47.09 24.50
N CYS K 133 21.85 46.95 25.83
CA CYS K 133 20.89 47.61 26.70
C CYS K 133 21.04 49.11 26.68
N TYR K 134 19.97 49.79 27.02
CA TYR K 134 19.97 51.24 27.15
C TYR K 134 18.86 51.66 28.11
N GLY K 135 18.83 52.95 28.45
CA GLY K 135 17.84 53.45 29.38
C GLY K 135 18.47 54.24 30.50
N GLN K 136 17.80 54.27 31.65
CA GLN K 136 18.27 55.00 32.81
C GLN K 136 18.12 54.13 34.05
N ALA K 137 18.88 54.46 35.09
CA ALA K 137 18.86 53.70 36.35
C ALA K 137 18.68 54.68 37.49
N LYS K 138 17.76 54.38 38.39
CA LYS K 138 17.57 55.20 39.55
C LYS K 138 18.48 54.72 40.69
N LEU K 139 19.28 55.63 41.23
N LEU K 139 19.28 55.63 41.24
CA LEU K 139 20.15 55.37 42.36
CA LEU K 139 20.15 55.35 42.36
C LEU K 139 19.41 55.89 43.57
C LEU K 139 19.51 55.91 43.61
N HIS K 140 19.21 55.02 44.56
CA HIS K 140 18.62 55.43 45.82
C HIS K 140 19.60 55.14 46.97
N GLN K 141 19.95 56.19 47.71
CA GLN K 141 20.78 56.04 48.88
C GLN K 141 19.97 55.46 50.02
N ILE K 142 20.36 54.29 50.50
CA ILE K 142 19.69 53.72 51.65
C ILE K 142 20.31 54.25 52.91
N ILE K 143 21.62 54.02 53.05
CA ILE K 143 22.40 54.66 54.08
C ILE K 143 23.75 54.96 53.44
N PHE K 144 23.95 56.20 53.02
CA PHE K 144 25.22 56.59 52.43
C PHE K 144 26.32 56.44 53.47
N PRO K 145 27.47 55.85 53.08
CA PRO K 145 27.87 55.32 51.80
C PRO K 145 27.83 53.77 51.75
N PHE K 146 27.24 53.10 52.74
CA PHE K 146 27.38 51.65 52.86
C PHE K 146 26.35 50.84 52.05
N LYS K 147 25.15 51.38 51.85
CA LYS K 147 24.05 50.60 51.25
C LYS K 147 23.32 51.45 50.25
N LEU K 148 23.26 50.97 49.03
CA LEU K 148 22.57 51.69 47.92
C LEU K 148 21.65 50.71 47.24
N PHE K 149 20.61 51.25 46.62
CA PHE K 149 19.63 50.43 45.93
C PHE K 149 19.38 51.02 44.53
N TYR K 150 19.41 50.17 43.49
CA TYR K 150 19.23 50.62 42.12
C TYR K 150 18.04 49.97 41.48
N THR K 151 17.34 50.79 40.67
CA THR K 151 16.31 50.29 39.75
C THR K 151 16.80 50.57 38.35
N PHE K 152 17.20 49.53 37.63
CA PHE K 152 17.59 49.69 36.22
C PHE K 152 16.33 49.58 35.39
N TYR K 153 16.07 50.61 34.58
CA TYR K 153 14.90 50.61 33.66
C TYR K 153 15.45 50.20 32.32
N LEU K 154 15.62 48.91 32.12
CA LEU K 154 16.37 48.37 30.98
C LEU K 154 15.54 48.24 29.73
N GLN K 155 16.07 48.79 28.64
CA GLN K 155 15.44 48.66 27.32
C GLN K 155 16.42 47.90 26.41
N GLY K 156 15.86 47.30 25.35
CA GLY K 156 16.69 46.78 24.30
C GLY K 156 17.19 45.37 24.43
N ILE K 157 16.79 44.66 25.47
CA ILE K 157 17.31 43.32 25.74
C ILE K 157 16.20 42.29 25.90
N LYS K 158 16.56 41.02 25.84
CA LYS K 158 15.61 39.95 25.99
C LYS K 158 15.12 39.84 27.42
N LYS K 159 14.01 39.14 27.61
CA LYS K 159 13.44 38.95 28.94
C LYS K 159 14.49 38.46 29.92
N LEU K 160 14.60 39.17 31.04
CA LEU K 160 15.57 38.82 32.10
C LEU K 160 15.25 37.45 32.68
N PRO K 161 16.29 36.68 33.06
CA PRO K 161 16.07 35.38 33.72
C PRO K 161 15.34 35.56 35.05
N GLU K 162 14.49 34.60 35.38
CA GLU K 162 13.68 34.66 36.60
C GLU K 162 14.59 34.83 37.84
N ALA K 163 15.80 34.28 37.78
CA ALA K 163 16.70 34.38 38.90
C ALA K 163 17.03 35.83 39.29
N LEU K 164 16.91 36.75 38.34
CA LEU K 164 17.19 38.16 38.63
C LEU K 164 15.95 38.95 38.99
N CYS K 165 14.80 38.27 39.05
CA CYS K 165 13.48 38.90 39.22
C CYS K 165 12.71 38.37 40.41
N ALA K 166 13.41 37.87 41.43
CA ALA K 166 12.73 37.38 42.64
C ALA K 166 12.06 38.55 43.36
N PRO K 167 11.06 38.26 44.21
CA PRO K 167 10.40 39.35 44.92
C PRO K 167 11.42 40.21 45.67
N CYS K 168 11.28 41.52 45.57
CA CYS K 168 12.26 42.43 46.05
C CYS K 168 12.03 42.83 47.49
N VAL K 169 13.08 42.73 48.30
CA VAL K 169 13.03 43.23 49.68
C VAL K 169 12.89 44.77 49.58
N PRO K 170 11.97 45.36 50.37
CA PRO K 170 11.90 46.83 50.34
C PRO K 170 13.13 47.46 51.01
N PRO K 171 13.73 48.45 50.36
CA PRO K 171 14.98 48.97 50.96
C PRO K 171 14.73 49.75 52.26
N SER K 172 15.59 49.51 53.23
CA SER K 172 15.62 50.25 54.48
C SER K 172 17.02 50.09 55.06
N PRO K 173 17.41 50.94 56.00
CA PRO K 173 18.79 50.94 56.51
C PRO K 173 19.22 49.63 57.14
N SER K 174 18.27 48.82 57.59
CA SER K 174 18.63 47.58 58.27
C SER K 174 18.78 46.36 57.33
N VAL K 175 18.51 46.54 56.04
CA VAL K 175 18.60 45.39 55.14
C VAL K 175 20.03 44.91 55.00
N ALA K 176 20.16 43.62 54.78
CA ALA K 176 21.48 43.03 54.60
C ALA K 176 21.36 41.76 53.79
N PRO K 177 22.45 41.35 53.12
CA PRO K 177 22.42 40.11 52.37
C PRO K 177 22.10 38.95 53.31
N ALA K 178 21.36 37.98 52.80
CA ALA K 178 21.18 36.73 53.51
C ALA K 178 22.55 36.11 53.86
N ASP K 179 22.66 35.39 54.99
N ASP K 179 22.65 35.39 54.99
CA ASP K 179 23.94 34.80 55.37
CA ASP K 179 23.95 34.83 55.35
C ASP K 179 24.50 33.88 54.28
C ASP K 179 24.50 33.89 54.27
N GLU K 180 23.62 33.12 53.64
CA GLU K 180 24.02 32.19 52.60
C GLU K 180 24.58 32.96 51.36
N ALA K 181 24.12 34.18 51.12
CA ALA K 181 24.69 35.02 50.03
C ALA K 181 25.98 35.67 50.42
N LYS K 182 26.06 36.09 51.67
CA LYS K 182 27.32 36.59 52.23
C LYS K 182 28.41 35.51 52.13
N GLN K 183 28.03 34.27 52.41
CA GLN K 183 29.01 33.18 52.41
C GLN K 183 29.24 32.62 51.03
N CYS K 184 28.55 33.16 50.04
CA CYS K 184 28.76 32.77 48.67
C CYS K 184 28.50 31.29 48.46
N LEU K 185 27.42 30.80 49.08
CA LEU K 185 27.10 29.37 48.97
C LEU K 185 26.50 29.02 47.63
N PRO K 186 26.64 27.79 47.16
CA PRO K 186 26.02 27.32 45.95
C PRO K 186 24.53 27.63 45.96
N ASN K 187 23.96 28.01 44.83
CA ASN K 187 22.53 28.36 44.77
C ASN K 187 22.20 29.68 45.44
N HIS K 188 23.22 30.39 45.95
CA HIS K 188 23.07 31.75 46.44
C HIS K 188 24.10 32.68 45.81
N VAL K 189 24.56 32.32 44.63
CA VAL K 189 25.46 33.17 43.86
C VAL K 189 25.05 33.09 42.38
N ALA K 190 25.24 34.18 41.65
CA ALA K 190 25.18 34.15 40.20
C ALA K 190 26.19 33.14 39.66
N PRO K 191 25.91 32.56 38.49
CA PRO K 191 26.92 31.65 37.89
C PRO K 191 28.26 32.37 37.72
N ASN K 192 29.33 31.80 38.30
CA ASN K 192 30.63 32.45 38.31
C ASN K 192 30.56 33.91 38.71
N PHE K 193 29.87 34.15 39.82
CA PHE K 193 29.67 35.53 40.28
C PHE K 193 31.04 36.28 40.33
N THR K 194 31.00 37.57 40.04
CA THR K 194 32.23 38.35 40.01
C THR K 194 32.77 38.61 41.39
N LYS K 195 34.04 38.26 41.57
CA LYS K 195 34.73 38.37 42.87
C LYS K 195 35.54 39.64 42.97
N HIS L 16 22.07 42.42 11.50
CA HIS L 16 21.95 42.52 12.98
C HIS L 16 23.24 43.05 13.62
N VAL L 17 24.21 42.18 13.78
CA VAL L 17 25.51 42.55 14.27
C VAL L 17 26.53 42.53 13.14
N GLN L 18 27.39 43.56 13.06
CA GLN L 18 28.55 43.51 12.19
C GLN L 18 29.83 43.40 13.00
N GLU L 19 30.67 42.41 12.66
CA GLU L 19 31.96 42.30 13.32
C GLU L 19 33.03 43.24 12.74
N LEU L 20 33.75 43.93 13.62
CA LEU L 20 34.91 44.73 13.20
C LEU L 20 36.11 44.32 14.06
N PHE L 21 37.21 43.94 13.41
CA PHE L 21 38.41 43.51 14.11
C PHE L 21 39.48 44.59 14.17
N VAL L 22 40.06 44.80 15.35
CA VAL L 22 41.07 45.83 15.52
C VAL L 22 42.25 45.33 16.38
N TYR L 23 43.47 45.63 15.93
CA TYR L 23 44.65 45.39 16.75
C TYR L 23 45.08 46.66 17.46
N GLU L 24 45.39 46.54 18.75
CA GLU L 24 45.93 47.66 19.51
C GLU L 24 47.37 47.30 19.92
N ILE L 25 48.28 48.22 19.64
CA ILE L 25 49.72 47.95 19.89
C ILE L 25 50.35 49.08 20.65
N ASN L 26 51.07 48.76 21.74
CA ASN L 26 51.89 49.77 22.42
C ASN L 26 53.25 49.74 21.84
N GLU L 27 53.61 50.74 21.04
CA GLU L 27 54.93 50.75 20.41
C GLU L 27 55.96 51.57 21.20
N ARG L 28 55.58 51.93 22.41
CA ARG L 28 56.49 52.51 23.40
C ARG L 28 56.96 53.92 23.03
N ASP L 29 56.26 54.55 22.11
CA ASP L 29 56.69 55.82 21.54
C ASP L 29 55.91 57.04 22.04
N ARG L 30 54.90 56.81 22.90
CA ARG L 30 54.01 57.89 23.39
C ARG L 30 54.04 58.06 24.90
N GLY L 31 55.06 57.47 25.53
CA GLY L 31 55.13 57.53 26.99
C GLY L 31 53.93 56.93 27.71
N SER L 32 53.34 55.92 27.08
CA SER L 32 52.16 55.22 27.61
C SER L 32 52.49 53.79 28.03
N PRO L 33 51.87 53.31 29.12
CA PRO L 33 50.90 53.97 29.99
C PRO L 33 51.56 54.81 31.07
N VAL L 34 50.81 55.73 31.65
CA VAL L 34 51.27 56.50 32.79
C VAL L 34 50.65 55.85 34.03
N PHE L 35 51.46 55.11 34.76
CA PHE L 35 50.98 54.46 35.99
C PHE L 35 51.04 55.42 37.20
N LEU L 36 49.88 55.73 37.76
CA LEU L 36 49.74 56.65 38.88
C LEU L 36 49.40 55.82 40.11
N PRO L 37 50.33 55.68 41.06
CA PRO L 37 50.16 54.69 42.14
C PRO L 37 49.35 55.21 43.32
N PHE L 38 48.15 55.70 43.02
CA PHE L 38 47.32 56.38 43.99
C PHE L 38 46.59 55.42 44.93
N GLY L 39 46.60 54.13 44.62
CA GLY L 39 46.10 53.13 45.55
C GLY L 39 46.88 53.14 46.86
N GLY L 40 48.17 53.52 46.81
CA GLY L 40 48.97 53.78 48.01
C GLY L 40 49.56 52.58 48.71
N LYS L 41 49.19 51.39 48.25
CA LYS L 41 49.60 50.14 48.92
C LYS L 41 51.08 49.78 48.73
N LYS L 42 51.73 49.43 49.85
CA LYS L 42 53.13 49.05 49.85
C LYS L 42 53.31 47.61 50.33
N GLN L 43 54.39 46.97 49.89
CA GLN L 43 54.57 45.56 50.16
C GLN L 43 55.21 45.32 51.53
N HIS L 49 55.88 49.06 45.39
CA HIS L 49 54.44 49.28 45.07
C HIS L 49 53.68 47.98 44.90
N VAL L 50 52.47 47.94 45.47
CA VAL L 50 51.57 46.81 45.26
C VAL L 50 50.34 47.37 44.55
N ASN L 51 50.00 46.80 43.40
CA ASN L 51 48.80 47.21 42.65
C ASN L 51 47.57 47.04 43.55
N SER L 52 46.73 48.07 43.58
CA SER L 52 45.57 48.07 44.46
C SER L 52 44.53 49.01 43.93
N LEU L 53 43.30 48.86 44.42
CA LEU L 53 42.20 49.77 44.09
C LEU L 53 42.67 51.22 44.14
N GLY L 54 42.40 51.97 43.06
CA GLY L 54 42.70 53.39 43.09
C GLY L 54 43.94 53.84 42.36
N ASP L 55 44.81 52.91 42.03
CA ASP L 55 45.89 53.23 41.07
C ASP L 55 45.17 53.62 39.77
N LEU L 56 45.63 54.68 39.11
CA LEU L 56 45.02 55.16 37.86
C LEU L 56 46.02 55.06 36.73
N VAL L 57 45.52 54.71 35.56
CA VAL L 57 46.42 54.50 34.42
C VAL L 57 45.88 55.16 33.13
N PRO L 58 46.21 56.44 32.92
CA PRO L 58 46.00 57.05 31.62
C PRO L 58 46.81 56.32 30.55
N PHE L 59 46.25 56.16 29.34
CA PHE L 59 46.97 55.45 28.29
C PHE L 59 46.55 55.87 26.88
N SER L 60 47.41 55.51 25.92
CA SER L 60 47.07 55.76 24.53
C SER L 60 48.01 54.93 23.66
N ASN L 61 47.45 54.01 22.89
CA ASN L 61 48.20 53.14 21.99
C ASN L 61 47.81 53.35 20.55
N LYS L 62 48.51 52.70 19.63
CA LYS L 62 48.13 52.77 18.21
C LYS L 62 47.19 51.64 17.86
N ILE L 63 46.30 51.89 16.88
CA ILE L 63 45.44 50.82 16.36
C ILE L 63 45.59 50.59 14.88
N TYR L 64 45.51 49.31 14.51
CA TYR L 64 45.65 48.88 13.12
C TYR L 64 44.43 48.02 12.80
N ASP L 65 44.10 47.90 11.52
CA ASP L 65 43.01 47.02 11.08
C ASP L 65 43.30 45.52 11.28
N GLY L 66 42.27 44.70 11.07
CA GLY L 66 42.35 43.27 11.30
C GLY L 66 43.41 42.58 10.44
N SER L 67 43.60 43.10 9.22
CA SER L 67 44.58 42.51 8.30
C SER L 67 46.01 42.94 8.62
N LEU L 68 46.14 43.87 9.56
CA LEU L 68 47.43 44.42 9.99
C LEU L 68 48.16 45.19 8.87
N LYS L 69 47.41 45.57 7.82
CA LYS L 69 47.97 46.30 6.69
C LYS L 69 47.77 47.81 6.76
N THR L 70 46.89 48.26 7.66
CA THR L 70 46.52 49.66 7.70
C THR L 70 46.59 50.19 9.13
N ARG L 71 47.30 51.29 9.31
CA ARG L 71 47.22 52.08 10.53
C ARG L 71 45.90 52.86 10.55
N LEU L 72 45.08 52.64 11.59
CA LEU L 72 43.77 53.31 11.64
C LEU L 72 43.79 54.59 12.49
N GLY L 73 44.43 54.52 13.65
CA GLY L 73 44.47 55.68 14.54
C GLY L 73 45.08 55.29 15.87
N ILE L 74 44.39 55.64 16.94
CA ILE L 74 44.86 55.39 18.31
C ILE L 74 43.71 54.97 19.21
N THR L 75 44.08 54.43 20.36
CA THR L 75 43.17 54.41 21.50
C THR L 75 43.55 55.55 22.44
N ALA L 76 42.63 55.94 23.31
CA ALA L 76 42.89 57.00 24.27
C ALA L 76 41.92 56.85 25.42
N GLY L 77 42.44 56.84 26.65
CA GLY L 77 41.55 56.80 27.78
C GLY L 77 42.22 56.60 29.13
N LEU L 78 41.48 55.99 30.06
CA LEU L 78 41.86 55.96 31.45
C LEU L 78 41.37 54.63 32.06
N CYS L 79 42.27 53.94 32.72
CA CYS L 79 41.91 52.74 33.50
C CYS L 79 42.01 53.01 34.99
N THR L 80 41.04 52.48 35.75
CA THR L 80 41.10 52.53 37.20
C THR L 80 41.34 51.11 37.65
N LEU L 81 42.44 50.91 38.38
CA LEU L 81 42.72 49.57 38.89
C LEU L 81 41.75 49.27 40.00
N ILE L 82 41.17 48.07 39.95
CA ILE L 82 40.16 47.64 40.93
C ILE L 82 40.71 46.63 41.95
N SER L 83 41.38 45.62 41.46
CA SER L 83 41.93 44.59 42.36
C SER L 83 43.06 43.86 41.70
N HIS L 84 43.96 43.33 42.54
CA HIS L 84 45.04 42.50 42.08
C HIS L 84 44.87 41.06 42.55
N SER L 85 45.17 40.12 41.67
CA SER L 85 45.15 38.70 42.00
C SER L 85 46.55 38.09 41.99
N ASP L 86 47.07 37.72 43.16
CA ASP L 86 48.34 37.01 43.22
C ASP L 86 48.20 35.63 42.59
N GLN L 87 47.11 34.94 42.94
CA GLN L 87 46.79 33.62 42.37
C GLN L 87 46.86 33.61 40.83
N LYS L 88 46.31 34.62 40.17
CA LYS L 88 46.29 34.64 38.72
C LYS L 88 47.32 35.59 38.09
N ASN L 89 48.13 36.20 38.95
CA ASN L 89 49.19 37.13 38.57
C ASN L 89 48.73 38.21 37.59
N GLY L 90 47.72 38.97 38.00
CA GLY L 90 47.20 40.04 37.17
C GLY L 90 46.25 40.95 37.92
N ASP L 91 45.71 41.90 37.18
CA ASP L 91 44.78 42.88 37.75
C ASP L 91 43.47 43.00 37.00
N ARG L 92 42.42 43.38 37.73
CA ARG L 92 41.17 43.86 37.12
C ARG L 92 41.19 45.38 37.10
N TYR L 93 40.90 45.95 35.94
CA TYR L 93 40.73 47.40 35.78
C TYR L 93 39.31 47.67 35.33
N GLU L 94 38.85 48.88 35.62
CA GLU L 94 37.62 49.41 35.00
C GLU L 94 38.08 50.48 34.01
N ALA L 95 37.75 50.28 32.73
CA ALA L 95 38.29 51.09 31.65
C ALA L 95 37.27 51.96 30.96
N LEU L 96 37.69 53.16 30.60
CA LEU L 96 36.92 54.10 29.79
C LEU L 96 37.86 54.57 28.70
N TYR L 97 37.56 54.24 27.44
CA TYR L 97 38.41 54.69 26.36
C TYR L 97 37.73 54.71 25.01
N SER L 98 38.36 55.39 24.07
CA SER L 98 37.83 55.49 22.71
C SER L 98 38.85 54.97 21.70
N PHE L 99 38.32 54.53 20.57
CA PHE L 99 39.09 54.11 19.40
C PHE L 99 38.88 55.13 18.31
N TYR L 100 39.97 55.69 17.80
CA TYR L 100 39.88 56.74 16.75
C TYR L 100 40.36 56.18 15.44
N PHE L 101 39.51 56.31 14.44
CA PHE L 101 39.73 55.73 13.12
C PHE L 101 39.88 56.82 12.03
N GLY L 102 40.63 57.87 12.33
CA GLY L 102 40.75 58.98 11.40
C GLY L 102 39.39 59.51 10.96
N ASP L 103 39.22 59.74 9.65
CA ASP L 103 37.97 60.33 9.13
C ASP L 103 36.72 59.45 9.25
N TYR L 104 36.90 58.14 9.54
CA TYR L 104 35.75 57.25 9.75
C TYR L 104 34.95 57.62 10.97
N GLY L 105 35.61 58.20 11.97
CA GLY L 105 34.97 58.49 13.26
C GLY L 105 35.61 57.76 14.40
N HIS L 106 34.86 57.63 15.48
CA HIS L 106 35.35 56.95 16.69
C HIS L 106 34.33 56.00 17.26
N ILE L 107 34.80 55.12 18.14
CA ILE L 107 33.94 54.23 18.92
C ILE L 107 34.38 54.36 20.38
N SER L 108 33.41 54.52 21.27
CA SER L 108 33.71 54.61 22.70
C SER L 108 33.29 53.32 23.40
N VAL L 109 34.06 52.93 24.42
CA VAL L 109 33.78 51.72 25.19
C VAL L 109 33.92 52.00 26.68
N GLN L 110 33.25 51.15 27.45
CA GLN L 110 33.30 51.20 28.91
C GLN L 110 33.17 49.79 29.45
N GLY L 111 33.99 49.41 30.40
CA GLY L 111 33.85 48.11 31.01
C GLY L 111 35.21 47.55 31.48
N PRO L 112 35.28 46.22 31.64
CA PRO L 112 36.42 45.58 32.33
C PRO L 112 37.59 45.32 31.42
N TYR L 113 38.76 45.61 31.93
CA TYR L 113 40.00 45.12 31.30
C TYR L 113 40.69 44.29 32.36
N ILE L 114 40.85 43.02 32.04
CA ILE L 114 41.41 42.07 33.01
C ILE L 114 42.71 41.56 32.40
N THR L 115 43.86 41.71 33.10
CA THR L 115 45.17 41.56 32.44
C THR L 115 45.43 40.10 32.06
N TYR L 116 44.70 39.18 32.69
CA TYR L 116 44.96 37.76 32.56
C TYR L 116 43.86 36.98 31.84
N GLU L 117 42.81 37.66 31.34
CA GLU L 117 41.75 36.94 30.64
C GLU L 117 40.94 37.86 29.77
N ASP L 118 40.25 37.28 28.79
CA ASP L 118 39.40 38.06 27.91
C ASP L 118 38.23 38.65 28.63
N SER L 119 37.71 39.76 28.11
CA SER L 119 36.50 40.36 28.68
C SER L 119 35.67 40.95 27.56
N TYR L 120 34.46 41.36 27.95
CA TYR L 120 33.57 42.09 27.04
C TYR L 120 33.26 43.48 27.54
N LEU L 121 33.46 44.47 26.68
N LEU L 121 33.45 44.46 26.66
CA LEU L 121 33.24 45.86 26.98
CA LEU L 121 33.26 45.87 26.97
C LEU L 121 31.89 46.25 26.41
C LEU L 121 31.94 46.32 26.36
N ALA L 122 31.25 47.27 27.02
CA ALA L 122 30.08 47.89 26.39
C ALA L 122 30.57 48.83 25.28
N ILE L 123 29.89 48.82 24.15
CA ILE L 123 30.07 49.86 23.13
C ILE L 123 29.09 50.98 23.47
N THR L 124 29.61 52.12 23.91
CA THR L 124 28.72 53.15 24.45
C THR L 124 28.24 54.13 23.39
N GLY L 125 28.81 54.06 22.21
CA GLY L 125 28.37 54.94 21.13
C GLY L 125 29.57 55.26 20.24
N GLY L 126 29.40 56.18 19.26
CA GLY L 126 30.48 56.56 18.37
C GLY L 126 30.13 57.81 17.58
N SER L 127 30.91 58.07 16.53
CA SER L 127 30.70 59.19 15.64
C SER L 127 31.04 58.80 14.23
N GLY L 128 30.69 59.68 13.28
CA GLY L 128 30.99 59.35 11.90
C GLY L 128 30.18 58.16 11.45
N ILE L 129 30.86 57.21 10.79
CA ILE L 129 30.19 56.00 10.33
C ILE L 129 29.69 55.15 11.53
N PHE L 130 30.23 55.44 12.73
CA PHE L 130 29.87 54.68 13.95
C PHE L 130 28.81 55.41 14.77
N ALA L 131 28.28 56.55 14.27
CA ALA L 131 27.31 57.31 15.03
C ALA L 131 26.06 56.45 15.29
N GLY L 132 25.66 56.38 16.56
CA GLY L 132 24.49 55.59 16.91
C GLY L 132 24.76 54.12 17.13
N CYS L 133 26.05 53.73 17.09
CA CYS L 133 26.38 52.35 17.33
C CYS L 133 26.11 51.89 18.77
N TYR L 134 25.90 50.60 18.92
CA TYR L 134 25.77 50.02 20.24
C TYR L 134 26.12 48.54 20.19
N GLY L 135 26.22 47.92 21.34
CA GLY L 135 26.57 46.51 21.42
C GLY L 135 27.69 46.24 22.40
N GLN L 136 28.47 45.20 22.13
CA GLN L 136 29.58 44.84 23.02
C GLN L 136 30.81 44.51 22.20
N ALA L 137 31.98 44.56 22.83
CA ALA L 137 33.22 44.29 22.14
C ALA L 137 34.04 43.31 22.97
N LYS L 138 34.63 42.30 22.33
CA LYS L 138 35.50 41.37 23.01
C LYS L 138 36.95 41.87 23.00
N LEU L 139 37.57 41.91 24.17
CA LEU L 139 38.96 42.29 24.33
C LEU L 139 39.74 40.99 24.57
N HIS L 140 40.69 40.74 23.68
CA HIS L 140 41.55 39.57 23.77
C HIS L 140 43.02 39.95 23.95
N GLN L 141 43.64 39.46 25.02
CA GLN L 141 45.02 39.79 25.26
C GLN L 141 45.89 38.91 24.38
N ILE L 142 46.78 39.52 23.60
CA ILE L 142 47.75 38.71 22.84
C ILE L 142 49.07 38.55 23.58
N ILE L 143 49.71 39.67 23.91
CA ILE L 143 50.87 39.69 24.79
C ILE L 143 50.72 40.86 25.73
N PHE L 144 50.60 40.54 27.01
CA PHE L 144 50.54 41.54 28.06
C PHE L 144 51.90 42.25 28.22
N PRO L 145 51.88 43.61 28.26
CA PRO L 145 50.72 44.46 27.99
C PRO L 145 50.84 45.23 26.66
N PHE L 146 51.55 44.66 25.69
CA PHE L 146 51.87 45.43 24.51
C PHE L 146 51.00 45.20 23.29
N LYS L 147 50.30 44.07 23.25
N LYS L 147 50.33 44.05 23.23
CA LYS L 147 49.47 43.70 22.08
CA LYS L 147 49.46 43.72 22.09
C LYS L 147 48.10 43.19 22.52
C LYS L 147 48.10 43.20 22.54
N LEU L 148 47.03 43.77 21.97
CA LEU L 148 45.67 43.36 22.23
C LEU L 148 44.89 43.28 20.92
N PHE L 149 43.82 42.49 20.94
CA PHE L 149 42.98 42.28 19.79
C PHE L 149 41.50 42.41 20.19
N TYR L 150 40.76 43.19 19.41
CA TYR L 150 39.37 43.47 19.67
C TYR L 150 38.44 42.98 18.59
N THR L 151 37.33 42.41 19.00
CA THR L 151 36.19 42.17 18.09
C THR L 151 35.01 43.04 18.56
N PHE L 152 34.71 44.09 17.81
CA PHE L 152 33.53 44.88 18.07
C PHE L 152 32.32 44.22 17.42
N TYR L 153 31.27 43.96 18.21
CA TYR L 153 30.02 43.40 17.65
C TYR L 153 29.02 44.56 17.48
N LEU L 154 29.16 45.26 16.38
CA LEU L 154 28.51 46.55 16.20
C LEU L 154 27.06 46.42 15.73
N GLN L 155 26.17 47.09 16.44
CA GLN L 155 24.79 47.17 16.03
C GLN L 155 24.38 48.62 15.73
N GLY L 156 23.33 48.81 14.93
CA GLY L 156 22.68 50.10 14.76
C GLY L 156 23.28 51.01 13.70
N ILE L 157 24.24 50.51 12.92
CA ILE L 157 24.87 51.35 11.90
C ILE L 157 24.79 50.73 10.51
N LYS L 158 25.02 51.57 9.51
CA LYS L 158 24.92 51.10 8.09
C LYS L 158 26.10 50.20 7.82
N LYS L 159 26.08 49.54 6.66
CA LYS L 159 27.12 48.58 6.29
C LYS L 159 28.52 49.21 6.38
N LEU L 160 29.42 48.58 7.12
CA LEU L 160 30.80 49.04 7.23
C LEU L 160 31.47 49.06 5.86
N PRO L 161 32.32 50.07 5.60
CA PRO L 161 33.10 50.12 4.36
C PRO L 161 34.02 48.91 4.22
N GLU L 162 34.25 48.49 2.97
CA GLU L 162 35.07 47.30 2.66
C GLU L 162 36.50 47.44 3.23
N ALA L 163 37.05 48.65 3.22
CA ALA L 163 38.38 48.91 3.78
C ALA L 163 38.54 48.45 5.23
N LEU L 164 37.48 48.49 6.04
CA LEU L 164 37.57 48.06 7.42
C LEU L 164 37.20 46.60 7.64
N CYS L 165 36.88 45.89 6.56
CA CYS L 165 36.40 44.50 6.63
C CYS L 165 37.25 43.52 5.84
N ALA L 166 38.53 43.84 5.68
CA ALA L 166 39.48 42.92 5.06
C ALA L 166 39.70 41.68 5.94
N PRO L 167 40.12 40.56 5.31
CA PRO L 167 40.40 39.31 6.03
C PRO L 167 41.33 39.51 7.23
N CYS L 168 40.92 38.99 8.38
CA CYS L 168 41.64 39.23 9.61
C CYS L 168 42.83 38.28 9.76
N VAL L 169 43.95 38.78 10.28
CA VAL L 169 45.06 37.90 10.66
C VAL L 169 44.66 37.30 12.02
N PRO L 170 44.68 35.96 12.14
CA PRO L 170 44.44 35.32 13.44
C PRO L 170 45.44 35.82 14.49
N PRO L 171 44.93 36.25 15.65
CA PRO L 171 45.82 36.78 16.70
C PRO L 171 46.76 35.70 17.27
N SER L 172 48.05 36.02 17.33
CA SER L 172 49.04 35.17 18.00
C SER L 172 50.20 36.07 18.43
N PRO L 173 51.03 35.59 19.37
CA PRO L 173 52.09 36.45 19.89
C PRO L 173 52.98 37.10 18.82
N SER L 174 53.17 36.44 17.68
CA SER L 174 54.16 36.87 16.69
C SER L 174 53.62 37.95 15.77
N VAL L 175 52.31 38.16 15.83
CA VAL L 175 51.60 39.14 15.00
C VAL L 175 52.18 40.54 15.15
N ALA L 176 52.33 41.24 14.03
CA ALA L 176 52.78 42.64 14.05
C ALA L 176 52.26 43.39 12.82
N PRO L 177 52.15 44.72 12.92
CA PRO L 177 51.75 45.49 11.74
C PRO L 177 52.72 45.34 10.56
N ALA L 178 52.20 45.37 9.34
CA ALA L 178 53.06 45.40 8.15
C ALA L 178 53.95 46.64 8.22
N ASP L 179 55.19 46.56 7.73
CA ASP L 179 56.13 47.64 7.92
C ASP L 179 55.59 48.94 7.28
N GLU L 180 54.85 48.78 6.18
CA GLU L 180 54.27 49.93 5.49
C GLU L 180 53.25 50.62 6.35
N ALA L 181 52.52 49.83 7.16
CA ALA L 181 51.55 50.42 8.08
C ALA L 181 52.27 51.08 9.25
N LYS L 182 53.34 50.47 9.76
CA LYS L 182 54.07 51.07 10.86
C LYS L 182 54.66 52.43 10.47
N GLN L 183 55.04 52.54 9.19
CA GLN L 183 55.57 53.78 8.62
C GLN L 183 54.51 54.70 8.03
N CYS L 184 53.24 54.30 8.16
CA CYS L 184 52.12 55.15 7.75
C CYS L 184 52.20 55.61 6.30
N LEU L 185 52.49 54.67 5.41
CA LEU L 185 52.58 55.03 3.98
C LEU L 185 51.18 55.22 3.38
N PRO L 186 51.03 56.22 2.48
CA PRO L 186 49.74 56.67 1.94
C PRO L 186 48.74 55.58 1.53
N ASN L 187 49.22 54.39 1.18
CA ASN L 187 48.32 53.31 0.84
C ASN L 187 48.04 52.34 2.01
N HIS L 188 48.53 52.69 3.20
CA HIS L 188 48.46 51.81 4.35
C HIS L 188 47.95 52.57 5.58
N VAL L 189 47.12 53.58 5.35
CA VAL L 189 46.52 54.36 6.45
C VAL L 189 45.06 54.72 6.16
N ALA L 190 44.25 54.81 7.22
CA ALA L 190 42.89 55.35 7.14
C ALA L 190 42.97 56.81 6.67
N PRO L 191 41.93 57.29 5.97
CA PRO L 191 41.86 58.70 5.58
C PRO L 191 42.03 59.57 6.79
N ASN L 192 43.09 60.37 6.78
CA ASN L 192 43.44 61.23 7.91
C ASN L 192 43.51 60.49 9.24
N PHE L 193 44.29 59.40 9.22
CA PHE L 193 44.39 58.52 10.34
C PHE L 193 44.79 59.27 11.61
N THR L 194 44.27 58.83 12.75
CA THR L 194 44.49 59.61 13.95
C THR L 194 45.90 59.40 14.50
N LYS L 195 46.60 60.52 14.72
CA LYS L 195 47.98 60.48 15.17
C LYS L 195 48.08 60.64 16.68
P PO4 M . 28.61 10.97 7.27
O1 PO4 M . 28.78 9.53 6.69
O2 PO4 M . 29.85 11.47 7.98
O3 PO4 M . 28.02 12.01 6.23
O4 PO4 M . 27.46 10.90 8.29
O1 HEZ N . 6.66 20.36 7.16
C1 HEZ N . 7.27 20.17 5.89
C2 HEZ N . 8.65 19.54 6.11
C3 HEZ N . 9.33 20.53 7.04
C4 HEZ N . 10.79 20.32 7.21
C5 HEZ N . 11.26 21.48 8.12
C6 HEZ N . 12.80 21.58 8.21
O6 HEZ N . 13.32 21.71 6.90
O1 HEZ O . 14.15 -2.41 0.47
C1 HEZ O . 15.30 -2.42 1.20
C2 HEZ O . 15.09 -1.78 2.56
C3 HEZ O . 16.32 -2.10 3.36
C4 HEZ O . 16.40 -1.49 4.76
C5 HEZ O . 17.34 -2.35 5.68
C6 HEZ O . 17.76 -1.79 7.16
O6 HEZ O . 19.06 -2.53 7.48
P PO4 P . 17.17 -0.61 27.78
O1 PO4 P . 17.27 -1.87 26.92
O2 PO4 P . 18.38 -0.38 28.62
O3 PO4 P . 17.06 0.53 26.75
O4 PO4 P . 15.90 -0.61 28.62
P PO4 Q . 12.02 24.45 22.46
O1 PO4 Q . 12.57 23.15 21.90
O2 PO4 Q . 13.01 25.02 23.50
O3 PO4 Q . 11.87 25.47 21.31
O4 PO4 Q . 10.69 24.05 23.11
O1 HEZ R . -10.71 -21.50 -7.41
C1 HEZ R . -10.79 -21.36 -8.83
C2 HEZ R . -9.45 -20.78 -9.25
C3 HEZ R . -9.25 -20.69 -10.74
C4 HEZ R . -8.94 -22.11 -11.22
C5 HEZ R . -8.90 -22.29 -12.72
C6 HEZ R . -8.79 -23.80 -13.04
O6 HEZ R . -8.56 -23.97 -14.46
P PO4 S . 2.13 -18.97 -28.92
O1 PO4 S . 2.30 -19.86 -27.59
O2 PO4 S . 0.76 -18.34 -28.63
O3 PO4 S . 3.20 -17.85 -29.02
O4 PO4 S . 2.04 -19.81 -30.16
P PO4 T . 8.15 -26.21 -14.96
O1 PO4 T . 8.21 -27.70 -15.35
O2 PO4 T . 9.47 -25.58 -15.30
O3 PO4 T . 7.01 -25.35 -15.54
O4 PO4 T . 7.99 -26.20 -13.45
O1 HEZ U . 1.88 -3.36 -23.61
C1 HEZ U . 1.03 -3.85 -22.58
C2 HEZ U . 0.90 -2.82 -21.49
C3 HEZ U . 2.16 -2.51 -20.71
C4 HEZ U . 2.60 -3.63 -19.77
C5 HEZ U . 3.64 -3.07 -18.80
C6 HEZ U . 4.02 -4.05 -17.71
O6 HEZ U . 5.09 -3.44 -16.86
P PO4 V . -16.29 -0.88 -32.78
O1 PO4 V . -15.81 -2.09 -31.92
O2 PO4 V . -15.08 0.05 -32.53
O3 PO4 V . -16.55 -1.27 -34.21
O4 PO4 V . -17.59 -0.31 -32.19
O1 HEZ W . -21.36 -2.87 -17.37
C1 HEZ W . -20.80 -2.66 -16.06
C2 HEZ W . -19.57 -1.79 -16.23
C3 HEZ W . -19.90 -0.36 -16.61
C4 HEZ W . -20.81 0.34 -15.61
C5 HEZ W . -20.11 0.63 -14.28
C6 HEZ W . -21.08 1.40 -13.38
O6 HEZ W . -20.49 1.53 -12.06
P PO4 X . -22.48 -23.52 -21.28
O1 PO4 X . -21.88 -24.61 -20.34
O2 PO4 X . -23.54 -22.64 -20.58
O3 PO4 X . -21.36 -22.53 -21.63
O4 PO4 X . -23.06 -24.17 -22.52
P PO4 Y . -25.03 -63.62 -18.07
O1 PO4 Y . -24.08 -63.49 -19.28
O2 PO4 Y . -24.33 -63.11 -16.82
O3 PO4 Y . -26.20 -62.74 -18.51
O4 PO4 Y . -25.53 -65.05 -17.87
O1 HEZ Z . -14.94 -37.67 -20.29
C1 HEZ Z . -14.49 -38.02 -21.60
C2 HEZ Z . -13.38 -39.09 -21.52
C3 HEZ Z . -13.03 -39.57 -22.92
C4 HEZ Z . -11.98 -40.70 -22.90
C5 HEZ Z . -11.63 -41.11 -24.35
C6 HEZ Z . -12.85 -41.52 -25.20
O6 HEZ Z . -12.48 -41.78 -26.56
P PO4 AA . -15.84 -66.22 -31.77
O1 PO4 AA . -15.87 -67.60 -31.15
O2 PO4 AA . -14.53 -65.53 -31.41
O3 PO4 AA . -15.95 -66.33 -33.29
O4 PO4 AA . -17.13 -65.48 -31.33
P PO4 BA . -49.55 -55.33 -14.25
O1 PO4 BA . -48.28 -55.12 -15.06
O2 PO4 BA . -49.31 -54.87 -12.82
O3 PO4 BA . -50.62 -54.51 -14.96
O4 PO4 BA . -49.82 -56.83 -14.32
P PO4 CA . -55.31 -70.72 -18.23
O1 PO4 CA . -55.21 -71.72 -19.36
O2 PO4 CA . -54.20 -69.74 -18.40
O3 PO4 CA . -56.63 -69.98 -18.30
O4 PO4 CA . -55.26 -71.44 -16.90
P PO4 DA . -32.24 -40.01 -26.57
O1 PO4 DA . -31.01 -40.07 -27.53
O2 PO4 DA . -31.88 -39.21 -25.36
O3 PO4 DA . -33.53 -39.51 -27.26
O4 PO4 DA . -32.60 -41.44 -26.16
P PO4 EA . -44.13 -36.19 -37.91
O1 PO4 EA . -43.16 -36.04 -39.07
O2 PO4 EA . -43.37 -36.15 -36.60
O3 PO4 EA . -45.08 -35.01 -37.90
O4 PO4 EA . -44.84 -37.54 -37.97
P PO4 FA . 19.25 63.29 36.56
O1 PO4 FA . 20.36 62.51 35.88
O2 PO4 FA . 19.81 64.75 36.49
O3 PO4 FA . 17.98 63.14 35.73
O4 PO4 FA . 19.13 62.70 38.01
P PO4 GA . 26.06 78.02 40.71
O1 PO4 GA . 27.53 78.13 40.39
O2 PO4 GA . 25.90 77.39 42.06
O3 PO4 GA . 25.36 79.36 40.71
O4 PO4 GA . 25.42 77.17 39.63
P PO4 HA . 31.93 41.14 31.07
O1 PO4 HA . 33.25 40.59 30.54
O2 PO4 HA . 31.89 42.62 30.84
O3 PO4 HA . 30.79 40.46 30.37
O4 PO4 HA . 31.89 40.94 32.55
P PO4 IA . 35.59 62.17 16.09
O1 PO4 IA . 36.96 61.52 15.93
O2 PO4 IA . 35.64 63.70 16.11
O3 PO4 IA . 34.65 61.74 14.96
O4 PO4 IA . 35.08 61.67 17.40
#